data_8TBT
#
_entry.id   8TBT
#
_cell.length_a   76.354
_cell.length_b   174.038
_cell.length_c   87.336
_cell.angle_alpha   90.000
_cell.angle_beta   94.291
_cell.angle_gamma   90.000
#
_symmetry.space_group_name_H-M   'P 1 21 1'
#
loop_
_entity.id
_entity.type
_entity.pdbx_description
1 polymer 'Pyruvate kinase PKLR'
2 non-polymer 1,6-di-O-phosphono-beta-D-fructofuranose
3 non-polymer 'PYRUVIC ACID'
4 non-polymer 'MANGANESE (II) ION'
5 non-polymer 'POTASSIUM ION'
6 non-polymer "{6-[(3-methoxyphenyl)methyl]-4-methyl-5-oxo-5,6-dihydro-4H-thieno[2',3':4,5]pyrrolo[2,3-d]pyridazin-2-yl}(methyl)sulfaniumolate"
7 water water
#
_entity_poly.entity_id   1
_entity_poly.type   'polypeptide(L)'
_entity_poly.pdbx_seq_one_letter_code
;MGSSHHHHHHSSGLVPRGSELGTAFFQQQQLPAAMADTFLEHLCLLDIDSEPVAARSTSIIATIGPASRSVERLKEMIKA
GMNIARLNFSHGSHEYHAESIANVREAVESFAGSPLSYRPVAIALDTKGPEIRTGILQGGPESEVELVKGSQVLVTVDPA
FRTRGNANTVWVDYPNIVRVVPVGGRIYIDDGLISLVVQKIGPEGLVTQVENGGVLGSRKGVNLPGAQVDLPGLSEQDVR
DLRFGVEHGVDIVFASFVRKASDVAAVRAALGPEGHGIKIISKIENHEGVKRFDEILEVSDGIMVARGDLGIEIPAEKVF
LAQKMMIGRCNLAGKPVVCATQMLESMITKPRPTRAETSDVANAVLDGADCIMLSGETAKGNFPVEAVKMQHAIAREAEA
AVYHRQLFEELRRAAPLSRDPTEVTAIGAVEAAFKCCAAAIIVLTTTGRSAQLLSRYRPRAAVIAVTRSAQAARQVHLCR
GVFPLLYREPPEAIWADDVDRRVQFGIESGKLRGFLRVGDLVIVVTGWRPGSGYTNIMRVLSIS
;
_entity_poly.pdbx_strand_id   A,B,C,D
#
# COMPACT_ATOMS: atom_id res chain seq x y z
N GLN A 27 -10.18 1.94 25.47
CA GLN A 27 -10.16 3.14 24.64
C GLN A 27 -11.52 3.42 24.03
N GLN A 28 -11.56 4.41 23.12
CA GLN A 28 -12.81 4.91 22.55
C GLN A 28 -12.68 5.01 21.03
N GLN A 29 -13.84 5.05 20.37
CA GLN A 29 -13.96 5.31 18.94
C GLN A 29 -13.24 4.30 18.07
N GLN A 30 -12.86 3.13 18.61
CA GLN A 30 -12.12 2.12 17.86
C GLN A 30 -10.82 2.67 17.28
N LEU A 31 -10.17 3.59 17.99
CA LEU A 31 -8.98 4.15 17.35
C LEU A 31 -7.76 3.23 17.37
N PRO A 32 -7.64 2.29 18.32
CA PRO A 32 -6.64 1.22 18.12
C PRO A 32 -6.82 0.50 16.79
N ALA A 33 -8.07 0.24 16.39
CA ALA A 33 -8.34 -0.33 15.08
C ALA A 33 -8.16 0.70 13.97
N ALA A 34 -8.34 1.98 14.28
CA ALA A 34 -8.14 3.01 13.28
C ALA A 34 -6.67 3.15 12.90
N MET A 35 -5.76 2.93 13.85
CA MET A 35 -4.34 3.15 13.64
C MET A 35 -3.61 1.94 13.08
N ALA A 36 -4.28 0.80 12.98
CA ALA A 36 -3.61 -0.42 12.54
C ALA A 36 -3.01 -0.23 11.16
N ASP A 37 -1.91 -0.91 10.92
CA ASP A 37 -1.20 -0.73 9.67
C ASP A 37 -1.71 -1.60 8.54
N THR A 38 -2.52 -2.63 8.84
CA THR A 38 -3.21 -3.37 7.78
C THR A 38 -4.70 -3.47 8.09
N PHE A 39 -5.48 -3.74 7.03
CA PHE A 39 -6.90 -3.90 7.21
C PHE A 39 -7.22 -5.12 8.06
N LEU A 40 -6.52 -6.23 7.79
CA LEU A 40 -6.67 -7.43 8.61
C LEU A 40 -6.38 -7.14 10.07
N GLU A 41 -5.32 -6.40 10.37
CA GLU A 41 -5.02 -6.05 11.75
C GLU A 41 -6.07 -5.10 12.33
N HIS A 42 -6.57 -4.19 11.51
CA HIS A 42 -7.65 -3.31 11.97
C HIS A 42 -8.88 -4.12 12.41
N LEU A 43 -9.21 -5.18 11.67
CA LEU A 43 -10.32 -6.06 12.08
C LEU A 43 -10.04 -6.69 13.43
N CYS A 44 -8.87 -7.32 13.56
CA CYS A 44 -8.46 -8.02 14.78
C CYS A 44 -8.54 -7.13 16.02
N LEU A 45 -8.40 -5.81 15.86
CA LEU A 45 -8.40 -4.90 16.99
C LEU A 45 -9.76 -4.28 17.29
N LEU A 46 -10.81 -4.57 16.52
CA LEU A 46 -12.13 -4.04 16.85
C LEU A 46 -12.57 -4.58 18.22
N ASP A 47 -13.21 -3.72 19.01
CA ASP A 47 -13.44 -4.00 20.42
C ASP A 47 -14.87 -3.63 20.80
N ILE A 48 -15.66 -4.63 21.21
CA ILE A 48 -17.05 -4.33 21.57
C ILE A 48 -17.17 -3.41 22.78
N ASP A 49 -16.15 -3.34 23.63
CA ASP A 49 -16.20 -2.46 24.79
C ASP A 49 -15.79 -1.03 24.47
N SER A 50 -15.40 -0.72 23.24
CA SER A 50 -14.98 0.63 22.88
C SER A 50 -16.22 1.42 22.48
N GLU A 51 -16.59 2.45 23.28
CA GLU A 51 -17.81 3.21 23.03
C GLU A 51 -17.59 4.25 21.93
N PRO A 52 -18.59 4.49 21.09
CA PRO A 52 -18.47 5.56 20.10
C PRO A 52 -18.80 6.89 20.77
N VAL A 53 -17.93 7.87 20.55
CA VAL A 53 -18.16 9.21 21.10
C VAL A 53 -18.41 10.24 20.02
N ALA A 54 -17.93 10.03 18.80
CA ALA A 54 -18.39 10.84 17.67
C ALA A 54 -19.91 10.77 17.55
N ALA A 55 -20.53 11.91 17.23
CA ALA A 55 -21.95 11.95 16.91
C ALA A 55 -22.24 11.15 15.64
N ARG A 56 -23.53 10.85 15.42
CA ARG A 56 -23.87 9.93 14.33
C ARG A 56 -23.86 10.65 13.00
N SER A 57 -23.14 10.11 12.03
CA SER A 57 -22.85 10.79 10.78
C SER A 57 -23.70 10.34 9.60
N THR A 58 -24.12 9.08 9.55
CA THR A 58 -25.03 8.61 8.50
C THR A 58 -26.44 9.11 8.77
N SER A 59 -27.04 9.79 7.79
CA SER A 59 -28.38 10.32 7.99
C SER A 59 -29.42 9.20 7.90
N ILE A 60 -30.50 9.37 8.64
CA ILE A 60 -31.59 8.39 8.67
C ILE A 60 -32.77 8.98 7.93
N ILE A 61 -33.26 8.27 6.92
CA ILE A 61 -34.45 8.65 6.18
C ILE A 61 -35.62 7.77 6.63
N ALA A 62 -36.70 8.38 7.08
CA ALA A 62 -37.89 7.64 7.48
C ALA A 62 -39.08 7.93 6.54
N THR A 63 -39.70 6.86 6.06
CA THR A 63 -40.87 6.94 5.21
C THR A 63 -42.11 7.19 6.05
N ILE A 64 -42.89 8.22 5.68
CA ILE A 64 -44.11 8.59 6.39
C ILE A 64 -45.25 7.66 5.97
N GLY A 65 -46.11 7.30 6.94
CA GLY A 65 -47.29 6.53 6.69
C GLY A 65 -48.20 6.58 7.91
N PRO A 66 -49.24 5.72 7.96
CA PRO A 66 -50.15 5.71 9.13
C PRO A 66 -49.44 5.64 10.48
N ALA A 67 -48.33 4.89 10.58
CA ALA A 67 -47.65 4.73 11.85
C ALA A 67 -46.80 5.94 12.23
N SER A 68 -46.69 6.94 11.35
CA SER A 68 -45.78 8.05 11.58
C SER A 68 -46.34 9.37 11.08
N ARG A 69 -47.67 9.57 11.13
CA ARG A 69 -48.24 10.81 10.64
C ARG A 69 -48.73 11.75 11.73
N SER A 70 -48.79 11.29 12.98
CA SER A 70 -49.15 12.19 14.07
C SER A 70 -47.96 13.08 14.42
N VAL A 71 -48.25 14.33 14.78
CA VAL A 71 -47.20 15.22 15.26
C VAL A 71 -46.45 14.60 16.44
N GLU A 72 -47.19 13.98 17.36
CA GLU A 72 -46.60 13.37 18.55
C GLU A 72 -45.55 12.34 18.19
N ARG A 73 -45.87 11.43 17.24
CA ARG A 73 -44.89 10.43 16.86
C ARG A 73 -43.76 11.03 16.06
N LEU A 74 -44.03 12.06 15.24
CA LEU A 74 -42.97 12.71 14.47
C LEU A 74 -41.97 13.39 15.40
N LYS A 75 -42.44 13.97 16.51
CA LYS A 75 -41.52 14.57 17.47
C LYS A 75 -40.61 13.51 18.09
N GLU A 76 -41.17 12.36 18.42
CA GLU A 76 -40.36 11.27 18.95
C GLU A 76 -39.39 10.74 17.91
N MET A 77 -39.76 10.78 16.61
CA MET A 77 -38.86 10.27 15.58
C MET A 77 -37.75 11.27 15.27
N ILE A 78 -38.02 12.57 15.37
CA ILE A 78 -36.96 13.56 15.25
C ILE A 78 -36.01 13.42 16.42
N LYS A 79 -36.55 13.18 17.62
CA LYS A 79 -35.69 13.03 18.79
C LYS A 79 -34.87 11.76 18.71
N ALA A 80 -35.40 10.70 18.10
CA ALA A 80 -34.63 9.47 18.03
C ALA A 80 -33.57 9.47 16.92
N GLY A 81 -33.59 10.42 15.99
CA GLY A 81 -32.57 10.49 14.95
C GLY A 81 -32.99 10.81 13.52
N MET A 82 -34.30 10.83 13.21
CA MET A 82 -34.73 11.07 11.83
C MET A 82 -34.24 12.40 11.31
N ASN A 83 -33.62 12.38 10.13
CA ASN A 83 -33.11 13.57 9.43
C ASN A 83 -33.88 13.94 8.18
N ILE A 84 -34.44 12.96 7.48
CA ILE A 84 -35.21 13.18 6.25
C ILE A 84 -36.50 12.38 6.34
N ALA A 85 -37.61 13.01 5.95
CA ALA A 85 -38.91 12.32 5.86
C ALA A 85 -39.26 12.07 4.39
N ARG A 86 -39.58 10.82 4.08
CA ARG A 86 -39.85 10.41 2.71
C ARG A 86 -41.36 10.32 2.49
N LEU A 87 -41.87 11.11 1.55
CA LEU A 87 -43.25 10.98 1.10
C LEU A 87 -43.30 10.04 -0.11
N ASN A 88 -43.95 8.90 0.05
CA ASN A 88 -44.05 7.89 -1.00
C ASN A 88 -45.30 8.21 -1.83
N PHE A 89 -45.08 8.74 -3.03
CA PHE A 89 -46.19 9.08 -3.91
C PHE A 89 -46.70 7.92 -4.72
N SER A 90 -46.24 6.71 -4.43
CA SER A 90 -46.90 5.52 -4.97
C SER A 90 -48.30 5.35 -4.38
N HIS A 91 -48.57 5.90 -3.20
CA HIS A 91 -49.86 5.76 -2.56
C HIS A 91 -50.28 7.10 -1.98
N GLY A 92 -51.58 7.37 -1.99
CA GLY A 92 -52.15 8.52 -1.30
C GLY A 92 -52.30 9.74 -2.19
N SER A 93 -53.33 10.52 -1.91
CA SER A 93 -53.72 11.72 -2.64
C SER A 93 -52.83 12.90 -2.28
N HIS A 94 -52.94 13.98 -3.07
CA HIS A 94 -52.14 15.18 -2.82
C HIS A 94 -52.46 15.78 -1.46
N GLU A 95 -53.73 15.78 -1.09
CA GLU A 95 -54.09 16.37 0.20
C GLU A 95 -53.59 15.50 1.35
N TYR A 96 -53.58 14.19 1.15
CA TYR A 96 -52.93 13.29 2.09
C TYR A 96 -51.47 13.66 2.28
N HIS A 97 -50.77 13.99 1.20
CA HIS A 97 -49.35 14.30 1.33
C HIS A 97 -49.14 15.72 1.87
N ALA A 98 -50.06 16.64 1.56
CA ALA A 98 -50.01 17.96 2.20
C ALA A 98 -50.17 17.83 3.71
N GLU A 99 -51.02 16.91 4.17
CA GLU A 99 -51.20 16.72 5.60
C GLU A 99 -49.91 16.22 6.24
N SER A 100 -49.26 15.23 5.60
CA SER A 100 -47.97 14.73 6.10
C SER A 100 -46.92 15.84 6.18
N ILE A 101 -46.77 16.61 5.09
CA ILE A 101 -45.83 17.72 5.07
C ILE A 101 -46.11 18.68 6.22
N ALA A 102 -47.40 18.97 6.46
CA ALA A 102 -47.77 19.95 7.48
C ALA A 102 -47.50 19.43 8.88
N ASN A 103 -47.77 18.15 9.11
CA ASN A 103 -47.44 17.56 10.40
C ASN A 103 -45.94 17.45 10.61
N VAL A 104 -45.19 17.15 9.54
CA VAL A 104 -43.75 17.07 9.69
C VAL A 104 -43.19 18.45 10.08
N ARG A 105 -43.63 19.50 9.37
CA ARG A 105 -43.14 20.83 9.69
C ARG A 105 -43.57 21.28 11.08
N GLU A 106 -44.78 20.92 11.50
CA GLU A 106 -45.21 21.30 12.84
C GLU A 106 -44.31 20.68 13.90
N ALA A 107 -43.98 19.39 13.74
CA ALA A 107 -43.07 18.73 14.68
C ALA A 107 -41.66 19.31 14.64
N VAL A 108 -41.14 19.66 13.45
CA VAL A 108 -39.76 20.17 13.34
C VAL A 108 -39.66 21.56 13.99
N GLU A 109 -40.61 22.45 13.69
CA GLU A 109 -40.64 23.77 14.29
C GLU A 109 -41.12 23.75 15.74
N SER A 110 -41.67 22.64 16.21
CA SER A 110 -41.82 22.47 17.66
C SER A 110 -40.51 22.62 18.42
N PHE A 111 -39.37 22.48 17.75
CA PHE A 111 -38.07 22.58 18.39
C PHE A 111 -37.33 23.87 18.06
N ALA A 112 -37.84 24.68 17.13
CA ALA A 112 -37.37 26.04 16.98
C ALA A 112 -37.73 26.85 18.23
N GLY A 113 -37.04 27.96 18.43
CA GLY A 113 -37.10 28.63 19.70
C GLY A 113 -36.02 28.20 20.66
N SER A 114 -35.35 27.07 20.39
CA SER A 114 -34.06 26.70 20.99
C SER A 114 -33.07 26.60 19.83
N PRO A 115 -32.62 27.74 19.29
CA PRO A 115 -31.82 27.70 18.04
C PRO A 115 -30.57 26.85 18.12
N LEU A 116 -29.94 26.74 19.29
CA LEU A 116 -28.67 26.01 19.37
C LEU A 116 -28.84 24.51 19.29
N SER A 117 -30.07 23.99 19.47
CA SER A 117 -30.36 22.57 19.38
C SER A 117 -31.33 22.22 18.27
N TYR A 118 -31.90 23.20 17.57
CA TYR A 118 -32.85 22.94 16.51
C TYR A 118 -32.26 22.06 15.41
N ARG A 119 -32.91 20.91 15.16
CA ARG A 119 -32.45 19.98 14.13
C ARG A 119 -33.32 20.13 12.89
N PRO A 120 -32.81 20.71 11.80
CA PRO A 120 -33.55 20.70 10.53
C PRO A 120 -33.96 19.28 10.11
N VAL A 121 -35.06 19.19 9.37
CA VAL A 121 -35.49 17.93 8.79
C VAL A 121 -35.86 18.16 7.33
N ALA A 122 -35.22 17.44 6.43
CA ALA A 122 -35.60 17.57 5.03
C ALA A 122 -36.83 16.72 4.71
N ILE A 123 -37.56 17.17 3.68
CA ILE A 123 -38.74 16.47 3.18
C ILE A 123 -38.44 16.01 1.75
N ALA A 124 -38.57 14.71 1.51
CA ALA A 124 -38.23 14.14 0.21
C ALA A 124 -39.46 13.49 -0.42
N LEU A 125 -39.62 13.74 -1.72
CA LEU A 125 -40.75 13.25 -2.50
C LEU A 125 -40.28 12.09 -3.37
N ASP A 126 -40.83 10.90 -3.10
CA ASP A 126 -40.50 9.67 -3.81
C ASP A 126 -41.58 9.44 -4.85
N THR A 127 -41.25 9.63 -6.14
CA THR A 127 -42.22 9.57 -7.22
C THR A 127 -42.76 8.16 -7.39
N LYS A 128 -43.92 8.07 -8.05
CA LYS A 128 -44.49 6.78 -8.38
C LYS A 128 -43.68 6.09 -9.46
N GLY A 129 -43.39 6.79 -10.55
CA GLY A 129 -42.66 6.22 -11.65
C GLY A 129 -43.49 5.26 -12.48
N PRO A 130 -42.85 4.65 -13.50
CA PRO A 130 -43.54 3.68 -14.35
C PRO A 130 -43.87 2.39 -13.64
N GLU A 131 -44.88 2.40 -12.80
CA GLU A 131 -45.27 1.18 -12.11
C GLU A 131 -46.26 0.37 -12.94
N ILE A 132 -46.36 -0.91 -12.58
CA ILE A 132 -47.33 -1.84 -13.18
C ILE A 132 -48.10 -2.46 -12.02
N ARG A 133 -49.41 -2.25 -12.01
CA ARG A 133 -50.26 -2.74 -10.94
C ARG A 133 -51.27 -3.76 -11.47
N THR A 134 -51.65 -4.70 -10.61
CA THR A 134 -52.76 -5.56 -10.91
C THR A 134 -54.07 -4.79 -10.77
N GLY A 135 -55.19 -5.48 -10.98
CA GLY A 135 -56.49 -4.84 -10.98
C GLY A 135 -57.15 -4.85 -9.61
N ILE A 136 -58.38 -4.31 -9.58
CA ILE A 136 -59.26 -4.44 -8.43
C ILE A 136 -59.85 -5.85 -8.43
N LEU A 137 -59.97 -6.45 -7.24
CA LEU A 137 -60.50 -7.82 -7.15
C LEU A 137 -62.03 -7.85 -7.06
N GLU A 142 -61.58 -4.75 -0.25
CA GLU A 142 -60.70 -5.28 0.78
C GLU A 142 -60.58 -6.81 0.64
N SER A 143 -61.03 -7.30 -0.51
CA SER A 143 -61.07 -8.74 -0.79
C SER A 143 -59.66 -9.29 -1.01
N GLU A 144 -59.53 -10.59 -0.77
CA GLU A 144 -58.29 -11.31 -1.01
C GLU A 144 -58.59 -12.60 -1.76
N VAL A 145 -57.69 -13.00 -2.65
CA VAL A 145 -57.82 -14.25 -3.38
C VAL A 145 -56.54 -15.04 -3.21
N GLU A 146 -56.66 -16.36 -3.07
CA GLU A 146 -55.50 -17.23 -2.96
C GLU A 146 -55.13 -17.80 -4.33
N LEU A 147 -53.88 -17.61 -4.72
CA LEU A 147 -53.30 -18.31 -5.87
C LEU A 147 -52.58 -19.53 -5.32
N VAL A 148 -52.97 -20.70 -5.76
CA VAL A 148 -52.42 -21.92 -5.21
C VAL A 148 -51.29 -22.41 -6.09
N LYS A 149 -50.28 -23.01 -5.45
CA LYS A 149 -49.12 -23.55 -6.14
C LYS A 149 -49.54 -24.35 -7.36
N GLY A 150 -48.91 -24.07 -8.49
CA GLY A 150 -49.18 -24.83 -9.69
C GLY A 150 -50.60 -24.77 -10.22
N SER A 151 -51.38 -23.76 -9.85
CA SER A 151 -52.65 -23.48 -10.52
C SER A 151 -52.40 -22.68 -11.79
N GLN A 152 -53.30 -22.82 -12.77
CA GLN A 152 -53.13 -22.10 -14.02
C GLN A 152 -53.91 -20.80 -14.01
N VAL A 153 -53.20 -19.69 -14.28
CA VAL A 153 -53.71 -18.33 -14.13
C VAL A 153 -53.57 -17.62 -15.47
N LEU A 154 -54.48 -16.72 -15.78
CA LEU A 154 -54.41 -15.96 -17.03
C LEU A 154 -54.12 -14.50 -16.75
N VAL A 155 -53.15 -13.93 -17.46
CA VAL A 155 -52.86 -12.52 -17.37
C VAL A 155 -53.52 -11.85 -18.55
N THR A 156 -54.50 -10.97 -18.29
CA THR A 156 -55.23 -10.31 -19.35
C THR A 156 -55.12 -8.80 -19.22
N VAL A 157 -55.07 -8.13 -20.37
CA VAL A 157 -55.08 -6.67 -20.43
C VAL A 157 -56.46 -6.12 -20.78
N ASP A 158 -57.42 -6.99 -21.16
CA ASP A 158 -58.75 -6.67 -21.66
C ASP A 158 -59.47 -5.79 -20.64
N PRO A 159 -59.76 -4.53 -20.98
CA PRO A 159 -60.29 -3.60 -19.96
C PRO A 159 -61.61 -4.02 -19.39
N ALA A 160 -62.35 -4.91 -20.07
CA ALA A 160 -63.55 -5.48 -19.48
C ALA A 160 -63.23 -6.23 -18.18
N PHE A 161 -62.08 -6.90 -18.12
CA PHE A 161 -61.67 -7.67 -16.97
C PHE A 161 -60.93 -6.84 -15.92
N ARG A 162 -60.96 -5.50 -16.04
CA ARG A 162 -60.27 -4.64 -15.08
C ARG A 162 -60.71 -4.86 -13.65
N THR A 163 -61.93 -5.38 -13.46
CA THR A 163 -62.48 -5.57 -12.12
C THR A 163 -62.86 -7.03 -11.86
N ARG A 164 -62.40 -7.96 -12.69
CA ARG A 164 -62.87 -9.34 -12.66
C ARG A 164 -61.73 -10.30 -12.38
N GLY A 165 -60.84 -9.92 -11.46
CA GLY A 165 -59.73 -10.79 -11.10
C GLY A 165 -60.12 -11.82 -10.05
N ASN A 166 -59.56 -13.03 -10.18
CA ASN A 166 -59.83 -14.14 -9.28
C ASN A 166 -58.63 -15.08 -9.29
N ALA A 167 -58.81 -16.27 -8.72
CA ALA A 167 -57.71 -17.20 -8.51
C ALA A 167 -57.05 -17.69 -9.79
N ASN A 168 -57.60 -17.38 -10.97
CA ASN A 168 -56.96 -17.83 -12.20
C ASN A 168 -56.94 -16.77 -13.30
N THR A 169 -57.31 -15.52 -13.00
CA THR A 169 -57.11 -14.46 -13.97
C THR A 169 -56.62 -13.21 -13.24
N VAL A 170 -55.57 -12.61 -13.77
CA VAL A 170 -55.02 -11.37 -13.25
C VAL A 170 -55.07 -10.33 -14.35
N TRP A 171 -55.48 -9.12 -14.02
CA TRP A 171 -55.48 -8.00 -14.95
C TRP A 171 -54.38 -7.03 -14.57
N VAL A 172 -53.68 -6.49 -15.59
CA VAL A 172 -52.56 -5.57 -15.39
C VAL A 172 -52.78 -4.31 -16.23
N ASP A 173 -52.41 -3.16 -15.65
CA ASP A 173 -52.56 -1.86 -16.31
C ASP A 173 -51.49 -1.59 -17.35
N TYR A 174 -50.84 -2.60 -17.90
CA TYR A 174 -49.79 -2.40 -18.90
C TYR A 174 -50.15 -3.25 -20.12
N PRO A 175 -50.75 -2.65 -21.15
CA PRO A 175 -51.28 -3.47 -22.25
C PRO A 175 -50.24 -4.32 -22.96
N ASN A 176 -49.04 -3.78 -23.22
CA ASN A 176 -48.06 -4.52 -24.02
C ASN A 176 -47.47 -5.75 -23.30
N ILE A 177 -47.88 -6.09 -22.08
CA ILE A 177 -47.32 -7.25 -21.40
C ILE A 177 -47.55 -8.54 -22.18
N VAL A 178 -48.54 -8.54 -23.08
CA VAL A 178 -48.82 -9.73 -23.88
C VAL A 178 -47.68 -10.00 -24.86
N ARG A 179 -47.05 -8.94 -25.39
CA ARG A 179 -46.09 -9.07 -26.46
C ARG A 179 -44.63 -8.95 -26.03
N VAL A 180 -44.36 -8.71 -24.75
CA VAL A 180 -42.98 -8.56 -24.29
C VAL A 180 -42.52 -9.72 -23.41
N VAL A 181 -43.43 -10.52 -22.87
CA VAL A 181 -43.07 -11.67 -22.05
C VAL A 181 -43.12 -12.91 -22.94
N PRO A 182 -41.98 -13.55 -23.25
CA PRO A 182 -42.02 -14.73 -24.10
C PRO A 182 -42.56 -15.95 -23.36
N VAL A 183 -42.68 -17.07 -24.09
CA VAL A 183 -43.09 -18.32 -23.45
C VAL A 183 -41.99 -18.75 -22.48
N GLY A 184 -42.40 -19.07 -21.25
CA GLY A 184 -41.46 -19.40 -20.20
C GLY A 184 -40.93 -18.22 -19.40
N GLY A 185 -41.15 -16.99 -19.85
CA GLY A 185 -40.78 -15.82 -19.08
C GLY A 185 -41.46 -15.78 -17.72
N ARG A 186 -41.02 -14.85 -16.89
CA ARG A 186 -41.51 -14.75 -15.53
C ARG A 186 -42.20 -13.42 -15.29
N ILE A 187 -43.28 -13.46 -14.51
CA ILE A 187 -44.02 -12.28 -14.11
C ILE A 187 -44.16 -12.35 -12.59
N TYR A 188 -43.64 -11.34 -11.91
CA TYR A 188 -43.64 -11.31 -10.46
C TYR A 188 -44.72 -10.37 -10.00
N ILE A 189 -45.50 -10.83 -9.05
CA ILE A 189 -46.52 -10.02 -8.41
C ILE A 189 -46.22 -10.03 -6.93
N ASP A 190 -46.61 -8.96 -6.23
CA ASP A 190 -46.55 -8.94 -4.77
C ASP A 190 -45.08 -8.92 -4.35
N ASP A 191 -44.39 -7.85 -4.77
CA ASP A 191 -42.98 -7.63 -4.45
C ASP A 191 -42.16 -8.89 -4.61
N GLY A 192 -42.41 -9.62 -5.68
CA GLY A 192 -41.69 -10.83 -5.96
C GLY A 192 -42.17 -12.06 -5.21
N LEU A 193 -43.16 -11.91 -4.32
CA LEU A 193 -43.65 -13.07 -3.59
C LEU A 193 -44.23 -14.11 -4.54
N ILE A 194 -45.22 -13.71 -5.34
CA ILE A 194 -45.84 -14.60 -6.30
C ILE A 194 -45.09 -14.53 -7.62
N SER A 195 -44.94 -15.67 -8.29
CA SER A 195 -44.29 -15.75 -9.58
C SER A 195 -45.20 -16.49 -10.55
N LEU A 196 -45.09 -16.14 -11.82
CA LEU A 196 -45.90 -16.75 -12.88
C LEU A 196 -44.98 -17.03 -14.07
N VAL A 197 -44.90 -18.30 -14.44
CA VAL A 197 -44.19 -18.70 -15.65
C VAL A 197 -45.21 -18.80 -16.77
N VAL A 198 -44.91 -18.16 -17.90
CA VAL A 198 -45.86 -18.13 -19.01
C VAL A 198 -45.90 -19.50 -19.68
N GLN A 199 -47.04 -20.16 -19.56
CA GLN A 199 -47.28 -21.45 -20.21
C GLN A 199 -47.43 -21.29 -21.72
N LYS A 200 -48.14 -20.25 -22.15
CA LYS A 200 -48.67 -20.10 -23.50
C LYS A 200 -49.12 -18.64 -23.66
N ILE A 201 -49.04 -18.15 -24.90
CA ILE A 201 -49.55 -16.82 -25.24
C ILE A 201 -50.65 -16.97 -26.29
N GLY A 202 -51.79 -16.33 -26.05
CA GLY A 202 -52.92 -16.41 -26.96
C GLY A 202 -53.73 -15.13 -27.05
N PRO A 203 -54.96 -15.25 -27.53
CA PRO A 203 -55.78 -14.06 -27.80
C PRO A 203 -56.37 -13.43 -26.55
N GLU A 204 -56.80 -14.27 -25.60
CA GLU A 204 -57.40 -13.76 -24.36
C GLU A 204 -56.35 -13.20 -23.41
N GLY A 205 -55.09 -13.57 -23.58
CA GLY A 205 -54.01 -13.05 -22.79
C GLY A 205 -52.95 -14.11 -22.56
N LEU A 206 -52.12 -13.87 -21.54
CA LEU A 206 -51.03 -14.76 -21.20
C LEU A 206 -51.56 -15.86 -20.28
N VAL A 207 -51.42 -17.10 -20.72
CA VAL A 207 -51.76 -18.26 -19.91
C VAL A 207 -50.52 -18.65 -19.11
N THR A 208 -50.66 -18.73 -17.79
CA THR A 208 -49.50 -18.91 -16.91
C THR A 208 -49.82 -19.89 -15.79
N GLN A 209 -48.77 -20.33 -15.08
CA GLN A 209 -48.96 -21.13 -13.87
C GLN A 209 -48.18 -20.54 -12.70
N VAL A 210 -48.85 -20.53 -11.53
CA VAL A 210 -48.21 -20.12 -10.29
C VAL A 210 -46.92 -20.90 -10.08
N GLU A 211 -45.84 -20.19 -9.77
CA GLU A 211 -44.62 -20.83 -9.27
C GLU A 211 -44.65 -20.86 -7.75
N ASN A 212 -44.71 -19.69 -7.12
CA ASN A 212 -44.96 -19.58 -5.68
C ASN A 212 -46.27 -18.84 -5.49
N GLY A 213 -47.18 -19.43 -4.73
CA GLY A 213 -48.45 -18.81 -4.47
C GLY A 213 -48.44 -17.94 -3.23
N GLY A 214 -49.46 -17.11 -3.12
CA GLY A 214 -49.60 -16.27 -1.94
C GLY A 214 -50.90 -15.52 -2.03
N VAL A 215 -51.23 -14.85 -0.93
CA VAL A 215 -52.49 -14.10 -0.89
C VAL A 215 -52.30 -12.83 -1.72
N LEU A 216 -53.11 -12.68 -2.76
CA LEU A 216 -53.00 -11.60 -3.71
C LEU A 216 -54.05 -10.55 -3.40
N GLY A 217 -53.60 -9.35 -3.00
CA GLY A 217 -54.51 -8.24 -2.82
C GLY A 217 -54.77 -7.50 -4.13
N SER A 218 -55.65 -6.51 -4.05
CA SER A 218 -55.92 -5.69 -5.22
C SER A 218 -54.75 -4.74 -5.48
N ARG A 219 -54.57 -4.38 -6.76
CA ARG A 219 -53.65 -3.32 -7.18
C ARG A 219 -52.21 -3.56 -6.70
N LYS A 220 -51.73 -4.79 -6.80
CA LYS A 220 -50.38 -5.10 -6.34
C LYS A 220 -49.36 -4.90 -7.45
N GLY A 221 -48.11 -4.70 -7.03
CA GLY A 221 -47.04 -4.39 -7.97
C GLY A 221 -46.55 -5.60 -8.74
N VAL A 222 -46.15 -5.35 -9.98
CA VAL A 222 -45.75 -6.39 -10.92
C VAL A 222 -44.39 -6.03 -11.49
N ASN A 223 -43.53 -7.04 -11.64
CA ASN A 223 -42.22 -6.84 -12.24
C ASN A 223 -42.03 -7.77 -13.41
N LEU A 224 -41.35 -7.26 -14.43
CA LEU A 224 -41.02 -8.01 -15.64
C LEU A 224 -39.51 -8.07 -15.79
N PRO A 225 -38.86 -9.02 -15.11
CA PRO A 225 -37.41 -9.19 -15.28
C PRO A 225 -37.08 -9.60 -16.71
N GLY A 226 -36.04 -8.96 -17.25
CA GLY A 226 -35.61 -9.29 -18.61
C GLY A 226 -36.69 -9.07 -19.63
N ALA A 227 -37.44 -7.97 -19.51
CA ALA A 227 -38.48 -7.64 -20.46
C ALA A 227 -38.32 -6.20 -20.91
N GLN A 228 -38.97 -5.88 -22.01
CA GLN A 228 -38.91 -4.55 -22.62
C GLN A 228 -40.18 -3.81 -22.23
N VAL A 229 -40.05 -2.90 -21.27
CA VAL A 229 -41.15 -2.03 -20.85
C VAL A 229 -40.86 -0.66 -21.43
N ASP A 230 -41.77 -0.15 -22.26
CA ASP A 230 -41.59 1.14 -22.90
C ASP A 230 -42.37 2.25 -22.21
N LEU A 231 -42.77 2.05 -20.95
CA LEU A 231 -43.45 3.09 -20.22
C LEU A 231 -42.55 4.33 -20.13
N PRO A 232 -43.12 5.53 -20.21
CA PRO A 232 -42.29 6.73 -20.12
C PRO A 232 -41.71 6.90 -18.73
N GLY A 233 -40.53 7.50 -18.67
CA GLY A 233 -39.93 7.79 -17.38
C GLY A 233 -40.81 8.68 -16.52
N LEU A 234 -41.56 9.57 -17.16
CA LEU A 234 -42.35 10.59 -16.46
C LEU A 234 -43.78 10.58 -16.99
N SER A 235 -44.68 9.98 -16.21
CA SER A 235 -46.11 9.99 -16.51
C SER A 235 -46.70 11.35 -16.18
N GLU A 236 -47.98 11.53 -16.55
CA GLU A 236 -48.62 12.82 -16.32
C GLU A 236 -48.85 13.07 -14.84
N GLN A 237 -49.21 12.02 -14.09
CA GLN A 237 -49.41 12.19 -12.66
C GLN A 237 -48.08 12.48 -11.95
N ASP A 238 -46.98 11.92 -12.47
CA ASP A 238 -45.66 12.22 -11.92
C ASP A 238 -45.35 13.70 -12.08
N VAL A 239 -45.58 14.24 -13.28
CA VAL A 239 -45.46 15.67 -13.52
C VAL A 239 -46.36 16.44 -12.55
N ARG A 240 -47.60 15.98 -12.37
CA ARG A 240 -48.49 16.62 -11.41
C ARG A 240 -47.91 16.56 -10.00
N ASP A 241 -47.34 15.40 -9.63
CA ASP A 241 -46.76 15.22 -8.29
C ASP A 241 -45.53 16.09 -8.10
N LEU A 242 -44.67 16.17 -9.12
CA LEU A 242 -43.48 17.01 -9.01
C LEU A 242 -43.87 18.48 -8.82
N ARG A 243 -44.91 18.95 -9.52
CA ARG A 243 -45.31 20.34 -9.36
C ARG A 243 -45.96 20.57 -8.01
N PHE A 244 -46.65 19.56 -7.48
CA PHE A 244 -47.11 19.63 -6.10
C PHE A 244 -45.94 19.80 -5.13
N GLY A 245 -44.85 19.07 -5.34
CA GLY A 245 -43.70 19.20 -4.44
C GLY A 245 -43.02 20.55 -4.52
N VAL A 246 -42.96 21.13 -5.73
CA VAL A 246 -42.39 22.47 -5.87
C VAL A 246 -43.24 23.48 -5.12
N GLU A 247 -44.56 23.42 -5.29
CA GLU A 247 -45.42 24.40 -4.63
C GLU A 247 -45.51 24.19 -3.12
N HIS A 248 -45.18 23.01 -2.62
CA HIS A 248 -45.14 22.78 -1.19
C HIS A 248 -43.72 22.84 -0.63
N GLY A 249 -42.73 23.10 -1.49
CA GLY A 249 -41.36 23.36 -1.07
C GLY A 249 -40.56 22.16 -0.59
N VAL A 250 -40.72 21.00 -1.23
CA VAL A 250 -39.91 19.85 -0.82
C VAL A 250 -38.44 20.14 -1.13
N ASP A 251 -37.55 19.46 -0.40
CA ASP A 251 -36.13 19.66 -0.59
C ASP A 251 -35.49 18.67 -1.56
N ILE A 252 -36.06 17.47 -1.68
CA ILE A 252 -35.43 16.37 -2.38
C ILE A 252 -36.47 15.61 -3.19
N VAL A 253 -36.07 15.13 -4.35
CA VAL A 253 -36.89 14.23 -5.15
C VAL A 253 -36.11 12.94 -5.31
N PHE A 254 -36.71 11.85 -4.86
CA PHE A 254 -36.24 10.49 -5.14
C PHE A 254 -36.96 9.99 -6.39
N ALA A 255 -36.27 9.93 -7.52
CA ALA A 255 -36.92 9.63 -8.79
C ALA A 255 -36.91 8.12 -9.06
N SER A 256 -38.11 7.54 -9.19
CA SER A 256 -38.26 6.09 -9.32
C SER A 256 -37.80 5.62 -10.71
N PHE A 257 -37.17 4.45 -10.75
CA PHE A 257 -36.90 3.72 -11.99
C PHE A 257 -36.15 4.57 -13.02
N VAL A 258 -35.08 5.22 -12.61
CA VAL A 258 -34.28 5.99 -13.57
C VAL A 258 -33.49 5.01 -14.43
N ARG A 259 -33.64 5.11 -15.75
CA ARG A 259 -32.99 4.20 -16.68
C ARG A 259 -31.81 4.81 -17.44
N LYS A 260 -31.75 6.15 -17.54
CA LYS A 260 -30.83 6.84 -18.43
C LYS A 260 -30.78 8.30 -17.97
N ALA A 261 -29.76 9.02 -18.44
CA ALA A 261 -29.68 10.46 -18.13
C ALA A 261 -30.94 11.19 -18.58
N SER A 262 -31.49 10.80 -19.73
CA SER A 262 -32.71 11.43 -20.25
C SER A 262 -33.80 11.53 -19.18
N ASP A 263 -33.96 10.47 -18.38
CA ASP A 263 -34.96 10.46 -17.31
C ASP A 263 -34.73 11.57 -16.29
N VAL A 264 -33.46 11.88 -15.96
CA VAL A 264 -33.19 12.90 -14.96
C VAL A 264 -33.53 14.28 -15.50
N ALA A 265 -33.19 14.53 -16.76
CA ALA A 265 -33.52 15.80 -17.39
C ALA A 265 -35.02 16.02 -17.40
N ALA A 266 -35.80 14.96 -17.60
CA ALA A 266 -37.24 15.11 -17.60
C ALA A 266 -37.76 15.51 -16.22
N VAL A 267 -37.16 14.94 -15.16
CA VAL A 267 -37.56 15.30 -13.79
C VAL A 267 -37.21 16.77 -13.52
N ARG A 268 -35.98 17.16 -13.85
CA ARG A 268 -35.57 18.55 -13.67
C ARG A 268 -36.43 19.49 -14.49
N ALA A 269 -36.79 19.10 -15.71
CA ALA A 269 -37.69 19.92 -16.52
C ALA A 269 -39.06 20.04 -15.87
N ALA A 270 -39.61 18.92 -15.39
CA ALA A 270 -40.91 18.98 -14.76
C ALA A 270 -40.89 19.74 -13.43
N LEU A 271 -39.72 19.86 -12.80
CA LEU A 271 -39.63 20.64 -11.56
C LEU A 271 -39.73 22.14 -11.80
N GLY A 272 -39.49 22.60 -13.03
CA GLY A 272 -39.75 23.97 -13.39
C GLY A 272 -38.68 24.95 -12.93
N PRO A 273 -38.91 26.23 -13.21
CA PRO A 273 -37.92 27.24 -12.81
C PRO A 273 -37.90 27.47 -11.31
N GLU A 274 -39.04 27.30 -10.62
CA GLU A 274 -39.04 27.42 -9.17
C GLU A 274 -38.42 26.22 -8.48
N GLY A 275 -38.16 25.14 -9.20
CA GLY A 275 -37.59 23.96 -8.61
C GLY A 275 -36.12 23.82 -8.93
N HIS A 276 -35.47 24.97 -9.16
CA HIS A 276 -34.05 24.99 -9.48
C HIS A 276 -33.23 24.30 -8.40
N GLY A 277 -33.45 24.71 -7.14
CA GLY A 277 -32.63 24.29 -6.03
C GLY A 277 -32.98 22.96 -5.40
N ILE A 278 -33.81 22.14 -6.03
CA ILE A 278 -34.23 20.86 -5.45
C ILE A 278 -33.24 19.78 -5.88
N LYS A 279 -32.75 19.01 -4.90
CA LYS A 279 -31.82 17.93 -5.16
C LYS A 279 -32.54 16.72 -5.75
N ILE A 280 -31.96 16.13 -6.78
CA ILE A 280 -32.56 15.00 -7.46
C ILE A 280 -31.72 13.76 -7.14
N ILE A 281 -32.30 12.83 -6.41
CA ILE A 281 -31.66 11.54 -6.14
C ILE A 281 -32.28 10.51 -7.06
N SER A 282 -31.47 9.93 -7.93
CA SER A 282 -31.97 8.92 -8.87
C SER A 282 -32.03 7.54 -8.21
N LYS A 283 -33.21 6.90 -8.27
CA LYS A 283 -33.34 5.54 -7.75
C LYS A 283 -32.90 4.55 -8.83
N ILE A 284 -31.91 3.71 -8.50
CA ILE A 284 -31.48 2.66 -9.40
C ILE A 284 -32.22 1.39 -9.03
N GLU A 285 -33.10 0.93 -9.93
CA GLU A 285 -34.09 -0.08 -9.61
C GLU A 285 -34.05 -1.30 -10.50
N ASN A 286 -33.29 -1.30 -11.60
CA ASN A 286 -33.35 -2.41 -12.54
C ASN A 286 -32.00 -2.52 -13.24
N HIS A 287 -31.88 -3.55 -14.08
CA HIS A 287 -30.62 -3.86 -14.75
C HIS A 287 -30.07 -2.69 -15.57
N GLU A 288 -30.94 -1.96 -16.28
CA GLU A 288 -30.44 -0.92 -17.18
C GLU A 288 -29.86 0.26 -16.41
N GLY A 289 -30.55 0.72 -15.36
CA GLY A 289 -29.98 1.77 -14.52
C GLY A 289 -28.62 1.41 -13.93
N VAL A 290 -28.40 0.12 -13.64
CA VAL A 290 -27.08 -0.29 -13.16
C VAL A 290 -26.04 -0.15 -14.27
N LYS A 291 -26.36 -0.63 -15.48
CA LYS A 291 -25.33 -0.55 -16.52
C LYS A 291 -25.19 0.84 -17.15
N ARG A 292 -26.18 1.73 -17.01
CA ARG A 292 -26.05 3.12 -17.42
C ARG A 292 -25.76 4.04 -16.23
N PHE A 293 -25.21 3.48 -15.14
CA PHE A 293 -25.06 4.20 -13.87
C PHE A 293 -24.23 5.47 -14.01
N ASP A 294 -23.11 5.41 -14.75
CA ASP A 294 -22.21 6.57 -14.82
C ASP A 294 -22.89 7.78 -15.43
N GLU A 295 -23.58 7.60 -16.56
CA GLU A 295 -24.27 8.73 -17.15
C GLU A 295 -25.42 9.21 -16.26
N ILE A 296 -26.02 8.30 -15.49
CA ILE A 296 -27.05 8.72 -14.57
C ILE A 296 -26.43 9.51 -13.42
N LEU A 297 -25.28 9.05 -12.93
CA LEU A 297 -24.61 9.70 -11.80
C LEU A 297 -24.15 11.12 -12.17
N GLU A 298 -23.69 11.34 -13.41
CA GLU A 298 -23.14 12.64 -13.77
C GLU A 298 -24.19 13.73 -13.77
N VAL A 299 -25.44 13.39 -14.10
CA VAL A 299 -26.51 14.38 -14.16
C VAL A 299 -27.39 14.40 -12.92
N SER A 300 -27.15 13.52 -11.95
CA SER A 300 -27.93 13.49 -10.72
C SER A 300 -27.17 14.11 -9.56
N ASP A 301 -27.92 14.61 -8.57
CA ASP A 301 -27.27 15.05 -7.34
C ASP A 301 -26.83 13.90 -6.46
N GLY A 302 -27.30 12.68 -6.73
CA GLY A 302 -26.98 11.53 -5.89
C GLY A 302 -27.80 10.32 -6.29
N ILE A 303 -27.63 9.24 -5.52
CA ILE A 303 -28.11 7.92 -5.91
C ILE A 303 -28.78 7.24 -4.72
N MET A 304 -29.87 6.52 -5.00
CA MET A 304 -30.43 5.54 -4.06
C MET A 304 -30.36 4.15 -4.68
N VAL A 305 -29.72 3.24 -3.95
CA VAL A 305 -29.76 1.80 -4.25
C VAL A 305 -31.14 1.31 -3.83
N ALA A 306 -32.03 1.11 -4.80
CA ALA A 306 -33.42 0.75 -4.49
C ALA A 306 -33.51 -0.77 -4.50
N ARG A 307 -33.18 -1.38 -3.36
CA ARG A 307 -32.90 -2.81 -3.32
C ARG A 307 -34.16 -3.68 -3.44
N GLY A 308 -35.34 -3.10 -3.21
CA GLY A 308 -36.55 -3.90 -3.30
C GLY A 308 -36.84 -4.30 -4.72
N ASP A 309 -37.14 -3.30 -5.56
CA ASP A 309 -37.30 -3.57 -7.00
C ASP A 309 -36.05 -4.25 -7.57
N LEU A 310 -34.87 -3.74 -7.19
CA LEU A 310 -33.64 -4.22 -7.82
C LEU A 310 -33.46 -5.70 -7.57
N GLY A 311 -33.79 -6.17 -6.36
CA GLY A 311 -33.70 -7.59 -6.04
C GLY A 311 -34.75 -8.46 -6.69
N ILE A 312 -35.73 -7.88 -7.38
CA ILE A 312 -36.64 -8.66 -8.20
C ILE A 312 -36.19 -8.64 -9.65
N GLU A 313 -35.66 -7.51 -10.10
CA GLU A 313 -35.28 -7.34 -11.50
C GLU A 313 -34.01 -8.08 -11.84
N ILE A 314 -33.09 -8.23 -10.88
CA ILE A 314 -31.88 -9.01 -11.10
C ILE A 314 -31.85 -10.13 -10.07
N PRO A 315 -31.06 -11.16 -10.29
CA PRO A 315 -30.95 -12.20 -9.25
C PRO A 315 -30.68 -11.60 -7.87
N ALA A 316 -31.37 -12.13 -6.86
CA ALA A 316 -31.24 -11.62 -5.50
C ALA A 316 -29.83 -11.76 -4.97
N GLU A 317 -29.07 -12.75 -5.47
CA GLU A 317 -27.68 -12.96 -5.06
C GLU A 317 -26.73 -11.91 -5.61
N LYS A 318 -27.17 -11.04 -6.52
CA LYS A 318 -26.31 -10.04 -7.12
C LYS A 318 -26.53 -8.63 -6.58
N VAL A 319 -27.49 -8.44 -5.67
CA VAL A 319 -27.82 -7.08 -5.24
C VAL A 319 -26.67 -6.47 -4.45
N PHE A 320 -26.03 -7.26 -3.57
CA PHE A 320 -24.92 -6.72 -2.79
C PHE A 320 -23.81 -6.19 -3.70
N LEU A 321 -23.59 -6.85 -4.85
CA LEU A 321 -22.58 -6.37 -5.80
C LEU A 321 -22.95 -5.00 -6.32
N ALA A 322 -24.21 -4.82 -6.74
CA ALA A 322 -24.61 -3.53 -7.27
C ALA A 322 -24.57 -2.47 -6.18
N GLN A 323 -24.98 -2.83 -4.96
CA GLN A 323 -24.89 -1.90 -3.85
C GLN A 323 -23.45 -1.42 -3.66
N LYS A 324 -22.51 -2.35 -3.60
CA LYS A 324 -21.14 -1.97 -3.28
C LYS A 324 -20.50 -1.20 -4.43
N MET A 325 -20.75 -1.63 -5.66
CA MET A 325 -20.29 -0.88 -6.83
C MET A 325 -20.78 0.56 -6.80
N MET A 326 -22.09 0.76 -6.52
CA MET A 326 -22.69 2.07 -6.60
C MET A 326 -22.28 2.97 -5.42
N ILE A 327 -22.11 2.38 -4.23
CA ILE A 327 -21.61 3.19 -3.13
C ILE A 327 -20.18 3.64 -3.44
N GLY A 328 -19.37 2.72 -3.98
CA GLY A 328 -17.99 3.09 -4.31
C GLY A 328 -17.91 4.22 -5.32
N ARG A 329 -18.74 4.16 -6.37
CA ARG A 329 -18.62 5.17 -7.43
C ARG A 329 -19.08 6.52 -6.95
N CYS A 330 -20.13 6.54 -6.10
CA CYS A 330 -20.63 7.78 -5.54
C CYS A 330 -19.61 8.37 -4.57
N ASN A 331 -19.02 7.53 -3.72
CA ASN A 331 -17.94 7.99 -2.86
C ASN A 331 -16.83 8.58 -3.69
N LEU A 332 -16.44 7.89 -4.77
CA LEU A 332 -15.42 8.42 -5.67
C LEU A 332 -15.86 9.77 -6.24
N ALA A 333 -17.12 9.88 -6.66
CA ALA A 333 -17.59 11.13 -7.28
C ALA A 333 -17.91 12.20 -6.26
N GLY A 334 -17.84 11.89 -4.96
CA GLY A 334 -18.25 12.85 -3.95
C GLY A 334 -19.74 13.13 -3.92
N LYS A 335 -20.58 12.15 -4.30
CA LYS A 335 -22.00 12.46 -4.31
C LYS A 335 -22.78 11.57 -3.33
N PRO A 336 -23.87 12.06 -2.74
CA PRO A 336 -24.59 11.30 -1.72
C PRO A 336 -25.14 9.99 -2.28
N VAL A 337 -25.13 8.95 -1.43
CA VAL A 337 -25.67 7.66 -1.82
C VAL A 337 -26.52 7.12 -0.66
N VAL A 338 -27.72 6.63 -1.00
CA VAL A 338 -28.71 6.14 -0.04
C VAL A 338 -28.81 4.62 -0.19
N CYS A 339 -28.75 3.90 0.94
CA CYS A 339 -29.09 2.48 0.91
C CYS A 339 -30.48 2.27 1.50
N ALA A 340 -31.29 1.43 0.85
CA ALA A 340 -32.72 1.39 1.16
C ALA A 340 -33.29 -0.02 1.10
N THR A 341 -34.42 -0.16 1.81
CA THR A 341 -35.42 -1.21 1.65
C THR A 341 -35.08 -2.46 2.44
N GLN A 342 -35.91 -2.74 3.45
CA GLN A 342 -35.84 -3.96 4.25
C GLN A 342 -34.58 -4.02 5.12
N MET A 343 -34.04 -2.86 5.52
CA MET A 343 -32.91 -2.86 6.43
C MET A 343 -33.29 -3.46 7.79
N LEU A 344 -34.44 -3.07 8.33
CA LEU A 344 -34.93 -3.57 9.60
C LEU A 344 -36.33 -4.20 9.51
N GLU A 345 -36.55 -4.98 8.43
CA GLU A 345 -37.91 -5.39 8.03
C GLU A 345 -38.67 -6.13 9.13
N SER A 346 -38.01 -7.00 9.88
CA SER A 346 -38.71 -7.73 10.94
C SER A 346 -39.27 -6.81 12.01
N MET A 347 -38.75 -5.58 12.13
CA MET A 347 -39.26 -4.68 13.15
C MET A 347 -40.59 -4.05 12.77
N ILE A 348 -41.16 -4.41 11.61
CA ILE A 348 -42.54 -4.03 11.36
C ILE A 348 -43.46 -4.67 12.40
N THR A 349 -43.20 -5.92 12.78
CA THR A 349 -44.00 -6.58 13.82
C THR A 349 -43.23 -7.00 15.09
N LYS A 350 -41.90 -7.00 15.09
CA LYS A 350 -41.19 -7.45 16.28
C LYS A 350 -40.38 -6.31 16.89
N PRO A 351 -40.25 -6.27 18.23
CA PRO A 351 -39.60 -5.12 18.86
C PRO A 351 -38.10 -5.09 18.64
N ARG A 352 -37.49 -6.20 18.23
CA ARG A 352 -36.05 -6.32 18.08
C ARG A 352 -35.73 -6.92 16.72
N PRO A 353 -34.72 -6.40 16.02
CA PRO A 353 -34.42 -6.86 14.67
C PRO A 353 -33.71 -8.20 14.69
N THR A 354 -33.53 -8.77 13.51
CA THR A 354 -32.75 -10.01 13.45
C THR A 354 -31.26 -9.71 13.34
N ARG A 355 -30.47 -10.76 13.50
CA ARG A 355 -29.02 -10.60 13.36
C ARG A 355 -28.65 -10.14 11.95
N ALA A 356 -29.26 -10.75 10.93
CA ALA A 356 -29.01 -10.32 9.57
C ALA A 356 -29.32 -8.84 9.38
N GLU A 357 -30.37 -8.34 10.03
CA GLU A 357 -30.77 -6.95 9.83
C GLU A 357 -29.76 -5.96 10.45
N THR A 358 -29.37 -6.18 11.71
CA THR A 358 -28.33 -5.33 12.28
C THR A 358 -27.06 -5.39 11.45
N SER A 359 -26.70 -6.60 11.01
CA SER A 359 -25.50 -6.74 10.21
C SER A 359 -25.61 -5.95 8.91
N ASP A 360 -26.82 -5.89 8.35
CA ASP A 360 -27.05 -5.21 7.07
C ASP A 360 -26.87 -3.70 7.21
N VAL A 361 -27.47 -3.11 8.23
CA VAL A 361 -27.30 -1.68 8.49
C VAL A 361 -25.83 -1.35 8.71
N ALA A 362 -25.15 -2.11 9.59
CA ALA A 362 -23.73 -1.88 9.84
C ALA A 362 -22.93 -1.95 8.55
N ASN A 363 -23.25 -2.92 7.70
CA ASN A 363 -22.42 -3.11 6.54
C ASN A 363 -22.70 -2.05 5.47
N ALA A 364 -23.90 -1.47 5.46
CA ALA A 364 -24.16 -0.35 4.54
C ALA A 364 -23.37 0.89 4.96
N VAL A 365 -23.31 1.17 6.26
CA VAL A 365 -22.47 2.27 6.74
C VAL A 365 -21.00 2.01 6.43
N LEU A 366 -20.54 0.76 6.64
CA LEU A 366 -19.14 0.45 6.36
C LEU A 366 -18.84 0.53 4.87
N ASP A 367 -19.81 0.17 4.02
CA ASP A 367 -19.66 0.34 2.58
C ASP A 367 -19.36 1.80 2.21
N GLY A 368 -19.82 2.76 3.02
CA GLY A 368 -19.71 4.17 2.69
C GLY A 368 -21.02 4.89 2.39
N ALA A 369 -22.18 4.28 2.63
CA ALA A 369 -23.46 4.96 2.38
C ALA A 369 -23.58 6.27 3.15
N ASP A 370 -24.11 7.29 2.48
CA ASP A 370 -24.34 8.56 3.15
C ASP A 370 -25.61 8.55 3.99
N CYS A 371 -26.59 7.75 3.57
CA CYS A 371 -27.92 7.68 4.16
C CYS A 371 -28.37 6.23 4.26
N ILE A 372 -29.20 5.95 5.26
CA ILE A 372 -29.90 4.69 5.35
C ILE A 372 -31.37 5.02 5.54
N MET A 373 -32.20 4.09 5.13
CA MET A 373 -33.62 4.34 4.96
C MET A 373 -34.46 3.29 5.69
N LEU A 374 -35.60 3.74 6.15
CA LEU A 374 -36.65 2.92 6.70
C LEU A 374 -37.89 3.11 5.84
N SER A 375 -38.58 2.00 5.52
CA SER A 375 -39.78 2.06 4.71
C SER A 375 -40.96 1.60 5.56
N GLY A 376 -41.41 0.35 5.44
CA GLY A 376 -42.51 -0.09 6.28
C GLY A 376 -42.23 -0.04 7.76
N GLU A 377 -40.95 -0.09 8.15
CA GLU A 377 -40.59 0.02 9.56
C GLU A 377 -41.16 1.30 10.17
N THR A 378 -41.18 2.40 9.41
CA THR A 378 -41.73 3.65 9.93
C THR A 378 -43.01 4.08 9.26
N ALA A 379 -43.29 3.57 8.06
CA ALA A 379 -44.55 3.96 7.42
C ALA A 379 -45.74 3.28 8.09
N LYS A 380 -45.62 1.99 8.41
CA LYS A 380 -46.78 1.22 8.86
C LYS A 380 -46.53 0.27 10.02
N GLY A 381 -45.29 -0.06 10.36
CA GLY A 381 -45.04 -1.08 11.36
C GLY A 381 -45.47 -0.63 12.74
N ASN A 382 -45.28 -1.53 13.71
CA ASN A 382 -45.72 -1.20 15.05
C ASN A 382 -44.63 -0.57 15.91
N PHE A 383 -43.42 -0.40 15.41
CA PHE A 383 -42.29 0.11 16.20
C PHE A 383 -41.53 1.19 15.44
N PRO A 384 -42.21 2.26 15.00
CA PRO A 384 -41.50 3.25 14.16
C PRO A 384 -40.35 3.95 14.88
N VAL A 385 -40.58 4.45 16.10
CA VAL A 385 -39.55 5.13 16.86
C VAL A 385 -38.39 4.20 17.16
N GLU A 386 -38.69 2.96 17.54
CA GLU A 386 -37.61 2.04 17.90
C GLU A 386 -36.76 1.69 16.69
N ALA A 387 -37.38 1.67 15.51
CA ALA A 387 -36.60 1.34 14.33
C ALA A 387 -35.60 2.44 14.04
N VAL A 388 -36.02 3.69 14.21
CA VAL A 388 -35.10 4.80 14.08
C VAL A 388 -33.96 4.66 15.09
N LYS A 389 -34.32 4.42 16.36
CA LYS A 389 -33.34 4.30 17.42
C LYS A 389 -32.31 3.25 17.09
N MET A 390 -32.76 2.11 16.58
CA MET A 390 -31.88 1.00 16.26
C MET A 390 -30.91 1.37 15.15
N GLN A 391 -31.40 2.04 14.09
CA GLN A 391 -30.50 2.51 13.04
C GLN A 391 -29.46 3.48 13.60
N HIS A 392 -29.90 4.41 14.45
CA HIS A 392 -28.97 5.37 15.05
C HIS A 392 -27.89 4.65 15.84
N ALA A 393 -28.27 3.67 16.66
CA ALA A 393 -27.30 2.98 17.49
C ALA A 393 -26.35 2.13 16.64
N ILE A 394 -26.84 1.49 15.58
CA ILE A 394 -25.95 0.69 14.73
C ILE A 394 -24.99 1.60 13.96
N ALA A 395 -25.53 2.66 13.32
CA ALA A 395 -24.69 3.57 12.54
C ALA A 395 -23.54 4.13 13.37
N ARG A 396 -23.82 4.52 14.62
CA ARG A 396 -22.76 5.04 15.48
C ARG A 396 -21.67 4.00 15.71
N GLU A 397 -22.03 2.75 15.98
CA GLU A 397 -20.99 1.75 16.15
C GLU A 397 -20.22 1.52 14.85
N ALA A 398 -20.91 1.53 13.71
CA ALA A 398 -20.26 1.19 12.44
C ALA A 398 -19.32 2.29 11.99
N GLU A 399 -19.71 3.55 12.19
CA GLU A 399 -18.89 4.66 11.72
C GLU A 399 -17.52 4.64 12.35
N ALA A 400 -17.46 4.35 13.66
CA ALA A 400 -16.18 4.19 14.32
C ALA A 400 -15.38 2.99 13.80
N ALA A 401 -16.05 2.00 13.22
CA ALA A 401 -15.32 0.83 12.72
C ALA A 401 -14.83 1.03 11.29
N VAL A 402 -14.98 2.24 10.73
CA VAL A 402 -14.43 2.50 9.42
C VAL A 402 -12.91 2.56 9.50
N TYR A 403 -12.24 1.86 8.59
CA TYR A 403 -10.79 1.88 8.47
C TYR A 403 -10.38 3.18 7.78
N HIS A 404 -10.37 4.27 8.57
CA HIS A 404 -10.17 5.62 8.01
C HIS A 404 -8.81 5.78 7.33
N ARG A 405 -7.77 5.07 7.79
CA ARG A 405 -6.43 5.28 7.25
C ARG A 405 -6.39 4.98 5.76
N GLN A 406 -6.84 3.79 5.36
CA GLN A 406 -6.85 3.47 3.94
C GLN A 406 -7.89 4.27 3.18
N LEU A 407 -9.04 4.53 3.81
CA LEU A 407 -10.11 5.25 3.13
C LEU A 407 -9.67 6.67 2.76
N PHE A 408 -9.06 7.40 3.70
CA PHE A 408 -8.67 8.77 3.37
C PHE A 408 -7.53 8.79 2.36
N GLU A 409 -6.53 7.93 2.54
CA GLU A 409 -5.47 7.77 1.57
C GLU A 409 -6.01 7.52 0.16
N GLU A 410 -6.90 6.52 0.02
CA GLU A 410 -7.39 6.20 -1.32
C GLU A 410 -8.25 7.33 -1.88
N LEU A 411 -9.03 8.00 -1.03
CA LEU A 411 -9.84 9.12 -1.54
C LEU A 411 -8.95 10.28 -1.97
N ARG A 412 -7.88 10.56 -1.22
CA ARG A 412 -6.92 11.57 -1.66
C ARG A 412 -6.41 11.29 -3.08
N ARG A 413 -5.69 10.19 -3.26
CA ARG A 413 -5.04 9.93 -4.54
C ARG A 413 -6.04 9.71 -5.67
N ALA A 414 -7.22 9.15 -5.36
CA ALA A 414 -8.21 8.95 -6.41
C ALA A 414 -8.84 10.27 -6.87
N ALA A 415 -8.95 11.25 -6.00
CA ALA A 415 -9.57 12.51 -6.39
C ALA A 415 -8.63 13.27 -7.33
N PRO A 416 -9.16 13.89 -8.38
CA PRO A 416 -8.29 14.57 -9.35
C PRO A 416 -7.74 15.88 -8.81
N LEU A 417 -6.68 16.34 -9.46
CA LEU A 417 -6.17 17.66 -9.17
C LEU A 417 -7.23 18.71 -9.48
N SER A 418 -7.21 19.80 -8.71
CA SER A 418 -8.25 20.81 -8.73
C SER A 418 -7.64 22.20 -8.58
N ARG A 419 -8.26 23.17 -9.23
CA ARG A 419 -7.91 24.58 -9.09
C ARG A 419 -9.01 25.38 -8.41
N ASP A 420 -10.14 24.75 -8.09
CA ASP A 420 -11.16 25.41 -7.29
C ASP A 420 -10.64 25.58 -5.87
N PRO A 421 -10.64 26.80 -5.33
CA PRO A 421 -10.08 26.98 -3.98
C PRO A 421 -10.96 26.39 -2.87
N THR A 422 -12.25 26.16 -3.13
CA THR A 422 -13.10 25.53 -2.13
C THR A 422 -12.68 24.08 -1.89
N GLU A 423 -12.30 23.37 -2.95
CA GLU A 423 -11.84 22.01 -2.78
C GLU A 423 -10.39 21.94 -2.30
N VAL A 424 -9.58 22.95 -2.60
CA VAL A 424 -8.23 22.99 -2.05
C VAL A 424 -8.28 23.15 -0.54
N THR A 425 -9.13 24.07 -0.07
CA THR A 425 -9.30 24.32 1.36
C THR A 425 -9.89 23.10 2.06
N ALA A 426 -10.83 22.44 1.41
CA ALA A 426 -11.51 21.31 2.03
C ALA A 426 -10.51 20.22 2.36
N ILE A 427 -9.65 19.89 1.40
CA ILE A 427 -8.75 18.78 1.65
C ILE A 427 -7.64 19.20 2.61
N GLY A 428 -7.24 20.48 2.59
CA GLY A 428 -6.34 20.96 3.61
C GLY A 428 -6.98 20.94 4.99
N ALA A 429 -8.27 21.25 5.08
CA ALA A 429 -8.93 21.28 6.38
C ALA A 429 -9.16 19.86 6.91
N VAL A 430 -9.49 18.92 6.01
CA VAL A 430 -9.68 17.53 6.44
C VAL A 430 -8.35 16.95 6.90
N GLU A 431 -7.27 17.24 6.17
CA GLU A 431 -5.95 16.79 6.59
C GLU A 431 -5.57 17.37 7.95
N ALA A 432 -5.71 18.69 8.12
CA ALA A 432 -5.41 19.29 9.42
C ALA A 432 -6.24 18.68 10.54
N ALA A 433 -7.52 18.38 10.28
CA ALA A 433 -8.39 17.83 11.32
C ALA A 433 -7.86 16.50 11.84
N PHE A 434 -7.40 15.61 10.93
CA PHE A 434 -6.85 14.34 11.39
C PHE A 434 -5.58 14.54 12.22
N LYS A 435 -4.77 15.54 11.87
CA LYS A 435 -3.53 15.78 12.59
C LYS A 435 -3.76 16.17 14.05
N CYS A 436 -4.81 16.93 14.35
CA CYS A 436 -4.96 17.32 15.74
C CYS A 436 -6.10 16.57 16.42
N CYS A 437 -6.64 15.55 15.74
CA CYS A 437 -7.83 14.82 16.14
C CYS A 437 -8.96 15.79 16.53
N ALA A 438 -9.13 16.81 15.70
CA ALA A 438 -10.08 17.87 15.98
C ALA A 438 -11.45 17.30 16.27
N ALA A 439 -12.21 17.97 17.12
CA ALA A 439 -13.57 17.52 17.36
C ALA A 439 -14.48 17.90 16.20
N ALA A 440 -14.20 19.03 15.54
CA ALA A 440 -15.14 19.51 14.55
C ALA A 440 -14.42 20.37 13.51
N ILE A 441 -15.01 20.41 12.32
CA ILE A 441 -14.68 21.38 11.29
C ILE A 441 -15.93 22.25 11.13
N ILE A 442 -15.86 23.49 11.58
CA ILE A 442 -16.95 24.45 11.43
C ILE A 442 -16.78 25.13 10.10
N VAL A 443 -17.80 25.05 9.24
CA VAL A 443 -17.72 25.65 7.90
C VAL A 443 -18.92 26.56 7.69
N LEU A 444 -18.70 27.70 7.04
CA LEU A 444 -19.78 28.59 6.67
C LEU A 444 -20.17 28.30 5.23
N THR A 445 -21.45 28.11 4.98
CA THR A 445 -21.87 27.77 3.63
C THR A 445 -23.22 28.39 3.36
N THR A 446 -23.42 28.76 2.11
CA THR A 446 -24.68 29.36 1.66
C THR A 446 -25.54 28.34 0.93
N THR A 447 -24.93 27.60 0.00
CA THR A 447 -25.60 26.54 -0.75
C THR A 447 -25.35 25.13 -0.21
N GLY A 448 -24.46 24.96 0.76
CA GLY A 448 -24.09 23.65 1.22
C GLY A 448 -22.88 23.06 0.54
N ARG A 449 -22.40 23.66 -0.55
CA ARG A 449 -21.33 23.05 -1.35
C ARG A 449 -20.05 22.86 -0.55
N SER A 450 -19.62 23.89 0.21
CA SER A 450 -18.36 23.74 0.93
C SER A 450 -18.45 22.68 2.01
N ALA A 451 -19.61 22.49 2.60
CA ALA A 451 -19.80 21.37 3.52
C ALA A 451 -19.67 20.05 2.77
N GLN A 452 -20.27 19.94 1.60
CA GLN A 452 -20.19 18.68 0.86
C GLN A 452 -18.77 18.38 0.43
N LEU A 453 -18.02 19.41 0.01
CA LEU A 453 -16.64 19.17 -0.39
C LEU A 453 -15.78 18.72 0.79
N LEU A 454 -16.13 19.07 2.01
CA LEU A 454 -15.40 18.45 3.12
C LEU A 454 -15.85 17.00 3.34
N SER A 455 -17.18 16.77 3.30
CA SER A 455 -17.73 15.45 3.62
C SER A 455 -17.21 14.37 2.68
N ARG A 456 -16.90 14.71 1.43
CA ARG A 456 -16.44 13.69 0.49
C ARG A 456 -15.09 13.10 0.88
N TYR A 457 -14.32 13.74 1.75
CA TYR A 457 -13.05 13.17 2.19
C TYR A 457 -13.21 12.38 3.48
N ARG A 458 -14.45 12.26 3.95
CA ARG A 458 -14.82 11.41 5.08
C ARG A 458 -14.02 11.74 6.36
N PRO A 459 -14.01 13.00 6.79
CA PRO A 459 -13.34 13.29 8.07
C PRO A 459 -14.00 12.50 9.19
N ARG A 460 -13.19 12.18 10.21
CA ARG A 460 -13.76 11.66 11.44
C ARG A 460 -14.35 12.78 12.28
N ALA A 461 -13.73 13.95 12.26
CA ALA A 461 -14.32 15.12 12.90
C ALA A 461 -15.65 15.44 12.26
N ALA A 462 -16.63 15.80 13.09
CA ALA A 462 -17.90 16.31 12.61
C ALA A 462 -17.71 17.58 11.78
N VAL A 463 -18.47 17.69 10.70
CA VAL A 463 -18.52 18.90 9.88
C VAL A 463 -19.74 19.70 10.31
N ILE A 464 -19.51 20.80 11.02
CA ILE A 464 -20.60 21.62 11.55
C ILE A 464 -20.83 22.74 10.55
N ALA A 465 -21.96 22.73 9.86
CA ALA A 465 -22.19 23.67 8.76
C ALA A 465 -23.20 24.73 9.17
N VAL A 466 -22.73 25.96 9.31
CA VAL A 466 -23.56 27.10 9.67
C VAL A 466 -24.05 27.77 8.39
N THR A 467 -25.36 27.99 8.28
CA THR A 467 -25.95 28.54 7.07
C THR A 467 -27.17 29.37 7.44
N ARG A 468 -27.43 30.41 6.64
CA ARG A 468 -28.70 31.14 6.73
C ARG A 468 -29.78 30.50 5.89
N SER A 469 -29.40 29.64 4.94
CA SER A 469 -30.36 29.00 4.05
C SER A 469 -30.99 27.82 4.79
N ALA A 470 -32.28 27.95 5.11
CA ALA A 470 -32.99 26.87 5.77
C ALA A 470 -33.15 25.67 4.84
N GLN A 471 -33.30 25.90 3.53
CA GLN A 471 -33.35 24.77 2.62
C GLN A 471 -32.01 24.05 2.54
N ALA A 472 -30.91 24.81 2.43
CA ALA A 472 -29.58 24.19 2.42
C ALA A 472 -29.31 23.44 3.72
N ALA A 473 -29.73 24.01 4.85
CA ALA A 473 -29.65 23.29 6.12
C ALA A 473 -30.33 21.92 6.05
N ARG A 474 -31.51 21.83 5.40
CA ARG A 474 -32.19 20.54 5.33
C ARG A 474 -31.50 19.58 4.35
N GLN A 475 -30.97 20.11 3.25
CA GLN A 475 -30.44 19.27 2.16
C GLN A 475 -29.08 18.66 2.46
N VAL A 476 -28.24 19.30 3.29
CA VAL A 476 -26.92 18.74 3.55
C VAL A 476 -26.97 17.52 4.45
N HIS A 477 -28.15 17.19 5.00
CA HIS A 477 -28.32 15.87 5.58
C HIS A 477 -28.01 14.75 4.60
N LEU A 478 -28.02 15.04 3.30
CA LEU A 478 -27.61 14.03 2.35
C LEU A 478 -26.14 13.68 2.44
N CYS A 479 -25.31 14.52 3.07
CA CYS A 479 -23.86 14.31 3.05
C CYS A 479 -23.44 13.73 4.39
N ARG A 480 -22.81 12.56 4.34
CA ARG A 480 -22.37 11.91 5.57
C ARG A 480 -21.49 12.84 6.38
N GLY A 481 -21.82 13.00 7.65
CA GLY A 481 -20.95 13.67 8.57
C GLY A 481 -21.16 15.16 8.65
N VAL A 482 -22.23 15.67 8.08
CA VAL A 482 -22.49 17.10 8.08
C VAL A 482 -23.64 17.35 9.04
N PHE A 483 -23.47 18.32 9.93
CA PHE A 483 -24.48 18.62 10.93
C PHE A 483 -24.92 20.07 10.70
N PRO A 484 -26.08 20.30 10.09
CA PRO A 484 -26.48 21.66 9.73
C PRO A 484 -26.95 22.44 10.94
N LEU A 485 -26.51 23.71 11.01
CA LEU A 485 -27.05 24.67 11.95
C LEU A 485 -27.70 25.79 11.16
N LEU A 486 -28.95 26.11 11.49
CA LEU A 486 -29.67 27.20 10.82
C LEU A 486 -29.45 28.49 11.61
N TYR A 487 -28.74 29.44 11.01
CA TYR A 487 -28.51 30.75 11.61
C TYR A 487 -29.64 31.70 11.24
N ARG A 488 -30.18 32.41 12.24
CA ARG A 488 -31.39 33.22 12.09
C ARG A 488 -31.22 34.71 12.36
N GLU A 489 -30.11 35.15 12.95
CA GLU A 489 -29.93 36.56 13.25
C GLU A 489 -29.80 37.36 11.95
N PRO A 490 -30.23 38.63 11.98
CA PRO A 490 -30.05 39.48 10.81
C PRO A 490 -28.59 39.84 10.62
N PRO A 491 -28.16 40.15 9.40
CA PRO A 491 -26.75 40.45 9.16
C PRO A 491 -26.27 41.62 10.01
N GLU A 492 -24.98 41.61 10.30
CA GLU A 492 -24.34 42.75 10.93
C GLU A 492 -23.80 43.70 9.87
N ALA A 493 -23.61 44.97 10.26
CA ALA A 493 -23.15 45.98 9.32
C ALA A 493 -21.75 45.66 8.79
N ILE A 494 -20.81 45.35 9.69
CA ILE A 494 -19.47 44.95 9.30
C ILE A 494 -19.46 43.44 9.06
N TRP A 495 -19.03 43.03 7.85
CA TRP A 495 -19.10 41.63 7.45
C TRP A 495 -18.20 40.74 8.33
N ALA A 496 -17.00 41.23 8.67
CA ALA A 496 -16.10 40.45 9.51
C ALA A 496 -16.77 40.05 10.83
N ASP A 497 -17.56 40.96 11.41
CA ASP A 497 -18.26 40.64 12.65
C ASP A 497 -19.36 39.60 12.40
N ASP A 498 -20.02 39.71 11.25
CA ASP A 498 -21.06 38.74 10.89
C ASP A 498 -20.46 37.36 10.70
N VAL A 499 -19.34 37.29 9.99
CA VAL A 499 -18.61 36.04 9.84
C VAL A 499 -18.32 35.42 11.21
N ASP A 500 -17.75 36.21 12.12
CA ASP A 500 -17.20 35.58 13.31
C ASP A 500 -18.30 35.17 14.30
N ARG A 501 -19.43 35.90 14.34
CA ARG A 501 -20.50 35.45 15.22
C ARG A 501 -21.21 34.22 14.65
N ARG A 502 -21.12 34.00 13.36
CA ARG A 502 -21.58 32.73 12.81
C ARG A 502 -20.65 31.61 13.25
N VAL A 503 -19.33 31.83 13.22
CA VAL A 503 -18.40 30.84 13.77
C VAL A 503 -18.72 30.57 15.24
N GLN A 504 -18.93 31.65 16.00
CA GLN A 504 -19.24 31.52 17.43
C GLN A 504 -20.57 30.78 17.64
N PHE A 505 -21.52 30.98 16.74
CA PHE A 505 -22.79 30.25 16.82
C PHE A 505 -22.56 28.77 16.68
N GLY A 506 -21.67 28.36 15.76
CA GLY A 506 -21.34 26.96 15.62
C GLY A 506 -20.63 26.39 16.83
N ILE A 507 -19.70 27.15 17.41
CA ILE A 507 -19.01 26.70 18.62
C ILE A 507 -20.01 26.48 19.75
N GLU A 508 -20.83 27.49 20.05
CA GLU A 508 -21.78 27.36 21.16
C GLU A 508 -22.82 26.29 20.87
N SER A 509 -23.28 26.19 19.63
CA SER A 509 -24.15 25.07 19.27
C SER A 509 -23.42 23.75 19.47
N GLY A 510 -22.13 23.73 19.15
CA GLY A 510 -21.36 22.50 19.28
C GLY A 510 -21.16 22.09 20.73
N LYS A 511 -20.89 23.06 21.61
CA LYS A 511 -20.75 22.77 23.03
C LYS A 511 -22.06 22.30 23.64
N LEU A 512 -23.17 22.94 23.25
CA LEU A 512 -24.48 22.56 23.77
C LEU A 512 -24.85 21.14 23.34
N ARG A 513 -24.44 20.74 22.14
CA ARG A 513 -24.81 19.44 21.60
C ARG A 513 -23.83 18.35 21.95
N GLY A 514 -22.61 18.69 22.36
CA GLY A 514 -21.64 17.70 22.74
C GLY A 514 -20.58 17.39 21.71
N PHE A 515 -20.66 17.99 20.51
CA PHE A 515 -19.57 17.81 19.55
C PHE A 515 -18.28 18.44 20.06
N LEU A 516 -18.37 19.49 20.88
CA LEU A 516 -17.26 20.36 21.22
C LEU A 516 -17.15 20.49 22.74
N ARG A 517 -15.92 20.78 23.18
CA ARG A 517 -15.62 20.97 24.60
C ARG A 517 -14.50 21.98 24.72
N VAL A 518 -14.49 22.68 25.86
CA VAL A 518 -13.36 23.53 26.21
C VAL A 518 -12.07 22.73 26.07
N GLY A 519 -11.08 23.31 25.37
CA GLY A 519 -9.78 22.70 25.19
C GLY A 519 -9.62 21.88 23.93
N ASP A 520 -10.69 21.61 23.22
CA ASP A 520 -10.60 20.96 21.93
C ASP A 520 -9.97 21.91 20.90
N LEU A 521 -9.54 21.32 19.79
CA LEU A 521 -9.19 22.11 18.62
C LEU A 521 -10.28 21.92 17.59
N VAL A 522 -10.57 22.99 16.85
CA VAL A 522 -11.49 22.94 15.73
C VAL A 522 -10.82 23.58 14.54
N ILE A 523 -11.20 23.12 13.36
CA ILE A 523 -10.83 23.74 12.10
C ILE A 523 -12.02 24.58 11.66
N VAL A 524 -11.77 25.84 11.29
CA VAL A 524 -12.82 26.75 10.83
C VAL A 524 -12.59 27.04 9.36
N VAL A 525 -13.60 26.82 8.53
CA VAL A 525 -13.50 27.03 7.09
C VAL A 525 -14.44 28.17 6.70
N THR A 526 -13.87 29.16 6.00
CA THR A 526 -14.55 30.41 5.70
C THR A 526 -14.04 30.92 4.35
N GLY A 527 -14.61 32.04 3.88
CA GLY A 527 -14.22 32.62 2.62
C GLY A 527 -13.81 34.08 2.75
N TRP A 528 -13.31 34.64 1.65
CA TRP A 528 -12.71 35.98 1.63
C TRP A 528 -13.66 37.09 1.21
N ARG A 529 -14.88 36.74 0.83
CA ARG A 529 -15.84 37.67 0.24
C ARG A 529 -17.22 37.10 0.48
N PRO A 530 -18.25 37.95 0.70
CA PRO A 530 -19.62 37.42 0.79
C PRO A 530 -20.05 36.72 -0.50
N GLY A 531 -21.14 35.96 -0.40
CA GLY A 531 -21.70 35.19 -1.51
C GLY A 531 -21.06 33.81 -1.66
N SER A 532 -21.76 32.93 -2.36
CA SER A 532 -21.29 31.57 -2.48
C SER A 532 -20.17 31.46 -3.50
N GLY A 533 -19.27 30.50 -3.28
CA GLY A 533 -18.21 30.18 -4.21
C GLY A 533 -16.82 30.68 -3.82
N TYR A 534 -16.69 31.41 -2.72
CA TYR A 534 -15.44 32.11 -2.40
C TYR A 534 -14.77 31.57 -1.16
N THR A 535 -15.07 30.33 -0.78
CA THR A 535 -14.43 29.67 0.36
C THR A 535 -12.96 29.48 0.06
N ASN A 536 -12.08 29.87 1.01
CA ASN A 536 -10.66 29.73 0.72
C ASN A 536 -9.75 29.87 1.96
N ILE A 537 -10.31 29.87 3.15
CA ILE A 537 -9.55 30.09 4.38
C ILE A 537 -9.79 28.94 5.36
N MET A 538 -8.71 28.47 5.98
CA MET A 538 -8.77 27.44 7.01
C MET A 538 -7.98 27.91 8.21
N ARG A 539 -8.59 27.88 9.40
CA ARG A 539 -7.90 28.26 10.63
C ARG A 539 -7.99 27.15 11.68
N VAL A 540 -7.00 27.11 12.58
CA VAL A 540 -6.96 26.21 13.72
C VAL A 540 -7.15 27.02 14.99
N LEU A 541 -8.20 26.75 15.75
CA LEU A 541 -8.39 27.55 16.96
C LEU A 541 -8.82 26.71 18.15
N SER A 542 -8.41 27.16 19.35
CA SER A 542 -8.75 26.49 20.60
C SER A 542 -10.12 26.92 21.06
N ILE A 543 -10.95 25.93 21.40
CA ILE A 543 -12.25 26.23 22.00
C ILE A 543 -12.02 26.63 23.44
N SER A 544 -12.63 27.74 23.85
CA SER A 544 -12.63 28.19 25.23
C SER A 544 -14.06 28.34 25.75
N GLN B 27 -13.97 -9.40 -17.66
CA GLN B 27 -13.88 -10.85 -17.63
C GLN B 27 -14.86 -11.44 -16.61
N GLN B 28 -14.75 -12.75 -16.36
CA GLN B 28 -15.63 -13.43 -15.43
C GLN B 28 -14.98 -13.47 -14.05
N GLN B 29 -15.72 -14.01 -13.07
CA GLN B 29 -15.24 -14.11 -11.69
C GLN B 29 -14.73 -12.76 -11.16
N GLN B 30 -15.31 -11.66 -11.63
CA GLN B 30 -14.94 -10.31 -11.20
C GLN B 30 -13.45 -10.05 -11.37
N LEU B 31 -12.84 -10.62 -12.40
CA LEU B 31 -11.41 -10.39 -12.66
C LEU B 31 -11.01 -8.92 -12.75
N PRO B 32 -11.79 -8.02 -13.38
CA PRO B 32 -11.39 -6.59 -13.38
C PRO B 32 -11.35 -5.98 -12.00
N ALA B 33 -12.26 -6.37 -11.11
CA ALA B 33 -12.21 -5.89 -9.74
C ALA B 33 -11.09 -6.52 -8.94
N ALA B 34 -10.61 -7.69 -9.36
CA ALA B 34 -9.42 -8.29 -8.76
C ALA B 34 -8.13 -7.58 -9.16
N MET B 35 -8.09 -6.94 -10.33
CA MET B 35 -6.90 -6.26 -10.84
C MET B 35 -6.69 -4.87 -10.25
N ALA B 36 -7.60 -4.41 -9.39
CA ALA B 36 -7.69 -2.99 -9.12
C ALA B 36 -6.51 -2.45 -8.32
N ASP B 37 -6.11 -1.23 -8.67
CA ASP B 37 -5.17 -0.41 -7.93
C ASP B 37 -5.44 -0.46 -6.43
N THR B 38 -6.64 -0.03 -6.05
CA THR B 38 -7.01 0.24 -4.67
C THR B 38 -8.31 -0.49 -4.36
N PHE B 39 -8.70 -0.42 -3.09
CA PHE B 39 -9.94 -1.04 -2.67
C PHE B 39 -11.13 -0.28 -3.20
N LEU B 40 -11.06 1.06 -3.16
CA LEU B 40 -12.12 1.88 -3.70
C LEU B 40 -12.39 1.50 -5.16
N GLU B 41 -11.33 1.43 -5.96
CA GLU B 41 -11.49 1.16 -7.38
C GLU B 41 -11.90 -0.29 -7.61
N HIS B 42 -11.49 -1.18 -6.72
CA HIS B 42 -12.05 -2.53 -6.72
C HIS B 42 -13.57 -2.50 -6.52
N LEU B 43 -14.08 -1.64 -5.62
CA LEU B 43 -15.52 -1.59 -5.43
C LEU B 43 -16.24 -1.11 -6.67
N CYS B 44 -15.68 -0.08 -7.33
CA CYS B 44 -16.27 0.56 -8.50
C CYS B 44 -16.35 -0.36 -9.71
N LEU B 45 -15.60 -1.45 -9.72
CA LEU B 45 -15.46 -2.33 -10.88
C LEU B 45 -16.19 -3.64 -10.72
N LEU B 46 -16.84 -3.87 -9.57
CA LEU B 46 -17.68 -5.03 -9.40
C LEU B 46 -18.83 -5.00 -10.40
N ASP B 47 -19.11 -6.14 -11.03
CA ASP B 47 -20.10 -6.18 -12.11
C ASP B 47 -21.13 -7.28 -11.88
N ILE B 48 -22.42 -6.90 -11.86
CA ILE B 48 -23.47 -7.89 -11.72
C ILE B 48 -23.54 -8.85 -12.90
N ASP B 49 -22.96 -8.49 -14.05
CA ASP B 49 -23.00 -9.36 -15.22
C ASP B 49 -21.87 -10.38 -15.24
N SER B 50 -20.85 -10.20 -14.42
CA SER B 50 -19.70 -11.10 -14.39
C SER B 50 -20.07 -12.35 -13.60
N GLU B 51 -19.98 -13.51 -14.23
CA GLU B 51 -20.47 -14.76 -13.64
C GLU B 51 -19.34 -15.52 -12.95
N PRO B 52 -19.61 -16.12 -11.81
CA PRO B 52 -18.56 -16.74 -11.00
C PRO B 52 -18.24 -18.18 -11.41
N VAL B 53 -17.28 -18.74 -10.70
CA VAL B 53 -16.88 -20.13 -10.77
C VAL B 53 -17.96 -21.04 -10.17
N ALA B 54 -18.10 -22.25 -10.71
CA ALA B 54 -19.04 -23.24 -10.16
C ALA B 54 -18.64 -23.69 -8.75
N ALA B 55 -17.35 -23.67 -8.43
CA ALA B 55 -16.83 -24.20 -7.18
C ALA B 55 -17.04 -23.17 -6.07
N ARG B 56 -18.14 -23.32 -5.34
CA ARG B 56 -18.39 -22.53 -4.15
C ARG B 56 -17.58 -23.05 -2.98
N SER B 57 -16.85 -22.15 -2.31
CA SER B 57 -15.82 -22.54 -1.35
C SER B 57 -16.20 -22.35 0.12
N THR B 58 -17.20 -21.54 0.44
CA THR B 58 -17.68 -21.46 1.82
C THR B 58 -18.65 -22.61 2.08
N SER B 59 -18.35 -23.44 3.09
CA SER B 59 -19.23 -24.56 3.39
C SER B 59 -20.51 -24.10 4.05
N ILE B 60 -21.57 -24.88 3.83
CA ILE B 60 -22.89 -24.63 4.35
C ILE B 60 -23.18 -25.67 5.42
N ILE B 61 -23.53 -25.22 6.59
CA ILE B 61 -23.97 -26.08 7.67
C ILE B 61 -25.48 -25.98 7.77
N ALA B 62 -26.16 -27.12 7.71
CA ALA B 62 -27.61 -27.19 7.84
C ALA B 62 -27.97 -27.94 9.12
N THR B 63 -28.83 -27.33 9.94
CA THR B 63 -29.34 -28.00 11.13
C THR B 63 -30.44 -28.98 10.77
N ILE B 64 -30.28 -30.22 11.24
CA ILE B 64 -31.28 -31.26 11.04
C ILE B 64 -32.43 -31.06 12.01
N GLY B 65 -33.65 -31.22 11.51
CA GLY B 65 -34.83 -31.28 12.34
C GLY B 65 -36.00 -31.89 11.58
N PRO B 66 -37.25 -31.61 12.04
CA PRO B 66 -38.43 -32.18 11.35
C PRO B 66 -38.45 -31.95 9.86
N ALA B 67 -37.98 -30.78 9.39
CA ALA B 67 -38.09 -30.42 7.98
C ALA B 67 -36.95 -30.99 7.14
N SER B 68 -35.96 -31.64 7.76
CA SER B 68 -34.79 -32.05 7.02
C SER B 68 -34.33 -33.43 7.43
N ARG B 69 -35.23 -34.23 8.01
CA ARG B 69 -34.86 -35.50 8.61
C ARG B 69 -35.04 -36.69 7.67
N SER B 70 -35.88 -36.59 6.66
CA SER B 70 -36.12 -37.71 5.76
C SER B 70 -34.92 -37.97 4.89
N VAL B 71 -34.70 -39.24 4.57
CA VAL B 71 -33.63 -39.61 3.65
C VAL B 71 -33.76 -38.87 2.31
N GLU B 72 -34.99 -38.74 1.79
CA GLU B 72 -35.15 -38.16 0.46
C GLU B 72 -34.95 -36.64 0.50
N ARG B 73 -35.44 -36.00 1.56
CA ARG B 73 -35.18 -34.58 1.73
C ARG B 73 -33.68 -34.34 1.83
N LEU B 74 -32.99 -35.13 2.66
CA LEU B 74 -31.56 -35.00 2.80
C LEU B 74 -30.84 -35.16 1.48
N LYS B 75 -31.33 -36.06 0.62
CA LYS B 75 -30.70 -36.23 -0.69
C LYS B 75 -30.75 -34.95 -1.49
N GLU B 76 -31.85 -34.19 -1.39
CA GLU B 76 -31.97 -32.93 -2.13
C GLU B 76 -31.14 -31.83 -1.49
N MET B 77 -30.93 -31.92 -0.17
CA MET B 77 -30.05 -30.96 0.51
C MET B 77 -28.58 -31.22 0.21
N ILE B 78 -28.21 -32.45 -0.10
CA ILE B 78 -26.84 -32.73 -0.53
C ILE B 78 -26.65 -32.22 -1.95
N LYS B 79 -27.70 -32.31 -2.78
CA LYS B 79 -27.58 -31.84 -4.17
C LYS B 79 -27.55 -30.33 -4.24
N ALA B 80 -28.24 -29.65 -3.33
CA ALA B 80 -28.22 -28.19 -3.28
C ALA B 80 -26.92 -27.65 -2.66
N GLY B 81 -26.15 -28.47 -1.94
CA GLY B 81 -24.85 -28.01 -1.46
C GLY B 81 -24.53 -28.15 0.02
N MET B 82 -25.40 -28.77 0.80
CA MET B 82 -25.10 -28.93 2.22
C MET B 82 -23.82 -29.75 2.39
N ASN B 83 -22.93 -29.28 3.26
CA ASN B 83 -21.64 -29.91 3.49
C ASN B 83 -21.49 -30.48 4.88
N ILE B 84 -22.14 -29.87 5.86
CA ILE B 84 -22.09 -30.29 7.24
C ILE B 84 -23.53 -30.35 7.74
N ALA B 85 -23.91 -31.51 8.28
CA ALA B 85 -25.19 -31.65 8.95
C ALA B 85 -25.01 -31.40 10.44
N ARG B 86 -25.85 -30.57 11.00
CA ARG B 86 -25.76 -30.19 12.41
C ARG B 86 -26.86 -30.91 13.19
N LEU B 87 -26.48 -31.55 14.30
CA LEU B 87 -27.41 -32.19 15.23
C LEU B 87 -27.47 -31.31 16.48
N ASN B 88 -28.63 -30.75 16.75
CA ASN B 88 -28.80 -29.85 17.87
C ASN B 88 -29.26 -30.66 19.07
N PHE B 89 -28.33 -30.99 19.96
CA PHE B 89 -28.61 -31.76 21.16
C PHE B 89 -29.29 -30.94 22.25
N SER B 90 -29.67 -29.70 21.97
CA SER B 90 -30.61 -29.02 22.85
C SER B 90 -31.99 -29.69 22.82
N HIS B 91 -32.28 -30.47 21.78
CA HIS B 91 -33.56 -31.14 21.64
C HIS B 91 -33.32 -32.55 21.14
N GLY B 92 -34.18 -33.47 21.57
CA GLY B 92 -34.14 -34.82 21.03
C GLY B 92 -33.41 -35.80 21.93
N SER B 93 -33.82 -37.06 21.84
CA SER B 93 -33.20 -38.13 22.61
C SER B 93 -32.01 -38.72 21.84
N HIS B 94 -31.30 -39.64 22.50
CA HIS B 94 -30.14 -40.23 21.87
C HIS B 94 -30.53 -41.07 20.66
N GLU B 95 -31.69 -41.73 20.72
CA GLU B 95 -32.20 -42.50 19.60
C GLU B 95 -32.75 -41.61 18.49
N TYR B 96 -33.38 -40.48 18.85
CA TYR B 96 -33.79 -39.55 17.81
C TYR B 96 -32.60 -39.14 16.96
N HIS B 97 -31.50 -38.76 17.62
CA HIS B 97 -30.28 -38.35 16.92
C HIS B 97 -29.60 -39.53 16.24
N ALA B 98 -29.66 -40.71 16.86
CA ALA B 98 -29.09 -41.90 16.23
C ALA B 98 -29.73 -42.16 14.87
N GLU B 99 -31.06 -41.96 14.77
CA GLU B 99 -31.72 -42.19 13.48
C GLU B 99 -31.37 -41.09 12.47
N SER B 100 -31.32 -39.83 12.89
CA SER B 100 -30.93 -38.78 11.95
C SER B 100 -29.49 -38.96 11.48
N ILE B 101 -28.59 -39.42 12.36
CA ILE B 101 -27.27 -39.83 11.89
C ILE B 101 -27.41 -40.90 10.81
N ALA B 102 -28.33 -41.85 11.03
CA ALA B 102 -28.49 -42.95 10.09
C ALA B 102 -29.07 -42.46 8.77
N ASN B 103 -30.11 -41.62 8.84
CA ASN B 103 -30.72 -41.08 7.62
C ASN B 103 -29.72 -40.27 6.81
N VAL B 104 -28.87 -39.50 7.48
CA VAL B 104 -27.88 -38.70 6.76
C VAL B 104 -26.89 -39.60 6.07
N ARG B 105 -26.36 -40.59 6.79
CA ARG B 105 -25.38 -41.50 6.22
C ARG B 105 -25.98 -42.30 5.08
N GLU B 106 -27.28 -42.61 5.16
CA GLU B 106 -27.93 -43.31 4.06
C GLU B 106 -28.06 -42.42 2.83
N ALA B 107 -28.43 -41.15 3.04
CA ALA B 107 -28.56 -40.21 1.92
C ALA B 107 -27.20 -39.96 1.27
N VAL B 108 -26.17 -39.81 2.10
CA VAL B 108 -24.82 -39.56 1.62
C VAL B 108 -24.32 -40.73 0.80
N GLU B 109 -24.38 -41.94 1.37
CA GLU B 109 -23.79 -43.07 0.68
C GLU B 109 -24.55 -43.43 -0.59
N SER B 110 -25.76 -42.89 -0.78
CA SER B 110 -26.50 -43.12 -2.01
C SER B 110 -25.78 -42.60 -3.25
N PHE B 111 -24.89 -41.62 -3.09
CA PHE B 111 -24.11 -41.13 -4.22
C PHE B 111 -22.77 -41.84 -4.35
N ALA B 112 -22.46 -42.78 -3.46
CA ALA B 112 -21.13 -43.38 -3.48
C ALA B 112 -20.90 -44.24 -4.71
N GLY B 113 -21.96 -44.64 -5.43
CA GLY B 113 -21.79 -45.48 -6.60
C GLY B 113 -20.97 -44.85 -7.70
N SER B 114 -21.05 -43.52 -7.85
CA SER B 114 -20.23 -42.77 -8.81
C SER B 114 -19.12 -42.06 -8.04
N PRO B 115 -17.97 -42.70 -7.86
CA PRO B 115 -16.94 -42.15 -6.96
C PRO B 115 -16.24 -40.89 -7.45
N LEU B 116 -16.49 -40.41 -8.67
CA LEU B 116 -15.89 -39.16 -9.14
C LEU B 116 -16.74 -37.94 -8.79
N SER B 117 -17.97 -38.16 -8.32
CA SER B 117 -18.89 -37.11 -7.88
C SER B 117 -19.23 -37.17 -6.39
N TYR B 118 -18.83 -38.24 -5.70
CA TYR B 118 -19.24 -38.44 -4.32
C TYR B 118 -18.84 -37.26 -3.45
N ARG B 119 -19.81 -36.75 -2.70
CA ARG B 119 -19.58 -35.62 -1.80
C ARG B 119 -19.56 -36.12 -0.37
N PRO B 120 -18.44 -36.07 0.35
CA PRO B 120 -18.48 -36.31 1.79
C PRO B 120 -19.38 -35.27 2.44
N VAL B 121 -20.13 -35.69 3.46
CA VAL B 121 -20.93 -34.78 4.25
C VAL B 121 -20.58 -35.01 5.71
N ALA B 122 -20.11 -33.96 6.40
CA ALA B 122 -19.69 -34.15 7.77
C ALA B 122 -20.89 -34.07 8.70
N ILE B 123 -20.71 -34.59 9.91
CA ILE B 123 -21.77 -34.57 10.90
C ILE B 123 -21.24 -33.91 12.15
N ALA B 124 -21.91 -32.86 12.60
CA ALA B 124 -21.50 -32.08 13.75
C ALA B 124 -22.51 -32.26 14.87
N LEU B 125 -22.01 -32.42 16.10
CA LEU B 125 -22.83 -32.44 17.29
C LEU B 125 -22.72 -31.10 18.00
N ASP B 126 -23.84 -30.40 18.11
CA ASP B 126 -23.95 -29.09 18.76
C ASP B 126 -24.47 -29.33 20.17
N THR B 127 -23.63 -29.08 21.19
CA THR B 127 -24.03 -29.46 22.53
C THR B 127 -25.10 -28.54 23.08
N LYS B 128 -25.87 -29.07 24.05
CA LYS B 128 -26.86 -28.25 24.73
C LYS B 128 -26.20 -27.14 25.55
N GLY B 129 -25.31 -27.52 26.48
CA GLY B 129 -24.64 -26.57 27.31
C GLY B 129 -25.47 -26.04 28.46
N PRO B 130 -25.01 -24.94 29.07
CA PRO B 130 -25.69 -24.35 30.26
C PRO B 130 -26.94 -23.56 29.92
N GLU B 131 -27.85 -24.20 29.19
CA GLU B 131 -29.10 -23.52 28.84
C GLU B 131 -30.00 -23.42 30.05
N ILE B 132 -30.86 -22.39 30.03
CA ILE B 132 -31.93 -22.21 31.01
C ILE B 132 -33.22 -22.02 30.22
N ARG B 133 -34.26 -22.77 30.59
CA ARG B 133 -35.52 -22.73 29.85
C ARG B 133 -36.69 -22.50 30.80
N THR B 134 -37.76 -21.95 30.24
CA THR B 134 -39.00 -21.86 31.00
C THR B 134 -39.71 -23.22 31.02
N GLY B 135 -40.88 -23.24 31.66
CA GLY B 135 -41.66 -24.45 31.78
C GLY B 135 -42.87 -24.46 30.85
N ILE B 136 -43.59 -25.59 30.91
CA ILE B 136 -44.84 -25.78 30.19
C ILE B 136 -45.95 -25.02 30.90
N LEU B 137 -46.89 -24.48 30.12
CA LEU B 137 -47.96 -23.64 30.66
C LEU B 137 -49.27 -24.41 30.82
N GLN B 138 -50.24 -23.71 31.42
CA GLN B 138 -51.69 -23.89 31.25
C GLN B 138 -51.98 -24.63 29.96
N GLY B 139 -52.45 -25.87 30.06
CA GLY B 139 -52.79 -26.66 28.88
C GLY B 139 -51.67 -26.67 27.86
N GLY B 140 -50.51 -27.21 28.26
CA GLY B 140 -49.27 -27.22 27.51
C GLY B 140 -49.29 -27.04 26.00
N PRO B 141 -49.92 -28.03 25.27
CA PRO B 141 -49.81 -28.12 23.80
C PRO B 141 -49.33 -26.88 23.02
N GLU B 142 -50.22 -25.93 22.77
CA GLU B 142 -49.90 -24.74 21.99
C GLU B 142 -50.23 -23.45 22.73
N SER B 143 -50.37 -23.53 24.05
CA SER B 143 -50.93 -22.41 24.82
C SER B 143 -50.00 -21.21 24.83
N GLU B 144 -50.61 -20.03 24.85
CA GLU B 144 -49.92 -18.75 24.79
C GLU B 144 -50.35 -17.89 25.98
N VAL B 145 -49.39 -17.18 26.57
CA VAL B 145 -49.70 -16.22 27.63
C VAL B 145 -48.96 -14.93 27.37
N GLU B 146 -49.67 -13.81 27.46
CA GLU B 146 -49.08 -12.48 27.27
C GLU B 146 -48.63 -11.90 28.60
N LEU B 147 -47.33 -11.68 28.76
CA LEU B 147 -46.79 -11.00 29.94
C LEU B 147 -46.89 -9.50 29.73
N VAL B 148 -47.87 -8.87 30.37
CA VAL B 148 -48.15 -7.47 30.08
C VAL B 148 -47.05 -6.59 30.66
N LYS B 149 -46.62 -5.60 29.90
CA LYS B 149 -45.66 -4.63 30.40
C LYS B 149 -46.21 -3.93 31.64
N GLY B 150 -45.36 -3.77 32.66
CA GLY B 150 -45.75 -3.23 33.94
C GLY B 150 -46.25 -4.26 34.94
N SER B 151 -46.52 -5.49 34.49
CA SER B 151 -47.05 -6.54 35.34
C SER B 151 -46.04 -6.93 36.42
N GLN B 152 -46.53 -7.59 37.46
CA GLN B 152 -45.68 -8.34 38.37
C GLN B 152 -45.70 -9.79 37.93
N VAL B 153 -44.52 -10.39 37.82
CA VAL B 153 -44.40 -11.79 37.48
C VAL B 153 -43.40 -12.42 38.42
N LEU B 154 -43.68 -13.64 38.85
CA LEU B 154 -42.80 -14.37 39.72
C LEU B 154 -42.07 -15.43 38.92
N VAL B 155 -40.77 -15.53 39.15
CA VAL B 155 -39.95 -16.59 38.60
C VAL B 155 -39.75 -17.63 39.71
N THR B 156 -40.15 -18.87 39.46
CA THR B 156 -40.19 -19.90 40.49
C THR B 156 -39.33 -21.08 40.07
N VAL B 157 -38.65 -21.70 41.05
CA VAL B 157 -37.89 -22.93 40.86
C VAL B 157 -38.48 -24.08 41.67
N ASP B 158 -39.72 -23.95 42.13
CA ASP B 158 -40.38 -25.01 42.90
C ASP B 158 -41.06 -25.98 41.95
N PRO B 159 -40.71 -27.28 41.98
CA PRO B 159 -41.28 -28.21 40.99
C PRO B 159 -42.80 -28.27 41.00
N ALA B 160 -43.44 -27.85 42.08
CA ALA B 160 -44.90 -27.75 42.06
C ALA B 160 -45.35 -26.80 40.94
N PHE B 161 -44.65 -25.67 40.79
CA PHE B 161 -45.04 -24.71 39.78
C PHE B 161 -44.45 -25.00 38.40
N ARG B 162 -43.91 -26.21 38.17
CA ARG B 162 -43.21 -26.51 36.92
C ARG B 162 -44.16 -26.56 35.73
N THR B 163 -45.40 -26.97 35.96
CA THR B 163 -46.42 -27.01 34.93
C THR B 163 -47.44 -25.87 35.10
N ARG B 164 -47.03 -24.78 35.74
CA ARG B 164 -47.94 -23.78 36.30
C ARG B 164 -47.85 -22.42 35.60
N GLY B 165 -47.40 -22.38 34.36
CA GLY B 165 -47.12 -21.10 33.74
C GLY B 165 -48.38 -20.28 33.49
N ASN B 166 -48.30 -18.99 33.78
CA ASN B 166 -49.41 -18.07 33.47
C ASN B 166 -48.85 -16.65 33.36
N ALA B 167 -49.76 -15.69 33.19
CA ALA B 167 -49.39 -14.30 32.92
C ALA B 167 -48.69 -13.61 34.07
N ASN B 168 -48.60 -14.26 35.24
CA ASN B 168 -47.90 -13.70 36.40
C ASN B 168 -46.89 -14.65 37.01
N THR B 169 -46.76 -15.86 36.49
CA THR B 169 -45.80 -16.84 37.00
C THR B 169 -45.01 -17.43 35.84
N VAL B 170 -43.69 -17.56 36.03
CA VAL B 170 -42.84 -18.33 35.12
C VAL B 170 -41.97 -19.27 35.93
N TRP B 171 -41.85 -20.51 35.47
CA TRP B 171 -40.99 -21.52 36.07
C TRP B 171 -39.76 -21.71 35.19
N VAL B 172 -38.60 -21.95 35.81
CA VAL B 172 -37.35 -22.16 35.09
C VAL B 172 -36.67 -23.40 35.65
N ASP B 173 -35.81 -24.00 34.83
CA ASP B 173 -35.15 -25.25 35.19
C ASP B 173 -33.80 -25.02 35.86
N TYR B 174 -33.58 -23.83 36.40
CA TYR B 174 -32.30 -23.42 36.98
C TYR B 174 -32.53 -23.12 38.46
N PRO B 175 -32.41 -24.12 39.34
CA PRO B 175 -32.67 -23.88 40.77
C PRO B 175 -31.91 -22.70 41.35
N ASN B 176 -30.61 -22.61 41.09
CA ASN B 176 -29.76 -21.55 41.62
C ASN B 176 -30.07 -20.17 41.03
N ILE B 177 -31.09 -20.04 40.18
CA ILE B 177 -31.37 -18.72 39.61
C ILE B 177 -31.71 -17.74 40.72
N VAL B 178 -32.29 -18.22 41.81
CA VAL B 178 -32.61 -17.36 42.95
C VAL B 178 -31.38 -16.85 43.69
N ARG B 179 -30.19 -17.39 43.41
CA ARG B 179 -28.97 -16.99 44.09
C ARG B 179 -27.98 -16.20 43.24
N VAL B 180 -28.19 -16.09 41.92
CA VAL B 180 -27.23 -15.41 41.05
C VAL B 180 -27.82 -14.20 40.35
N VAL B 181 -29.10 -13.92 40.51
CA VAL B 181 -29.71 -12.76 39.88
C VAL B 181 -30.07 -11.77 40.97
N PRO B 182 -29.30 -10.69 41.16
CA PRO B 182 -29.59 -9.77 42.26
C PRO B 182 -30.79 -8.88 41.94
N VAL B 183 -31.25 -8.20 42.99
CA VAL B 183 -32.28 -7.18 42.81
C VAL B 183 -31.76 -6.14 41.84
N GLY B 184 -32.57 -5.83 40.82
CA GLY B 184 -32.15 -4.99 39.72
C GLY B 184 -31.54 -5.70 38.54
N GLY B 185 -31.35 -7.02 38.62
CA GLY B 185 -30.87 -7.79 37.48
C GLY B 185 -31.99 -8.11 36.49
N ARG B 186 -31.62 -8.19 35.21
CA ARG B 186 -32.58 -8.32 34.13
C ARG B 186 -32.64 -9.77 33.62
N ILE B 187 -33.86 -10.28 33.45
CA ILE B 187 -34.10 -11.62 32.93
C ILE B 187 -34.74 -11.52 31.54
N TYR B 188 -34.13 -12.18 30.56
CA TYR B 188 -34.62 -12.21 29.19
C TYR B 188 -35.27 -13.56 28.89
N ILE B 189 -36.39 -13.52 28.20
CA ILE B 189 -37.10 -14.74 27.84
C ILE B 189 -37.40 -14.69 26.34
N ASP B 190 -37.32 -15.85 25.69
CA ASP B 190 -37.76 -16.05 24.31
C ASP B 190 -36.91 -15.19 23.35
N ASP B 191 -35.66 -15.64 23.19
CA ASP B 191 -34.66 -14.94 22.39
C ASP B 191 -34.64 -13.44 22.67
N GLY B 192 -34.82 -13.08 23.93
CA GLY B 192 -34.63 -11.72 24.38
C GLY B 192 -35.75 -10.78 24.07
N LEU B 193 -36.88 -11.28 23.54
CA LEU B 193 -38.01 -10.40 23.29
C LEU B 193 -38.81 -10.06 24.55
N ILE B 194 -38.78 -10.93 25.59
CA ILE B 194 -39.40 -10.64 26.88
C ILE B 194 -38.31 -10.20 27.85
N SER B 195 -38.65 -9.26 28.73
CA SER B 195 -37.68 -8.76 29.69
C SER B 195 -38.32 -8.60 31.07
N LEU B 196 -37.63 -9.09 32.09
CA LEU B 196 -38.03 -8.92 33.49
C LEU B 196 -36.92 -8.23 34.28
N VAL B 197 -37.30 -7.49 35.30
CA VAL B 197 -36.34 -6.89 36.23
C VAL B 197 -36.73 -7.30 37.64
N VAL B 198 -35.81 -7.97 38.34
CA VAL B 198 -36.03 -8.43 39.72
C VAL B 198 -36.25 -7.24 40.65
N GLN B 199 -37.26 -7.34 41.51
CA GLN B 199 -37.59 -6.31 42.49
C GLN B 199 -37.36 -6.74 43.92
N LYS B 200 -37.57 -8.01 44.25
CA LYS B 200 -37.33 -8.54 45.59
C LYS B 200 -37.00 -10.03 45.47
N ILE B 201 -36.29 -10.53 46.48
CA ILE B 201 -36.01 -11.97 46.61
C ILE B 201 -36.73 -12.47 47.85
N GLY B 202 -37.33 -13.66 47.74
CA GLY B 202 -38.11 -14.25 48.80
C GLY B 202 -38.12 -15.76 48.70
N PRO B 203 -38.66 -16.43 49.72
CA PRO B 203 -38.71 -17.91 49.68
C PRO B 203 -39.58 -18.46 48.56
N GLU B 204 -40.50 -17.65 48.01
CA GLU B 204 -41.34 -18.05 46.89
C GLU B 204 -40.67 -17.87 45.53
N GLY B 205 -39.47 -17.29 45.49
CA GLY B 205 -38.82 -17.01 44.22
C GLY B 205 -38.40 -15.56 44.09
N LEU B 206 -38.44 -15.02 42.86
CA LEU B 206 -38.02 -13.64 42.59
C LEU B 206 -39.19 -12.86 42.00
N VAL B 207 -39.53 -11.73 42.63
CA VAL B 207 -40.61 -10.90 42.13
C VAL B 207 -40.02 -9.92 41.11
N THR B 208 -40.63 -9.85 39.93
CA THR B 208 -40.12 -9.02 38.85
C THR B 208 -41.25 -8.17 38.30
N GLN B 209 -40.89 -7.00 37.82
CA GLN B 209 -41.77 -6.17 37.00
C GLN B 209 -41.39 -6.38 35.55
N VAL B 210 -42.38 -6.70 34.71
CA VAL B 210 -42.12 -6.89 33.28
C VAL B 210 -41.63 -5.58 32.68
N GLU B 211 -40.44 -5.61 32.09
CA GLU B 211 -39.94 -4.44 31.38
C GLU B 211 -40.42 -4.42 29.93
N ASN B 212 -40.20 -5.50 29.20
CA ASN B 212 -40.65 -5.65 27.82
C ASN B 212 -41.60 -6.84 27.74
N GLY B 213 -42.87 -6.56 27.46
CA GLY B 213 -43.88 -7.60 27.36
C GLY B 213 -43.81 -8.36 26.05
N GLY B 214 -44.74 -9.28 25.90
CA GLY B 214 -44.84 -10.10 24.70
C GLY B 214 -45.55 -11.40 25.04
N VAL B 215 -45.61 -12.30 24.02
CA VAL B 215 -46.30 -13.57 24.19
C VAL B 215 -45.27 -14.67 24.45
N LEU B 216 -45.68 -15.64 25.27
CA LEU B 216 -44.77 -16.63 25.82
C LEU B 216 -45.32 -18.01 25.54
N GLY B 217 -44.57 -18.82 24.80
CA GLY B 217 -44.85 -20.23 24.64
C GLY B 217 -44.21 -21.04 25.74
N SER B 218 -44.06 -22.34 25.48
CA SER B 218 -43.52 -23.26 26.46
C SER B 218 -42.07 -23.61 26.12
N ARG B 219 -41.24 -23.73 27.17
CA ARG B 219 -39.87 -24.23 27.07
C ARG B 219 -38.94 -23.24 26.36
N LYS B 220 -39.16 -21.96 26.57
CA LYS B 220 -38.37 -20.95 25.87
C LYS B 220 -37.05 -20.68 26.60
N GLY B 221 -36.04 -20.32 25.82
CA GLY B 221 -34.72 -20.06 26.37
C GLY B 221 -34.69 -18.78 27.20
N VAL B 222 -33.85 -18.81 28.23
CA VAL B 222 -33.71 -17.70 29.15
C VAL B 222 -32.25 -17.26 29.15
N ASN B 223 -32.04 -15.93 29.16
CA ASN B 223 -30.72 -15.32 29.17
C ASN B 223 -30.56 -14.39 30.36
N LEU B 224 -29.43 -14.51 31.05
CA LEU B 224 -29.14 -13.75 32.25
C LEU B 224 -27.82 -13.00 32.10
N PRO B 225 -27.72 -12.13 31.10
CA PRO B 225 -26.43 -11.49 30.83
C PRO B 225 -25.97 -10.70 32.06
N GLY B 226 -24.67 -10.82 32.39
CA GLY B 226 -24.10 -10.18 33.55
C GLY B 226 -24.24 -10.95 34.84
N ALA B 227 -25.30 -11.74 35.00
CA ALA B 227 -25.42 -12.60 36.18
C ALA B 227 -24.38 -13.70 36.14
N GLN B 228 -23.89 -14.09 37.33
CA GLN B 228 -22.82 -15.09 37.45
C GLN B 228 -23.44 -16.47 37.55
N VAL B 229 -23.86 -16.98 36.40
CA VAL B 229 -24.46 -18.31 36.32
C VAL B 229 -23.43 -19.35 36.71
N ASP B 230 -23.78 -20.21 37.67
CA ASP B 230 -22.88 -21.20 38.24
C ASP B 230 -23.04 -22.59 37.61
N LEU B 231 -23.87 -22.71 36.57
CA LEU B 231 -23.98 -23.99 35.88
C LEU B 231 -22.63 -24.38 35.31
N PRO B 232 -22.26 -25.65 35.37
CA PRO B 232 -21.01 -26.08 34.74
C PRO B 232 -21.08 -25.89 33.23
N GLY B 233 -19.94 -25.53 32.64
CA GLY B 233 -19.83 -25.48 31.19
C GLY B 233 -20.10 -26.82 30.54
N LEU B 234 -19.90 -27.91 31.27
CA LEU B 234 -20.16 -29.26 30.77
C LEU B 234 -21.00 -29.98 31.82
N SER B 235 -22.28 -30.20 31.51
CA SER B 235 -23.23 -30.84 32.41
C SER B 235 -23.11 -32.35 32.35
N GLU B 236 -23.87 -33.01 33.22
CA GLU B 236 -23.85 -34.47 33.28
C GLU B 236 -24.40 -35.08 32.01
N GLN B 237 -25.44 -34.47 31.44
CA GLN B 237 -25.99 -34.97 30.18
C GLN B 237 -25.07 -34.63 29.02
N ASP B 238 -24.33 -33.53 29.11
CA ASP B 238 -23.42 -33.19 28.02
C ASP B 238 -22.33 -34.25 27.87
N VAL B 239 -21.77 -34.74 28.99
CA VAL B 239 -20.79 -35.83 28.88
C VAL B 239 -21.42 -37.02 28.19
N ARG B 240 -22.67 -37.33 28.54
CA ARG B 240 -23.38 -38.42 27.88
C ARG B 240 -23.52 -38.14 26.39
N ASP B 241 -23.93 -36.93 26.04
CA ASP B 241 -24.08 -36.59 24.63
C ASP B 241 -22.76 -36.70 23.88
N LEU B 242 -21.68 -36.19 24.47
CA LEU B 242 -20.38 -36.29 23.81
C LEU B 242 -19.99 -37.75 23.60
N ARG B 243 -20.22 -38.60 24.60
CA ARG B 243 -19.80 -39.99 24.47
C ARG B 243 -20.64 -40.70 23.41
N PHE B 244 -21.92 -40.34 23.33
CA PHE B 244 -22.76 -40.74 22.21
C PHE B 244 -22.07 -40.44 20.87
N GLY B 245 -21.65 -39.19 20.67
CA GLY B 245 -21.05 -38.81 19.39
C GLY B 245 -19.79 -39.60 19.08
N VAL B 246 -18.96 -39.84 20.09
CA VAL B 246 -17.78 -40.67 19.87
C VAL B 246 -18.20 -42.04 19.40
N GLU B 247 -19.20 -42.62 20.06
CA GLU B 247 -19.61 -43.99 19.79
C GLU B 247 -20.50 -44.12 18.56
N HIS B 248 -20.92 -43.01 17.96
CA HIS B 248 -21.60 -43.03 16.67
C HIS B 248 -20.76 -42.38 15.57
N GLY B 249 -19.57 -41.88 15.90
CA GLY B 249 -18.61 -41.45 14.89
C GLY B 249 -18.80 -40.04 14.35
N VAL B 250 -19.27 -39.10 15.17
CA VAL B 250 -19.39 -37.73 14.71
C VAL B 250 -18.00 -37.19 14.38
N ASP B 251 -17.95 -36.24 13.44
CA ASP B 251 -16.70 -35.64 13.04
C ASP B 251 -16.37 -34.33 13.76
N ILE B 252 -17.38 -33.60 14.21
CA ILE B 252 -17.19 -32.25 14.75
C ILE B 252 -18.09 -32.09 15.97
N VAL B 253 -17.58 -31.40 16.99
CA VAL B 253 -18.36 -30.99 18.14
C VAL B 253 -18.41 -29.47 18.11
N PHE B 254 -19.62 -28.91 18.17
CA PHE B 254 -19.81 -27.48 18.40
C PHE B 254 -20.09 -27.32 19.89
N ALA B 255 -19.15 -26.74 20.62
CA ALA B 255 -19.21 -26.69 22.07
C ALA B 255 -19.85 -25.37 22.48
N SER B 256 -21.00 -25.45 23.13
CA SER B 256 -21.80 -24.26 23.38
C SER B 256 -21.33 -23.51 24.62
N PHE B 257 -21.45 -22.19 24.55
CA PHE B 257 -21.22 -21.30 25.68
C PHE B 257 -19.81 -21.43 26.26
N VAL B 258 -18.82 -21.62 25.38
CA VAL B 258 -17.43 -21.69 25.80
C VAL B 258 -16.98 -20.30 26.29
N ARG B 259 -16.47 -20.25 27.53
CA ARG B 259 -16.06 -19.01 28.17
C ARG B 259 -14.56 -18.92 28.42
N LYS B 260 -13.85 -20.05 28.40
CA LYS B 260 -12.45 -20.03 28.81
C LYS B 260 -11.78 -21.28 28.28
N ALA B 261 -10.44 -21.24 28.29
CA ALA B 261 -9.65 -22.34 27.78
C ALA B 261 -9.97 -23.64 28.50
N SER B 262 -10.31 -23.58 29.79
CA SER B 262 -10.58 -24.81 30.53
C SER B 262 -11.92 -25.42 30.13
N ASP B 263 -12.81 -24.65 29.50
CA ASP B 263 -14.04 -25.22 28.97
C ASP B 263 -13.76 -26.10 27.77
N VAL B 264 -12.73 -25.78 26.97
CA VAL B 264 -12.36 -26.62 25.84
C VAL B 264 -11.71 -27.91 26.33
N ALA B 265 -10.89 -27.80 27.38
CA ALA B 265 -10.25 -28.98 27.96
C ALA B 265 -11.27 -29.99 28.46
N ALA B 266 -12.31 -29.51 29.15
CA ALA B 266 -13.36 -30.41 29.64
C ALA B 266 -14.00 -31.17 28.49
N VAL B 267 -14.28 -30.48 27.39
CA VAL B 267 -14.83 -31.14 26.20
C VAL B 267 -13.84 -32.16 25.66
N ARG B 268 -12.55 -31.84 25.71
CA ARG B 268 -11.54 -32.76 25.20
C ARG B 268 -11.49 -34.02 26.07
N ALA B 269 -11.47 -33.82 27.39
CA ALA B 269 -11.46 -34.96 28.33
C ALA B 269 -12.71 -35.80 28.16
N ALA B 270 -13.86 -35.14 28.09
CA ALA B 270 -15.12 -35.87 27.92
C ALA B 270 -15.07 -36.78 26.70
N LEU B 271 -14.44 -36.32 25.61
CA LEU B 271 -14.41 -37.16 24.41
C LEU B 271 -13.41 -38.30 24.58
N GLY B 272 -12.39 -38.10 25.42
CA GLY B 272 -11.46 -39.15 25.75
C GLY B 272 -10.57 -39.59 24.61
N PRO B 273 -9.68 -40.54 24.90
CA PRO B 273 -8.74 -41.04 23.88
C PRO B 273 -9.41 -41.53 22.61
N GLU B 274 -10.61 -42.10 22.71
CA GLU B 274 -11.24 -42.59 21.49
C GLU B 274 -11.76 -41.46 20.63
N GLY B 275 -11.91 -40.26 21.19
CA GLY B 275 -12.39 -39.13 20.42
C GLY B 275 -11.33 -38.09 20.10
N HIS B 276 -10.04 -38.48 20.13
CA HIS B 276 -8.97 -37.53 19.88
C HIS B 276 -9.05 -36.93 18.48
N GLY B 277 -9.64 -37.65 17.52
CA GLY B 277 -9.66 -37.13 16.17
C GLY B 277 -10.79 -36.17 15.85
N ILE B 278 -11.59 -35.78 16.84
CA ILE B 278 -12.81 -35.02 16.61
C ILE B 278 -12.51 -33.53 16.81
N LYS B 279 -12.90 -32.74 15.81
CA LYS B 279 -12.66 -31.31 15.84
C LYS B 279 -13.63 -30.60 16.81
N ILE B 280 -13.08 -29.73 17.64
CA ILE B 280 -13.86 -28.98 18.63
C ILE B 280 -13.94 -27.54 18.16
N ILE B 281 -15.11 -27.14 17.70
CA ILE B 281 -15.41 -25.76 17.38
C ILE B 281 -16.01 -25.13 18.62
N SER B 282 -15.33 -24.14 19.17
CA SER B 282 -15.88 -23.42 20.30
C SER B 282 -16.88 -22.36 19.85
N LYS B 283 -18.08 -22.38 20.43
CA LYS B 283 -19.09 -21.36 20.17
C LYS B 283 -18.91 -20.18 21.12
N ILE B 284 -18.77 -18.99 20.57
CA ILE B 284 -18.62 -17.77 21.36
C ILE B 284 -19.98 -17.12 21.42
N GLU B 285 -20.50 -16.98 22.64
CA GLU B 285 -21.91 -16.72 22.83
C GLU B 285 -22.18 -15.65 23.86
N ASN B 286 -21.15 -15.05 24.45
CA ASN B 286 -21.38 -14.03 25.48
C ASN B 286 -20.15 -13.16 25.62
N HIS B 287 -20.26 -12.16 26.50
CA HIS B 287 -19.22 -11.14 26.65
C HIS B 287 -17.90 -11.78 27.11
N GLU B 288 -17.96 -12.71 28.06
CA GLU B 288 -16.76 -13.39 28.53
C GLU B 288 -16.02 -14.11 27.40
N GLY B 289 -16.76 -14.90 26.59
CA GLY B 289 -16.12 -15.61 25.49
C GLY B 289 -15.48 -14.67 24.48
N VAL B 290 -16.09 -13.49 24.27
CA VAL B 290 -15.51 -12.53 23.34
C VAL B 290 -14.22 -11.96 23.92
N LYS B 291 -14.22 -11.61 25.21
CA LYS B 291 -13.04 -10.99 25.80
C LYS B 291 -11.94 -12.02 26.07
N ARG B 292 -12.29 -13.27 26.38
CA ARG B 292 -11.29 -14.32 26.50
C ARG B 292 -11.07 -15.06 25.18
N PHE B 293 -11.17 -14.35 24.05
CA PHE B 293 -11.21 -15.02 22.76
C PHE B 293 -9.89 -15.71 22.44
N ASP B 294 -8.76 -14.99 22.59
CA ASP B 294 -7.49 -15.54 22.13
C ASP B 294 -7.15 -16.87 22.82
N GLU B 295 -7.40 -16.96 24.12
CA GLU B 295 -7.09 -18.21 24.83
C GLU B 295 -8.04 -19.32 24.43
N ILE B 296 -9.26 -18.99 23.99
CA ILE B 296 -10.17 -20.02 23.51
C ILE B 296 -9.73 -20.52 22.14
N LEU B 297 -9.33 -19.60 21.25
CA LEU B 297 -8.91 -20.03 19.91
C LEU B 297 -7.67 -20.93 19.99
N GLU B 298 -6.74 -20.59 20.88
CA GLU B 298 -5.45 -21.28 20.96
C GLU B 298 -5.64 -22.78 21.14
N VAL B 299 -6.62 -23.18 21.95
CA VAL B 299 -6.85 -24.60 22.20
C VAL B 299 -8.02 -25.18 21.42
N SER B 300 -8.73 -24.38 20.63
CA SER B 300 -9.79 -24.95 19.80
C SER B 300 -9.29 -25.21 18.39
N ASP B 301 -10.04 -26.04 17.66
CA ASP B 301 -9.79 -26.21 16.24
C ASP B 301 -10.40 -25.11 15.40
N GLY B 302 -11.44 -24.46 15.89
CA GLY B 302 -12.09 -23.38 15.16
C GLY B 302 -13.11 -22.70 16.03
N ILE B 303 -13.91 -21.83 15.42
CA ILE B 303 -14.78 -20.92 16.16
C ILE B 303 -16.15 -20.86 15.49
N MET B 304 -17.21 -20.77 16.29
CA MET B 304 -18.51 -20.35 15.80
C MET B 304 -18.88 -19.03 16.43
N VAL B 305 -19.21 -18.04 15.60
CA VAL B 305 -19.76 -16.77 16.06
C VAL B 305 -21.26 -17.01 16.20
N ALA B 306 -21.73 -17.17 17.43
CA ALA B 306 -23.09 -17.63 17.70
C ALA B 306 -23.92 -16.40 17.99
N ARG B 307 -24.42 -15.79 16.91
CA ARG B 307 -25.01 -14.46 17.00
C ARG B 307 -26.33 -14.45 17.76
N GLY B 308 -27.03 -15.59 17.83
CA GLY B 308 -28.30 -15.64 18.54
C GLY B 308 -28.08 -15.27 19.99
N ASP B 309 -27.49 -16.19 20.75
CA ASP B 309 -27.17 -15.89 22.14
C ASP B 309 -26.35 -14.61 22.27
N LEU B 310 -25.41 -14.38 21.34
CA LEU B 310 -24.50 -13.24 21.46
C LEU B 310 -25.25 -11.92 21.43
N GLY B 311 -26.26 -11.82 20.56
CA GLY B 311 -27.06 -10.61 20.47
C GLY B 311 -28.05 -10.41 21.60
N ILE B 312 -28.28 -11.42 22.41
CA ILE B 312 -28.97 -11.16 23.66
C ILE B 312 -27.98 -10.81 24.76
N GLU B 313 -26.79 -11.41 24.76
CA GLU B 313 -25.86 -11.20 25.86
C GLU B 313 -25.19 -9.82 25.80
N ILE B 314 -24.85 -9.34 24.61
CA ILE B 314 -24.27 -8.00 24.43
C ILE B 314 -25.27 -7.17 23.62
N PRO B 315 -25.13 -5.83 23.52
CA PRO B 315 -26.08 -5.07 22.70
C PRO B 315 -26.05 -5.52 21.24
N ALA B 316 -27.23 -5.53 20.62
CA ALA B 316 -27.37 -6.06 19.27
C ALA B 316 -26.56 -5.26 18.25
N GLU B 317 -26.47 -3.94 18.41
CA GLU B 317 -25.69 -3.12 17.50
C GLU B 317 -24.19 -3.34 17.63
N LYS B 318 -23.73 -4.25 18.50
CA LYS B 318 -22.31 -4.55 18.60
C LYS B 318 -21.92 -5.91 18.05
N VAL B 319 -22.88 -6.76 17.69
CA VAL B 319 -22.53 -8.13 17.29
C VAL B 319 -21.58 -8.11 16.09
N PHE B 320 -21.85 -7.24 15.12
CA PHE B 320 -21.03 -7.23 13.89
C PHE B 320 -19.55 -6.94 14.20
N LEU B 321 -19.28 -6.04 15.14
CA LEU B 321 -17.91 -5.86 15.66
C LEU B 321 -17.35 -7.18 16.17
N ALA B 322 -18.09 -7.87 17.03
CA ALA B 322 -17.65 -9.17 17.52
C ALA B 322 -17.44 -10.15 16.36
N GLN B 323 -18.36 -10.14 15.39
CA GLN B 323 -18.20 -11.02 14.24
C GLN B 323 -16.94 -10.66 13.44
N LYS B 324 -16.77 -9.37 13.10
CA LYS B 324 -15.64 -9.02 12.24
C LYS B 324 -14.30 -9.23 12.96
N MET B 325 -14.25 -8.99 14.28
CA MET B 325 -13.02 -9.27 15.04
C MET B 325 -12.67 -10.76 15.02
N MET B 326 -13.62 -11.62 15.38
CA MET B 326 -13.28 -13.04 15.52
C MET B 326 -12.89 -13.66 14.18
N ILE B 327 -13.59 -13.25 13.11
CA ILE B 327 -13.27 -13.77 11.78
C ILE B 327 -11.89 -13.27 11.35
N GLY B 328 -11.61 -11.97 11.59
CA GLY B 328 -10.24 -11.49 11.37
C GLY B 328 -9.19 -12.29 12.10
N ARG B 329 -9.41 -12.56 13.39
CA ARG B 329 -8.39 -13.25 14.18
C ARG B 329 -8.30 -14.73 13.83
N CYS B 330 -9.42 -15.33 13.41
CA CYS B 330 -9.37 -16.71 12.93
C CYS B 330 -8.67 -16.80 11.58
N ASN B 331 -8.88 -15.79 10.74
CA ASN B 331 -8.19 -15.75 9.45
C ASN B 331 -6.71 -15.66 9.69
N LEU B 332 -6.31 -14.78 10.62
CA LEU B 332 -4.90 -14.59 10.93
C LEU B 332 -4.29 -15.89 11.43
N ALA B 333 -4.98 -16.56 12.36
CA ALA B 333 -4.48 -17.80 12.95
C ALA B 333 -4.60 -18.99 12.02
N GLY B 334 -5.37 -18.88 10.93
CA GLY B 334 -5.55 -20.02 10.05
C GLY B 334 -6.52 -21.05 10.59
N LYS B 335 -7.51 -20.64 11.37
CA LYS B 335 -8.40 -21.68 11.84
C LYS B 335 -9.83 -21.38 11.43
N PRO B 336 -10.65 -22.43 11.19
CA PRO B 336 -11.98 -22.22 10.62
C PRO B 336 -12.86 -21.38 11.52
N VAL B 337 -13.68 -20.55 10.90
CA VAL B 337 -14.62 -19.74 11.64
C VAL B 337 -15.98 -19.89 10.97
N VAL B 338 -17.01 -20.12 11.78
CA VAL B 338 -18.39 -20.32 11.35
C VAL B 338 -19.20 -19.10 11.75
N CYS B 339 -19.95 -18.54 10.80
CA CYS B 339 -20.90 -17.47 11.13
C CYS B 339 -22.28 -18.08 11.16
N ALA B 340 -23.05 -17.81 12.23
CA ALA B 340 -24.30 -18.54 12.39
C ALA B 340 -25.44 -17.65 12.85
N THR B 341 -26.66 -18.08 12.51
CA THR B 341 -27.93 -17.72 13.15
C THR B 341 -28.64 -16.55 12.47
N GLN B 342 -29.86 -16.81 12.02
CA GLN B 342 -30.77 -15.83 11.39
C GLN B 342 -30.21 -15.29 10.08
N MET B 343 -29.37 -16.08 9.42
CA MET B 343 -28.83 -15.63 8.15
C MET B 343 -29.91 -15.48 7.09
N LEU B 344 -30.89 -16.40 7.04
CA LEU B 344 -31.98 -16.33 6.09
C LEU B 344 -33.29 -16.59 6.79
N GLU B 345 -33.48 -15.87 7.91
CA GLU B 345 -34.52 -16.18 8.89
C GLU B 345 -35.92 -16.19 8.28
N SER B 346 -36.21 -15.23 7.41
CA SER B 346 -37.55 -15.12 6.86
C SER B 346 -37.92 -16.35 6.03
N MET B 347 -36.93 -17.03 5.43
CA MET B 347 -37.17 -18.22 4.62
C MET B 347 -37.68 -19.40 5.43
N ILE B 348 -37.80 -19.26 6.75
CA ILE B 348 -38.63 -20.16 7.54
C ILE B 348 -40.06 -20.19 6.98
N THR B 349 -40.58 -19.00 6.68
CA THR B 349 -41.96 -18.81 6.24
C THR B 349 -42.08 -18.48 4.76
N LYS B 350 -41.10 -17.78 4.17
CA LYS B 350 -41.27 -17.32 2.80
C LYS B 350 -40.28 -18.00 1.87
N PRO B 351 -40.60 -18.10 0.57
CA PRO B 351 -39.67 -18.77 -0.35
C PRO B 351 -38.50 -17.89 -0.77
N ARG B 352 -38.55 -16.59 -0.50
CA ARG B 352 -37.47 -15.69 -0.86
C ARG B 352 -37.01 -14.91 0.37
N PRO B 353 -35.72 -14.62 0.45
CA PRO B 353 -35.19 -13.91 1.61
C PRO B 353 -35.35 -12.40 1.45
N THR B 354 -35.23 -11.70 2.58
CA THR B 354 -35.19 -10.25 2.56
C THR B 354 -33.86 -9.75 1.98
N ARG B 355 -33.83 -8.46 1.66
CA ARG B 355 -32.60 -7.86 1.14
C ARG B 355 -31.52 -7.87 2.21
N ALA B 356 -31.89 -7.62 3.46
CA ALA B 356 -30.92 -7.66 4.54
C ALA B 356 -30.36 -9.06 4.69
N GLU B 357 -31.16 -10.09 4.38
CA GLU B 357 -30.67 -11.44 4.62
C GLU B 357 -29.65 -11.86 3.58
N THR B 358 -29.87 -11.53 2.30
CA THR B 358 -28.84 -11.84 1.31
C THR B 358 -27.60 -10.98 1.55
N SER B 359 -27.77 -9.72 1.94
CA SER B 359 -26.63 -8.87 2.27
C SER B 359 -25.77 -9.52 3.34
N ASP B 360 -26.43 -10.10 4.34
CA ASP B 360 -25.77 -10.64 5.52
C ASP B 360 -24.90 -11.84 5.15
N VAL B 361 -25.43 -12.75 4.33
CA VAL B 361 -24.66 -13.90 3.89
C VAL B 361 -23.48 -13.45 3.06
N ALA B 362 -23.70 -12.53 2.13
CA ALA B 362 -22.62 -12.05 1.29
C ALA B 362 -21.50 -11.46 2.15
N ASN B 363 -21.87 -10.65 3.14
CA ASN B 363 -20.89 -9.92 3.94
C ASN B 363 -20.13 -10.82 4.91
N ALA B 364 -20.72 -11.93 5.36
CA ALA B 364 -19.97 -12.93 6.11
C ALA B 364 -18.94 -13.64 5.22
N VAL B 365 -19.29 -13.92 3.97
CA VAL B 365 -18.31 -14.46 3.04
C VAL B 365 -17.21 -13.42 2.77
N LEU B 366 -17.61 -12.18 2.52
CA LEU B 366 -16.57 -11.16 2.35
C LEU B 366 -15.78 -10.92 3.63
N ASP B 367 -16.37 -11.12 4.81
CA ASP B 367 -15.61 -10.95 6.05
C ASP B 367 -14.46 -11.98 6.15
N GLY B 368 -14.60 -13.13 5.46
CA GLY B 368 -13.63 -14.19 5.56
C GLY B 368 -14.08 -15.43 6.31
N ALA B 369 -15.38 -15.61 6.53
CA ALA B 369 -15.87 -16.79 7.21
C ALA B 369 -15.66 -18.05 6.36
N ASP B 370 -15.27 -19.14 7.01
CA ASP B 370 -15.10 -20.43 6.34
C ASP B 370 -16.43 -21.12 6.11
N CYS B 371 -17.37 -21.01 7.06
CA CYS B 371 -18.66 -21.68 6.98
C CYS B 371 -19.76 -20.69 7.32
N ILE B 372 -20.93 -20.93 6.72
CA ILE B 372 -22.17 -20.24 7.10
C ILE B 372 -23.18 -21.30 7.50
N MET B 373 -24.14 -20.91 8.33
CA MET B 373 -25.05 -21.84 8.96
C MET B 373 -26.50 -21.44 8.71
N LEU B 374 -27.33 -22.46 8.62
CA LEU B 374 -28.78 -22.33 8.72
C LEU B 374 -29.26 -23.12 9.93
N SER B 375 -30.23 -22.56 10.66
CA SER B 375 -30.78 -23.21 11.85
C SER B 375 -32.21 -23.56 11.57
N GLY B 376 -33.20 -22.79 12.05
CA GLY B 376 -34.60 -23.04 11.76
C GLY B 376 -34.92 -23.13 10.28
N GLU B 377 -34.13 -22.45 9.43
CA GLU B 377 -34.40 -22.44 8.00
C GLU B 377 -34.35 -23.84 7.41
N THR B 378 -33.53 -24.74 7.96
CA THR B 378 -33.57 -26.11 7.49
C THR B 378 -34.16 -27.07 8.52
N ALA B 379 -34.22 -26.67 9.79
CA ALA B 379 -34.66 -27.59 10.83
C ALA B 379 -36.19 -27.73 10.82
N LYS B 380 -36.90 -26.62 10.62
CA LYS B 380 -38.34 -26.63 10.78
C LYS B 380 -39.11 -25.75 9.80
N GLY B 381 -38.44 -25.01 8.91
CA GLY B 381 -39.17 -24.16 8.00
C GLY B 381 -39.69 -24.91 6.81
N ASN B 382 -40.51 -24.24 6.01
CA ASN B 382 -41.14 -24.85 4.86
C ASN B 382 -40.30 -24.81 3.61
N PHE B 383 -39.09 -24.24 3.65
CA PHE B 383 -38.27 -24.20 2.43
C PHE B 383 -36.82 -24.59 2.68
N PRO B 384 -36.55 -25.74 3.28
CA PRO B 384 -35.16 -26.03 3.68
C PRO B 384 -34.21 -26.17 2.49
N VAL B 385 -34.66 -26.81 1.41
CA VAL B 385 -33.77 -26.98 0.26
C VAL B 385 -33.55 -25.65 -0.44
N GLU B 386 -34.58 -24.80 -0.48
CA GLU B 386 -34.42 -23.48 -1.10
C GLU B 386 -33.46 -22.60 -0.30
N ALA B 387 -33.43 -22.77 1.02
CA ALA B 387 -32.53 -21.97 1.84
C ALA B 387 -31.08 -22.32 1.55
N VAL B 388 -30.77 -23.63 1.48
CA VAL B 388 -29.44 -24.07 1.13
C VAL B 388 -29.07 -23.56 -0.26
N LYS B 389 -29.96 -23.74 -1.24
CA LYS B 389 -29.74 -23.16 -2.57
C LYS B 389 -29.39 -21.70 -2.46
N MET B 390 -30.15 -20.95 -1.67
CA MET B 390 -29.94 -19.52 -1.60
C MET B 390 -28.55 -19.22 -1.06
N GLN B 391 -28.15 -19.93 0.00
CA GLN B 391 -26.82 -19.68 0.56
C GLN B 391 -25.73 -20.03 -0.45
N HIS B 392 -25.93 -21.11 -1.22
CA HIS B 392 -24.96 -21.49 -2.23
C HIS B 392 -24.81 -20.40 -3.29
N ALA B 393 -25.92 -19.85 -3.76
CA ALA B 393 -25.87 -18.85 -4.82
C ALA B 393 -25.25 -17.54 -4.32
N ILE B 394 -25.59 -17.12 -3.09
CA ILE B 394 -24.99 -15.89 -2.60
C ILE B 394 -23.50 -16.08 -2.37
N ALA B 395 -23.10 -17.25 -1.88
CA ALA B 395 -21.70 -17.43 -1.54
C ALA B 395 -20.82 -17.40 -2.80
N ARG B 396 -21.31 -17.94 -3.93
CA ARG B 396 -20.47 -17.97 -5.14
C ARG B 396 -20.18 -16.56 -5.63
N GLU B 397 -21.17 -15.68 -5.60
CA GLU B 397 -20.97 -14.30 -6.02
C GLU B 397 -20.04 -13.55 -5.08
N ALA B 398 -20.17 -13.82 -3.77
CA ALA B 398 -19.40 -13.04 -2.80
C ALA B 398 -17.94 -13.47 -2.83
N GLU B 399 -17.70 -14.77 -3.00
CA GLU B 399 -16.33 -15.27 -3.07
C GLU B 399 -15.59 -14.65 -4.24
N ALA B 400 -16.29 -14.44 -5.35
CA ALA B 400 -15.65 -13.81 -6.51
C ALA B 400 -15.30 -12.34 -6.24
N ALA B 401 -16.00 -11.70 -5.30
CA ALA B 401 -15.86 -10.27 -5.07
C ALA B 401 -14.91 -9.97 -3.93
N VAL B 402 -14.20 -10.98 -3.45
CA VAL B 402 -13.16 -10.74 -2.46
C VAL B 402 -11.98 -10.04 -3.12
N TYR B 403 -11.43 -9.04 -2.44
CA TYR B 403 -10.27 -8.32 -2.97
C TYR B 403 -9.02 -9.12 -2.61
N HIS B 404 -8.78 -10.20 -3.37
CA HIS B 404 -7.68 -11.14 -3.11
C HIS B 404 -6.33 -10.44 -3.08
N ARG B 405 -6.18 -9.35 -3.85
CA ARG B 405 -4.88 -8.68 -3.94
C ARG B 405 -4.40 -8.24 -2.56
N GLN B 406 -5.24 -7.47 -1.84
CA GLN B 406 -4.84 -7.02 -0.51
C GLN B 406 -4.95 -8.15 0.51
N LEU B 407 -5.87 -9.10 0.32
CA LEU B 407 -6.01 -10.16 1.31
C LEU B 407 -4.78 -11.07 1.32
N PHE B 408 -4.30 -11.45 0.15
CA PHE B 408 -3.13 -12.32 0.10
C PHE B 408 -1.89 -11.61 0.62
N GLU B 409 -1.66 -10.38 0.14
CA GLU B 409 -0.53 -9.62 0.64
C GLU B 409 -0.56 -9.50 2.16
N GLU B 410 -1.74 -9.31 2.74
CA GLU B 410 -1.79 -9.16 4.19
C GLU B 410 -1.66 -10.51 4.90
N LEU B 411 -2.17 -11.58 4.30
CA LEU B 411 -1.99 -12.89 4.94
C LEU B 411 -0.54 -13.31 4.92
N ARG B 412 0.21 -12.89 3.89
CA ARG B 412 1.62 -13.17 3.79
C ARG B 412 2.40 -12.48 4.90
N ARG B 413 2.21 -11.16 5.02
CA ARG B 413 2.98 -10.36 5.99
C ARG B 413 2.67 -10.76 7.42
N ALA B 414 1.44 -11.14 7.71
CA ALA B 414 1.06 -11.44 9.09
C ALA B 414 1.44 -12.85 9.52
N ALA B 415 1.61 -13.75 8.57
CA ALA B 415 2.03 -15.11 8.89
C ALA B 415 3.52 -15.15 9.21
N PRO B 416 3.91 -15.66 10.37
CA PRO B 416 5.33 -15.65 10.72
C PRO B 416 6.15 -16.58 9.84
N LEU B 417 7.45 -16.31 9.81
CA LEU B 417 8.39 -17.19 9.14
C LEU B 417 8.25 -18.61 9.69
N SER B 418 8.61 -19.60 8.87
CA SER B 418 8.42 -20.98 9.27
C SER B 418 9.47 -21.86 8.62
N ARG B 419 9.81 -22.96 9.29
CA ARG B 419 10.73 -23.95 8.77
C ARG B 419 10.07 -25.29 8.56
N ASP B 420 8.76 -25.36 8.74
CA ASP B 420 7.98 -26.55 8.39
C ASP B 420 7.83 -26.62 6.89
N PRO B 421 8.31 -27.68 6.23
CA PRO B 421 8.19 -27.74 4.76
C PRO B 421 6.75 -27.70 4.27
N THR B 422 5.79 -28.15 5.07
CA THR B 422 4.39 -28.13 4.62
C THR B 422 3.90 -26.70 4.45
N GLU B 423 4.19 -25.83 5.41
CA GLU B 423 3.76 -24.45 5.26
C GLU B 423 4.53 -23.74 4.14
N VAL B 424 5.80 -24.09 3.93
CA VAL B 424 6.60 -23.41 2.92
C VAL B 424 6.12 -23.80 1.53
N THR B 425 5.94 -25.10 1.30
CA THR B 425 5.35 -25.57 0.05
C THR B 425 3.99 -24.94 -0.19
N ALA B 426 3.24 -24.70 0.89
CA ALA B 426 1.88 -24.22 0.76
C ALA B 426 1.85 -22.78 0.24
N ILE B 427 2.71 -21.91 0.79
CA ILE B 427 2.67 -20.53 0.31
C ILE B 427 3.27 -20.44 -1.08
N GLY B 428 4.27 -21.28 -1.37
CA GLY B 428 4.77 -21.39 -2.73
C GLY B 428 3.69 -21.75 -3.73
N ALA B 429 2.82 -22.70 -3.36
CA ALA B 429 1.83 -23.19 -4.32
C ALA B 429 0.73 -22.17 -4.55
N VAL B 430 0.33 -21.47 -3.49
CA VAL B 430 -0.68 -20.42 -3.64
C VAL B 430 -0.13 -19.24 -4.44
N GLU B 431 1.11 -18.82 -4.18
CA GLU B 431 1.71 -17.78 -5.02
C GLU B 431 1.77 -18.24 -6.48
N ALA B 432 2.08 -19.52 -6.70
CA ALA B 432 2.11 -20.07 -8.04
C ALA B 432 0.72 -20.10 -8.67
N ALA B 433 -0.31 -20.38 -7.86
CA ALA B 433 -1.65 -20.47 -8.41
C ALA B 433 -2.15 -19.12 -8.90
N PHE B 434 -1.87 -18.05 -8.12
CA PHE B 434 -2.24 -16.71 -8.57
C PHE B 434 -1.50 -16.31 -9.86
N LYS B 435 -0.25 -16.78 -10.03
CA LYS B 435 0.54 -16.39 -11.19
C LYS B 435 -0.05 -16.90 -12.50
N CYS B 436 -0.60 -18.11 -12.52
CA CYS B 436 -1.12 -18.67 -13.76
C CYS B 436 -2.63 -18.71 -13.79
N CYS B 437 -3.28 -18.08 -12.83
CA CYS B 437 -4.71 -18.22 -12.61
C CYS B 437 -5.12 -19.69 -12.65
N ALA B 438 -4.46 -20.49 -11.83
CA ALA B 438 -4.68 -21.93 -11.84
C ALA B 438 -6.12 -22.25 -11.48
N ALA B 439 -6.67 -23.27 -12.12
CA ALA B 439 -8.04 -23.60 -11.79
C ALA B 439 -8.13 -24.28 -10.43
N ALA B 440 -7.07 -24.97 -10.01
CA ALA B 440 -7.14 -25.66 -8.73
C ALA B 440 -5.73 -25.97 -8.25
N ILE B 441 -5.65 -26.34 -6.97
CA ILE B 441 -4.43 -26.81 -6.32
C ILE B 441 -4.77 -28.17 -5.74
N ILE B 442 -4.26 -29.23 -6.36
CA ILE B 442 -4.53 -30.59 -5.92
C ILE B 442 -3.50 -30.97 -4.87
N VAL B 443 -3.98 -31.37 -3.69
CA VAL B 443 -3.10 -31.71 -2.58
C VAL B 443 -3.46 -33.08 -2.04
N LEU B 444 -2.45 -33.90 -1.76
CA LEU B 444 -2.64 -35.20 -1.10
C LEU B 444 -2.50 -35.02 0.40
N THR B 445 -3.45 -35.54 1.16
CA THR B 445 -3.36 -35.30 2.58
C THR B 445 -3.97 -36.46 3.33
N THR B 446 -3.35 -36.81 4.47
CA THR B 446 -3.82 -37.89 5.31
C THR B 446 -4.83 -37.38 6.32
N THR B 447 -4.50 -36.29 7.01
CA THR B 447 -5.36 -35.73 8.04
C THR B 447 -6.06 -34.44 7.61
N GLY B 448 -5.72 -33.88 6.46
CA GLY B 448 -6.25 -32.61 6.06
C GLY B 448 -5.32 -31.43 6.29
N ARG B 449 -4.24 -31.62 7.06
CA ARG B 449 -3.42 -30.47 7.46
C ARG B 449 -2.79 -29.76 6.26
N SER B 450 -2.26 -30.52 5.30
CA SER B 450 -1.70 -29.89 4.10
C SER B 450 -2.74 -29.02 3.39
N ALA B 451 -4.00 -29.48 3.35
CA ALA B 451 -5.06 -28.72 2.70
C ALA B 451 -5.44 -27.47 3.49
N GLN B 452 -5.49 -27.58 4.82
CA GLN B 452 -5.80 -26.42 5.66
C GLN B 452 -4.74 -25.33 5.52
N LEU B 453 -3.46 -25.72 5.41
CA LEU B 453 -2.40 -24.72 5.27
C LEU B 453 -2.48 -24.01 3.92
N LEU B 454 -2.93 -24.71 2.88
CA LEU B 454 -3.26 -24.02 1.64
C LEU B 454 -4.44 -23.07 1.84
N SER B 455 -5.50 -23.59 2.46
CA SER B 455 -6.74 -22.83 2.65
C SER B 455 -6.50 -21.51 3.38
N ARG B 456 -5.53 -21.45 4.29
CA ARG B 456 -5.39 -20.22 5.07
C ARG B 456 -4.76 -19.05 4.31
N TYR B 457 -4.17 -19.28 3.14
CA TYR B 457 -3.77 -18.13 2.31
C TYR B 457 -4.86 -17.73 1.32
N ARG B 458 -6.05 -18.31 1.42
CA ARG B 458 -7.21 -17.94 0.62
C ARG B 458 -6.94 -17.89 -0.89
N PRO B 459 -6.47 -18.97 -1.47
CA PRO B 459 -6.30 -18.98 -2.93
C PRO B 459 -7.62 -18.77 -3.62
N ARG B 460 -7.57 -18.17 -4.80
CA ARG B 460 -8.79 -18.18 -5.60
C ARG B 460 -9.02 -19.53 -6.24
N ALA B 461 -7.94 -20.25 -6.60
CA ALA B 461 -8.09 -21.61 -7.11
C ALA B 461 -8.68 -22.54 -6.04
N ALA B 462 -9.51 -23.45 -6.48
CA ALA B 462 -10.06 -24.48 -5.62
C ALA B 462 -8.96 -25.41 -5.10
N VAL B 463 -8.98 -25.69 -3.80
CA VAL B 463 -8.05 -26.65 -3.21
C VAL B 463 -8.77 -28.01 -3.17
N ILE B 464 -8.33 -28.94 -4.02
CA ILE B 464 -8.97 -30.25 -4.18
C ILE B 464 -8.16 -31.27 -3.38
N ALA B 465 -8.66 -31.68 -2.22
CA ALA B 465 -7.93 -32.53 -1.29
C ALA B 465 -8.26 -33.99 -1.53
N VAL B 466 -7.25 -34.79 -1.90
CA VAL B 466 -7.43 -36.22 -2.11
C VAL B 466 -6.94 -36.93 -0.86
N THR B 467 -7.80 -37.77 -0.30
CA THR B 467 -7.48 -38.46 0.94
C THR B 467 -8.11 -39.84 0.93
N ARG B 468 -7.50 -40.76 1.67
CA ARG B 468 -8.09 -42.05 1.98
C ARG B 468 -8.88 -42.01 3.27
N SER B 469 -8.66 -40.99 4.10
CA SER B 469 -9.37 -40.86 5.38
C SER B 469 -10.78 -40.33 5.13
N ALA B 470 -11.78 -41.16 5.42
CA ALA B 470 -13.16 -40.73 5.29
C ALA B 470 -13.47 -39.60 6.25
N GLN B 471 -12.99 -39.70 7.49
CA GLN B 471 -13.23 -38.64 8.47
C GLN B 471 -12.49 -37.37 8.10
N ALA B 472 -11.29 -37.49 7.53
CA ALA B 472 -10.57 -36.29 7.13
C ALA B 472 -11.26 -35.61 5.97
N ALA B 473 -11.75 -36.41 5.01
CA ALA B 473 -12.52 -35.86 3.92
C ALA B 473 -13.68 -35.04 4.45
N ARG B 474 -14.33 -35.54 5.51
CA ARG B 474 -15.50 -34.85 6.03
C ARG B 474 -15.10 -33.59 6.78
N GLN B 475 -14.01 -33.67 7.56
CA GLN B 475 -13.65 -32.59 8.45
C GLN B 475 -13.07 -31.39 7.70
N VAL B 476 -12.45 -31.61 6.53
CA VAL B 476 -11.86 -30.49 5.80
C VAL B 476 -12.91 -29.55 5.26
N HIS B 477 -14.20 -29.91 5.33
CA HIS B 477 -15.26 -28.99 4.94
C HIS B 477 -15.26 -27.74 5.80
N LEU B 478 -14.59 -27.75 6.95
CA LEU B 478 -14.49 -26.56 7.78
C LEU B 478 -13.52 -25.53 7.24
N CYS B 479 -12.63 -25.93 6.33
CA CYS B 479 -11.62 -25.05 5.75
C CYS B 479 -12.10 -24.51 4.42
N ARG B 480 -12.27 -23.20 4.35
CA ARG B 480 -12.82 -22.57 3.17
C ARG B 480 -11.99 -22.93 1.94
N GLY B 481 -12.68 -23.34 0.88
CA GLY B 481 -12.00 -23.57 -0.38
C GLY B 481 -11.38 -24.93 -0.53
N VAL B 482 -11.67 -25.86 0.37
CA VAL B 482 -11.17 -27.23 0.28
C VAL B 482 -12.31 -28.13 -0.17
N PHE B 483 -12.11 -28.79 -1.29
CA PHE B 483 -13.11 -29.72 -1.83
C PHE B 483 -12.61 -31.15 -1.65
N PRO B 484 -13.15 -31.91 -0.69
CA PRO B 484 -12.60 -33.24 -0.40
C PRO B 484 -13.03 -34.28 -1.40
N LEU B 485 -12.09 -35.18 -1.71
CA LEU B 485 -12.37 -36.37 -2.52
C LEU B 485 -11.91 -37.62 -1.77
N LEU B 486 -12.80 -38.58 -1.62
CA LEU B 486 -12.49 -39.82 -0.92
C LEU B 486 -11.96 -40.82 -1.94
N TYR B 487 -10.65 -41.06 -1.90
CA TYR B 487 -10.06 -42.11 -2.71
C TYR B 487 -10.21 -43.43 -1.97
N ARG B 488 -10.60 -44.48 -2.69
CA ARG B 488 -10.83 -45.76 -2.03
C ARG B 488 -10.15 -46.95 -2.68
N GLU B 489 -9.66 -46.84 -3.91
CA GLU B 489 -8.94 -47.96 -4.52
C GLU B 489 -7.73 -48.35 -3.66
N PRO B 490 -7.35 -49.63 -3.67
CA PRO B 490 -6.32 -50.11 -2.74
C PRO B 490 -4.93 -49.68 -3.19
N PRO B 491 -3.98 -49.59 -2.27
CA PRO B 491 -2.64 -49.08 -2.63
C PRO B 491 -1.95 -49.90 -3.70
N GLU B 492 -1.22 -49.23 -4.57
CA GLU B 492 -0.49 -49.90 -5.64
C GLU B 492 0.84 -50.45 -5.11
N ALA B 493 1.44 -51.34 -5.91
CA ALA B 493 2.70 -51.95 -5.51
C ALA B 493 3.76 -50.89 -5.23
N ILE B 494 4.01 -50.03 -6.22
CA ILE B 494 4.99 -48.97 -6.07
C ILE B 494 4.31 -47.73 -5.51
N TRP B 495 4.97 -47.08 -4.54
CA TRP B 495 4.36 -45.93 -3.89
C TRP B 495 4.21 -44.74 -4.83
N ALA B 496 5.27 -44.44 -5.60
CA ALA B 496 5.19 -43.34 -6.54
C ALA B 496 4.05 -43.51 -7.53
N ASP B 497 3.68 -44.76 -7.84
CA ASP B 497 2.52 -44.97 -8.70
C ASP B 497 1.22 -44.74 -7.95
N ASP B 498 1.20 -44.99 -6.64
CA ASP B 498 -0.01 -44.72 -5.88
C ASP B 498 -0.27 -43.22 -5.77
N VAL B 499 0.79 -42.45 -5.56
CA VAL B 499 0.73 -40.99 -5.56
C VAL B 499 0.19 -40.47 -6.90
N ASP B 500 0.74 -40.96 -8.02
CA ASP B 500 0.29 -40.47 -9.33
C ASP B 500 -1.16 -40.81 -9.59
N ARG B 501 -1.62 -41.94 -9.06
CA ARG B 501 -2.99 -42.37 -9.33
C ARG B 501 -3.97 -41.48 -8.61
N ARG B 502 -3.63 -41.06 -7.39
CA ARG B 502 -4.50 -40.16 -6.63
C ARG B 502 -4.53 -38.77 -7.25
N VAL B 503 -3.40 -38.30 -7.77
CA VAL B 503 -3.40 -37.04 -8.51
C VAL B 503 -4.32 -37.16 -9.72
N GLN B 504 -4.22 -38.26 -10.46
CA GLN B 504 -5.09 -38.45 -11.62
C GLN B 504 -6.55 -38.52 -11.20
N PHE B 505 -6.80 -39.06 -10.01
CA PHE B 505 -8.15 -39.08 -9.46
C PHE B 505 -8.63 -37.67 -9.15
N GLY B 506 -7.74 -36.84 -8.57
CA GLY B 506 -8.08 -35.44 -8.38
C GLY B 506 -8.45 -34.76 -9.68
N ILE B 507 -7.65 -34.96 -10.72
CA ILE B 507 -7.89 -34.28 -11.99
C ILE B 507 -9.22 -34.72 -12.60
N GLU B 508 -9.45 -36.03 -12.69
CA GLU B 508 -10.66 -36.44 -13.40
C GLU B 508 -11.90 -36.17 -12.57
N SER B 509 -11.84 -36.28 -11.24
CA SER B 509 -12.97 -35.79 -10.43
C SER B 509 -13.19 -34.31 -10.71
N GLY B 510 -12.11 -33.55 -10.84
CA GLY B 510 -12.23 -32.12 -11.03
C GLY B 510 -12.81 -31.75 -12.38
N LYS B 511 -12.39 -32.44 -13.44
CA LYS B 511 -13.01 -32.23 -14.74
C LYS B 511 -14.49 -32.59 -14.70
N LEU B 512 -14.85 -33.70 -14.04
CA LEU B 512 -16.24 -34.12 -14.04
C LEU B 512 -17.12 -33.11 -13.32
N ARG B 513 -16.61 -32.49 -12.26
CA ARG B 513 -17.41 -31.57 -11.47
C ARG B 513 -17.41 -30.15 -12.02
N GLY B 514 -16.69 -29.87 -13.11
CA GLY B 514 -16.63 -28.54 -13.68
C GLY B 514 -15.51 -27.66 -13.15
N PHE B 515 -14.73 -28.13 -12.17
CA PHE B 515 -13.59 -27.35 -11.69
C PHE B 515 -12.54 -27.18 -12.78
N LEU B 516 -12.22 -28.24 -13.48
CA LEU B 516 -11.09 -28.25 -14.41
C LEU B 516 -11.58 -28.47 -15.82
N ARG B 517 -10.80 -27.97 -16.75
CA ARG B 517 -11.04 -28.14 -18.18
C ARG B 517 -9.68 -28.38 -18.82
N VAL B 518 -9.69 -29.10 -19.94
CA VAL B 518 -8.44 -29.28 -20.67
C VAL B 518 -7.94 -27.91 -21.11
N GLY B 519 -6.62 -27.68 -20.95
CA GLY B 519 -6.03 -26.38 -21.13
C GLY B 519 -5.72 -25.67 -19.82
N ASP B 520 -6.40 -26.01 -18.73
CA ASP B 520 -6.10 -25.36 -17.47
C ASP B 520 -4.69 -25.70 -17.00
N LEU B 521 -4.19 -24.89 -16.08
CA LEU B 521 -3.03 -25.24 -15.28
C LEU B 521 -3.51 -25.64 -13.90
N VAL B 522 -2.81 -26.59 -13.29
CA VAL B 522 -3.11 -26.93 -11.91
C VAL B 522 -1.79 -27.03 -11.15
N ILE B 523 -1.83 -26.64 -9.89
CA ILE B 523 -0.71 -26.86 -8.99
C ILE B 523 -0.98 -28.13 -8.19
N VAL B 524 0.00 -29.01 -8.12
CA VAL B 524 -0.16 -30.30 -7.43
C VAL B 524 0.83 -30.34 -6.28
N VAL B 525 0.32 -30.63 -5.07
CA VAL B 525 1.10 -30.65 -3.84
C VAL B 525 1.17 -32.07 -3.29
N THR B 526 2.38 -32.56 -3.01
CA THR B 526 2.64 -33.93 -2.54
C THR B 526 3.81 -33.93 -1.56
N GLY B 527 4.11 -35.12 -1.01
CA GLY B 527 5.22 -35.30 -0.10
C GLY B 527 6.24 -36.31 -0.64
N TRP B 528 7.36 -36.44 0.08
CA TRP B 528 8.47 -37.26 -0.39
C TRP B 528 8.47 -38.69 0.18
N ARG B 529 7.60 -39.00 1.12
CA ARG B 529 7.53 -40.33 1.72
C ARG B 529 6.12 -40.54 2.23
N PRO B 530 5.66 -41.79 2.35
CA PRO B 530 4.32 -42.03 2.92
C PRO B 530 4.19 -41.47 4.32
N GLY B 531 2.94 -41.41 4.79
CA GLY B 531 2.65 -40.89 6.09
C GLY B 531 2.41 -39.39 6.12
N SER B 532 1.76 -38.95 7.19
CA SER B 532 1.39 -37.56 7.38
C SER B 532 2.62 -36.75 7.83
N GLY B 533 2.65 -35.47 7.45
CA GLY B 533 3.67 -34.56 7.93
C GLY B 533 4.84 -34.27 7.00
N TYR B 534 4.89 -34.87 5.81
CA TYR B 534 6.06 -34.75 4.95
C TYR B 534 5.75 -34.07 3.61
N THR B 535 4.69 -33.27 3.53
CA THR B 535 4.40 -32.52 2.32
C THR B 535 5.52 -31.54 2.04
N ASN B 536 6.14 -31.64 0.86
CA ASN B 536 7.28 -30.77 0.56
C ASN B 536 7.47 -30.52 -0.93
N ILE B 537 6.57 -30.96 -1.80
CA ILE B 537 6.75 -30.90 -3.25
C ILE B 537 5.61 -30.13 -3.86
N MET B 538 5.93 -29.26 -4.79
CA MET B 538 4.91 -28.56 -5.54
C MET B 538 5.27 -28.61 -7.02
N ARG B 539 4.32 -28.99 -7.88
CA ARG B 539 4.65 -28.95 -9.29
C ARG B 539 3.47 -28.45 -10.11
N VAL B 540 3.80 -27.92 -11.28
CA VAL B 540 2.89 -27.20 -12.16
C VAL B 540 2.57 -28.11 -13.33
N LEU B 541 1.31 -28.37 -13.54
CA LEU B 541 0.86 -29.34 -14.53
C LEU B 541 -0.19 -28.70 -15.41
N SER B 542 -0.09 -28.94 -16.72
CA SER B 542 -1.13 -28.52 -17.65
C SER B 542 -2.13 -29.66 -17.81
N ILE B 543 -3.41 -29.32 -17.90
CA ILE B 543 -4.45 -30.34 -18.04
C ILE B 543 -4.61 -30.67 -19.52
N SER B 544 -4.37 -31.93 -19.87
CA SER B 544 -4.50 -32.39 -21.25
C SER B 544 -5.78 -33.22 -21.43
N GLN C 27 6.28 17.78 -21.59
CA GLN C 27 5.97 17.64 -20.17
C GLN C 27 7.21 17.92 -19.32
N GLN C 28 6.98 18.45 -18.12
CA GLN C 28 8.06 18.98 -17.29
C GLN C 28 8.00 18.37 -15.90
N GLN C 29 9.03 18.70 -15.10
CA GLN C 29 9.15 18.36 -13.68
C GLN C 29 8.92 16.88 -13.37
N GLN C 30 9.11 15.98 -14.35
CA GLN C 30 8.95 14.53 -14.15
C GLN C 30 7.58 14.20 -13.56
N LEU C 31 6.54 14.89 -14.04
CA LEU C 31 5.21 14.66 -13.48
C LEU C 31 4.67 13.26 -13.77
N PRO C 32 4.89 12.67 -14.95
CA PRO C 32 4.51 11.25 -15.12
C PRO C 32 5.15 10.35 -14.07
N ALA C 33 6.45 10.50 -13.82
CA ALA C 33 7.06 9.66 -12.79
C ALA C 33 6.54 9.98 -11.40
N ALA C 34 6.08 11.22 -11.16
CA ALA C 34 5.57 11.58 -9.84
C ALA C 34 4.20 10.96 -9.58
N MET C 35 3.38 10.80 -10.62
CA MET C 35 2.03 10.27 -10.47
C MET C 35 1.93 8.76 -10.61
N ALA C 36 3.05 8.06 -10.84
CA ALA C 36 3.04 6.61 -10.94
C ALA C 36 2.50 5.98 -9.67
N ASP C 37 1.92 4.79 -9.83
CA ASP C 37 1.27 4.09 -8.72
C ASP C 37 2.23 3.25 -7.91
N THR C 38 3.40 2.93 -8.45
CA THR C 38 4.41 2.15 -7.73
C THR C 38 5.78 2.77 -7.97
N PHE C 39 6.72 2.43 -7.08
CA PHE C 39 8.08 2.94 -7.23
C PHE C 39 8.73 2.46 -8.53
N LEU C 40 8.59 1.18 -8.85
CA LEU C 40 9.18 0.66 -10.08
C LEU C 40 8.67 1.40 -11.31
N GLU C 41 7.36 1.65 -11.37
CA GLU C 41 6.79 2.42 -12.47
C GLU C 41 7.32 3.84 -12.48
N HIS C 42 7.49 4.43 -11.29
CA HIS C 42 8.10 5.75 -11.17
C HIS C 42 9.49 5.77 -11.83
N LEU C 43 10.31 4.76 -11.54
CA LEU C 43 11.64 4.70 -12.14
C LEU C 43 11.55 4.63 -13.66
N CYS C 44 10.71 3.74 -14.17
CA CYS C 44 10.59 3.50 -15.60
C CYS C 44 10.13 4.72 -16.37
N LEU C 45 9.43 5.64 -15.72
CA LEU C 45 8.86 6.81 -16.37
C LEU C 45 9.76 8.05 -16.28
N LEU C 46 10.84 8.00 -15.51
CA LEU C 46 11.78 9.11 -15.47
C LEU C 46 12.23 9.45 -16.89
N ASP C 47 12.45 10.73 -17.14
CA ASP C 47 12.63 11.20 -18.51
C ASP C 47 13.79 12.20 -18.57
N ILE C 48 14.82 11.88 -19.37
CA ILE C 48 15.91 12.83 -19.52
C ILE C 48 15.48 14.12 -20.21
N ASP C 49 14.36 14.10 -20.94
CA ASP C 49 13.89 15.27 -21.67
C ASP C 49 12.91 16.13 -20.87
N SER C 50 12.62 15.79 -19.63
CA SER C 50 11.67 16.56 -18.84
C SER C 50 12.45 17.61 -18.03
N GLU C 51 12.19 18.89 -18.32
CA GLU C 51 12.97 19.96 -17.71
C GLU C 51 12.41 20.29 -16.33
N PRO C 52 13.28 20.59 -15.36
CA PRO C 52 12.83 20.89 -14.00
C PRO C 52 12.54 22.37 -13.77
N VAL C 53 11.95 22.63 -12.59
CA VAL C 53 11.67 24.00 -12.10
C VAL C 53 12.95 24.81 -11.86
N ALA C 54 12.84 26.13 -12.04
CA ALA C 54 14.01 26.99 -11.84
C ALA C 54 14.50 26.98 -10.39
N ALA C 55 13.60 26.73 -9.43
CA ALA C 55 13.90 26.87 -8.01
C ALA C 55 14.46 25.57 -7.45
N ARG C 56 15.76 25.57 -7.13
CA ARG C 56 16.41 24.43 -6.52
C ARG C 56 16.27 24.54 -5.00
N SER C 57 15.96 23.41 -4.35
CA SER C 57 15.51 23.44 -2.97
C SER C 57 16.59 22.93 -2.01
N THR C 58 17.50 22.10 -2.47
CA THR C 58 18.66 21.70 -1.68
C THR C 58 19.66 22.87 -1.63
N SER C 59 20.10 23.21 -0.43
CA SER C 59 21.06 24.31 -0.27
C SER C 59 22.46 23.83 -0.57
N ILE C 60 23.25 24.75 -1.11
CA ILE C 60 24.65 24.52 -1.45
C ILE C 60 25.52 25.20 -0.38
N ILE C 61 26.38 24.43 0.26
CA ILE C 61 27.35 24.95 1.23
C ILE C 61 28.72 24.93 0.56
N ALA C 62 29.34 26.10 0.44
CA ALA C 62 30.67 26.24 -0.15
C ALA C 62 31.67 26.61 0.94
N THR C 63 32.80 25.89 0.97
CA THR C 63 33.93 26.25 1.84
C THR C 63 34.72 27.42 1.26
N ILE C 64 35.04 28.40 2.11
CA ILE C 64 35.88 29.52 1.70
C ILE C 64 37.35 29.14 1.84
N GLY C 65 38.15 29.49 0.85
CA GLY C 65 39.59 29.33 0.87
C GLY C 65 40.22 30.24 -0.16
N PRO C 66 41.52 30.05 -0.43
CA PRO C 66 42.20 30.92 -1.41
C PRO C 66 41.48 31.02 -2.74
N ALA C 67 40.93 29.90 -3.22
CA ALA C 67 40.19 29.92 -4.46
C ALA C 67 38.87 30.67 -4.36
N SER C 68 38.37 30.95 -3.16
CA SER C 68 37.00 31.51 -3.07
C SER C 68 36.94 32.77 -2.21
N ARG C 69 38.04 33.50 -2.04
CA ARG C 69 38.10 34.59 -1.08
C ARG C 69 37.90 35.98 -1.67
N SER C 70 38.21 36.21 -2.93
CA SER C 70 38.01 37.52 -3.52
C SER C 70 36.53 37.86 -3.63
N VAL C 71 36.20 39.11 -3.29
CA VAL C 71 34.83 39.63 -3.37
C VAL C 71 34.21 39.34 -4.73
N GLU C 72 34.98 39.55 -5.80
CA GLU C 72 34.49 39.34 -7.15
C GLU C 72 34.08 37.89 -7.34
N ARG C 73 34.92 36.97 -6.88
CA ARG C 73 34.62 35.55 -6.99
C ARG C 73 33.38 35.18 -6.19
N LEU C 74 33.28 35.67 -4.95
CA LEU C 74 32.16 35.35 -4.09
C LEU C 74 30.85 35.83 -4.68
N LYS C 75 30.87 37.01 -5.32
CA LYS C 75 29.68 37.46 -6.04
C LYS C 75 29.28 36.46 -7.10
N GLU C 76 30.26 35.91 -7.83
CA GLU C 76 29.97 34.93 -8.87
C GLU C 76 29.41 33.63 -8.27
N MET C 77 29.95 33.20 -7.14
CA MET C 77 29.44 32.00 -6.48
C MET C 77 28.03 32.20 -5.93
N ILE C 78 27.70 33.40 -5.42
CA ILE C 78 26.35 33.68 -4.99
C ILE C 78 25.39 33.55 -6.17
N LYS C 79 25.76 34.11 -7.33
CA LYS C 79 24.91 34.02 -8.51
C LYS C 79 24.81 32.60 -9.04
N ALA C 80 25.89 31.81 -8.90
CA ALA C 80 25.85 30.39 -9.24
C ALA C 80 25.03 29.57 -8.26
N GLY C 81 24.61 30.15 -7.14
CA GLY C 81 23.71 29.53 -6.22
C GLY C 81 24.23 29.15 -4.83
N MET C 82 25.39 29.66 -4.41
CA MET C 82 25.85 29.39 -3.06
C MET C 82 24.85 29.99 -2.07
N ASN C 83 24.54 29.25 -1.01
CA ASN C 83 23.61 29.73 0.01
C ASN C 83 24.23 29.84 1.39
N ILE C 84 25.22 29.01 1.70
CA ILE C 84 25.88 28.95 2.98
C ILE C 84 27.38 28.93 2.72
N ALA C 85 28.10 29.86 3.32
CA ALA C 85 29.54 29.94 3.17
C ALA C 85 30.15 29.33 4.41
N ARG C 86 31.07 28.40 4.22
CA ARG C 86 31.63 27.65 5.33
C ARG C 86 33.05 28.13 5.63
N LEU C 87 33.26 28.62 6.85
CA LEU C 87 34.58 29.01 7.33
C LEU C 87 35.19 27.82 8.06
N ASN C 88 36.23 27.25 7.48
CA ASN C 88 36.91 26.10 8.08
C ASN C 88 37.97 26.63 9.03
N PHE C 89 37.69 26.58 10.32
CA PHE C 89 38.68 27.02 11.30
C PHE C 89 39.76 25.99 11.55
N SER C 90 39.83 24.92 10.76
CA SER C 90 40.97 24.01 10.85
C SER C 90 42.23 24.65 10.29
N HIS C 91 42.08 25.73 9.55
CA HIS C 91 43.17 26.36 8.83
C HIS C 91 42.94 27.86 8.84
N GLY C 92 44.02 28.61 8.95
CA GLY C 92 43.93 30.05 8.98
C GLY C 92 43.84 30.57 10.41
N SER C 93 43.92 31.89 10.50
CA SER C 93 43.96 32.60 11.76
C SER C 93 42.69 33.43 11.89
N HIS C 94 42.52 34.03 13.06
CA HIS C 94 41.27 34.71 13.35
C HIS C 94 41.05 35.90 12.42
N GLU C 95 42.11 36.63 12.10
CA GLU C 95 41.95 37.78 11.23
C GLU C 95 41.78 37.34 9.78
N TYR C 96 42.39 36.21 9.42
CA TYR C 96 42.13 35.63 8.10
C TYR C 96 40.62 35.40 7.94
N HIS C 97 39.99 34.79 8.95
CA HIS C 97 38.56 34.48 8.87
C HIS C 97 37.71 35.74 8.91
N ALA C 98 38.13 36.76 9.66
CA ALA C 98 37.38 38.01 9.67
C ALA C 98 37.45 38.71 8.31
N GLU C 99 38.55 38.55 7.57
CA GLU C 99 38.60 39.09 6.21
C GLU C 99 37.67 38.33 5.27
N SER C 100 37.55 37.01 5.46
CA SER C 100 36.59 36.25 4.65
C SER C 100 35.17 36.72 4.90
N ILE C 101 34.81 36.85 6.19
CA ILE C 101 33.47 37.31 6.56
C ILE C 101 33.18 38.67 5.92
N ALA C 102 34.16 39.57 5.98
CA ALA C 102 33.96 40.89 5.39
C ALA C 102 33.75 40.79 3.89
N ASN C 103 34.54 39.95 3.21
CA ASN C 103 34.37 39.78 1.77
C ASN C 103 33.04 39.12 1.45
N VAL C 104 32.68 38.07 2.20
CA VAL C 104 31.37 37.45 2.02
C VAL C 104 30.27 38.49 2.14
N ARG C 105 30.27 39.23 3.26
CA ARG C 105 29.21 40.21 3.50
C ARG C 105 29.23 41.32 2.45
N GLU C 106 30.42 41.75 2.01
CA GLU C 106 30.45 42.79 0.99
C GLU C 106 29.90 42.27 -0.33
N ALA C 107 30.21 41.02 -0.67
CA ALA C 107 29.58 40.40 -1.85
C ALA C 107 28.08 40.24 -1.65
N VAL C 108 27.66 39.69 -0.50
CA VAL C 108 26.23 39.58 -0.20
C VAL C 108 25.57 40.95 -0.22
N GLU C 109 26.09 41.90 0.58
CA GLU C 109 25.38 43.17 0.68
C GLU C 109 25.51 44.04 -0.57
N SER C 110 26.25 43.59 -1.59
CA SER C 110 26.26 44.32 -2.86
C SER C 110 24.94 44.16 -3.60
N PHE C 111 24.17 43.13 -3.26
CA PHE C 111 22.87 42.88 -3.86
C PHE C 111 21.71 43.45 -3.03
N ALA C 112 22.01 44.20 -1.95
CA ALA C 112 20.98 44.70 -1.04
C ALA C 112 20.24 45.93 -1.56
N GLY C 113 20.72 46.57 -2.63
CA GLY C 113 19.91 47.54 -3.33
C GLY C 113 18.71 46.94 -4.04
N SER C 114 18.73 45.62 -4.28
CA SER C 114 17.63 44.86 -4.89
C SER C 114 16.91 44.06 -3.80
N PRO C 115 15.89 44.61 -3.14
CA PRO C 115 15.22 43.85 -2.07
C PRO C 115 14.46 42.64 -2.58
N LEU C 116 13.97 42.66 -3.82
CA LEU C 116 13.18 41.56 -4.35
C LEU C 116 14.03 40.39 -4.83
N SER C 117 15.31 40.61 -5.13
CA SER C 117 16.19 39.54 -5.59
C SER C 117 17.31 39.24 -4.61
N TYR C 118 17.46 40.06 -3.57
CA TYR C 118 18.46 39.86 -2.53
C TYR C 118 18.45 38.43 -2.02
N ARG C 119 19.59 37.75 -2.15
CA ARG C 119 19.68 36.40 -1.63
C ARG C 119 20.50 36.41 -0.35
N PRO C 120 19.89 36.20 0.82
CA PRO C 120 20.67 35.97 2.03
C PRO C 120 21.68 34.86 1.82
N VAL C 121 22.87 35.02 2.39
CA VAL C 121 23.89 33.99 2.41
C VAL C 121 24.31 33.79 3.85
N ALA C 122 24.14 32.59 4.35
CA ALA C 122 24.55 32.31 5.72
C ALA C 122 26.04 32.08 5.79
N ILE C 123 26.61 32.33 6.96
CA ILE C 123 28.02 32.03 7.21
C ILE C 123 28.10 31.03 8.34
N ALA C 124 28.84 29.95 8.11
CA ALA C 124 28.90 28.83 9.03
C ALA C 124 30.33 28.68 9.49
N LEU C 125 30.50 28.45 10.79
CA LEU C 125 31.82 28.24 11.38
C LEU C 125 31.99 26.75 11.63
N ASP C 126 32.93 26.15 10.92
CA ASP C 126 33.24 24.74 11.08
C ASP C 126 34.42 24.64 12.03
N THR C 127 34.17 24.10 13.22
CA THR C 127 35.17 24.13 14.28
C THR C 127 36.31 23.18 13.99
N LYS C 128 37.47 23.51 14.53
CA LYS C 128 38.63 22.63 14.39
C LYS C 128 38.42 21.33 15.13
N GLY C 129 37.93 21.41 16.36
CA GLY C 129 37.61 20.23 17.13
C GLY C 129 38.83 19.45 17.57
N PRO C 130 38.62 18.18 17.98
CA PRO C 130 39.73 17.32 18.39
C PRO C 130 40.62 16.85 17.24
N GLU C 131 41.17 17.81 16.49
CA GLU C 131 41.97 17.50 15.31
C GLU C 131 43.38 17.05 15.69
N ILE C 132 43.83 15.94 15.13
CA ILE C 132 45.22 15.50 15.18
C ILE C 132 45.84 15.77 13.82
N ARG C 133 46.93 16.53 13.81
CA ARG C 133 47.63 16.82 12.56
C ARG C 133 49.13 16.59 12.74
N THR C 134 49.79 16.27 11.63
CA THR C 134 51.23 16.13 11.60
C THR C 134 51.89 17.50 11.54
N GLY C 135 53.22 17.52 11.47
CA GLY C 135 53.99 18.74 11.44
C GLY C 135 54.45 19.10 10.04
N ILE C 136 55.52 19.91 9.98
CA ILE C 136 56.11 20.33 8.71
C ILE C 136 57.33 19.49 8.34
N SER C 143 57.18 21.34 0.77
CA SER C 143 58.05 20.26 1.23
C SER C 143 57.28 18.95 1.31
N GLU C 144 57.98 17.84 1.07
CA GLU C 144 57.30 16.55 0.92
C GLU C 144 58.32 15.42 1.13
N VAL C 145 57.85 14.32 1.72
CA VAL C 145 58.67 13.18 2.10
C VAL C 145 57.86 11.90 1.91
N GLU C 146 58.53 10.81 1.55
CA GLU C 146 57.88 9.52 1.28
C GLU C 146 58.12 8.53 2.42
N LEU C 147 57.11 7.71 2.73
CA LEU C 147 57.16 6.77 3.84
C LEU C 147 57.08 5.34 3.29
N VAL C 148 58.24 4.69 3.14
CA VAL C 148 58.25 3.38 2.50
C VAL C 148 57.54 2.34 3.37
N LYS C 149 56.87 1.40 2.71
CA LYS C 149 56.14 0.34 3.42
C LYS C 149 57.12 -0.59 4.11
N GLY C 150 56.79 -0.98 5.36
CA GLY C 150 57.66 -1.80 6.16
C GLY C 150 58.71 -1.04 6.95
N SER C 151 58.90 0.24 6.66
CA SER C 151 59.86 1.05 7.41
C SER C 151 59.43 1.16 8.88
N GLN C 152 60.40 1.50 9.72
CA GLN C 152 60.13 1.84 11.11
C GLN C 152 60.03 3.35 11.21
N VAL C 153 58.90 3.84 11.71
CA VAL C 153 58.65 5.25 11.90
C VAL C 153 58.33 5.49 13.35
N LEU C 154 58.59 6.70 13.82
CA LEU C 154 58.28 7.08 15.18
C LEU C 154 57.33 8.26 15.19
N VAL C 155 56.32 8.18 16.05
CA VAL C 155 55.34 9.23 16.25
C VAL C 155 55.73 9.97 17.53
N THR C 156 56.26 11.18 17.40
CA THR C 156 56.78 11.93 18.55
C THR C 156 55.79 12.95 19.09
N ASN C 166 60.61 14.33 8.86
CA ASN C 166 61.56 13.35 8.31
C ASN C 166 60.85 12.10 7.82
N ALA C 167 61.59 11.26 7.09
CA ALA C 167 61.00 10.05 6.51
C ALA C 167 60.76 8.97 7.56
N ASN C 168 61.51 9.00 8.67
CA ASN C 168 61.31 8.02 9.72
C ASN C 168 60.70 8.61 10.99
N THR C 169 60.45 9.91 11.01
CA THR C 169 59.85 10.58 12.16
C THR C 169 58.67 11.42 11.72
N VAL C 170 57.56 11.32 12.47
CA VAL C 170 56.35 12.07 12.21
C VAL C 170 55.89 12.72 13.52
N TRP C 171 55.83 14.04 13.55
CA TRP C 171 55.36 14.77 14.72
C TRP C 171 53.84 14.98 14.65
N VAL C 172 53.21 15.02 15.83
CA VAL C 172 51.77 15.10 15.97
C VAL C 172 51.44 16.12 17.05
N ASP C 173 50.35 16.85 16.84
CA ASP C 173 49.97 17.92 17.76
C ASP C 173 49.02 17.44 18.87
N TYR C 174 48.94 16.14 19.09
CA TYR C 174 48.08 15.56 20.13
C TYR C 174 48.97 14.86 21.14
N PRO C 175 49.23 15.47 22.30
CA PRO C 175 50.22 14.90 23.24
C PRO C 175 49.87 13.51 23.75
N ASN C 176 48.60 13.26 24.05
CA ASN C 176 48.13 12.01 24.65
C ASN C 176 48.07 10.85 23.67
N ILE C 177 48.53 11.02 22.43
CA ILE C 177 48.50 9.92 21.47
C ILE C 177 49.34 8.76 21.97
N VAL C 178 50.43 9.03 22.68
CA VAL C 178 51.29 7.95 23.17
C VAL C 178 50.63 7.15 24.29
N ARG C 179 49.50 7.65 24.82
CA ARG C 179 48.79 6.98 25.89
C ARG C 179 47.54 6.24 25.42
N VAL C 180 46.94 6.64 24.30
CA VAL C 180 45.66 6.05 23.87
C VAL C 180 45.79 5.05 22.72
N VAL C 181 46.93 5.02 22.03
CA VAL C 181 47.12 4.02 20.97
C VAL C 181 47.92 2.86 21.54
N PRO C 182 47.29 1.71 21.83
CA PRO C 182 48.07 0.56 22.31
C PRO C 182 48.98 0.03 21.22
N VAL C 183 49.75 -0.99 21.55
CA VAL C 183 50.58 -1.67 20.56
C VAL C 183 49.68 -2.57 19.71
N GLY C 184 49.93 -2.59 18.40
CA GLY C 184 49.03 -3.19 17.44
C GLY C 184 47.93 -2.27 16.97
N GLY C 185 47.85 -1.05 17.50
CA GLY C 185 46.82 -0.12 17.11
C GLY C 185 47.23 0.67 15.87
N ARG C 186 46.26 0.88 14.98
CA ARG C 186 46.50 1.53 13.71
C ARG C 186 46.43 3.05 13.87
N ILE C 187 47.34 3.74 13.17
CA ILE C 187 47.31 5.20 13.07
C ILE C 187 47.24 5.56 11.59
N TYR C 188 46.16 6.25 11.19
CA TYR C 188 45.96 6.67 9.82
C TYR C 188 46.35 8.14 9.66
N ILE C 189 47.03 8.45 8.55
CA ILE C 189 47.40 9.82 8.21
C ILE C 189 47.05 10.11 6.75
N ASP C 190 46.69 11.38 6.49
CA ASP C 190 46.39 11.88 5.15
C ASP C 190 45.18 11.16 4.55
N ASP C 191 43.98 11.57 4.96
CA ASP C 191 42.71 11.00 4.47
C ASP C 191 42.71 9.47 4.58
N GLY C 192 43.45 8.91 5.53
CA GLY C 192 43.52 7.47 5.68
C GLY C 192 44.34 6.74 4.63
N LEU C 193 45.02 7.45 3.74
CA LEU C 193 45.87 6.78 2.77
C LEU C 193 47.07 6.11 3.43
N ILE C 194 47.56 6.68 4.53
CA ILE C 194 48.75 6.21 5.21
C ILE C 194 48.36 5.37 6.41
N SER C 195 48.91 4.16 6.48
CA SER C 195 48.67 3.18 7.51
C SER C 195 49.92 3.09 8.38
N LEU C 196 49.72 2.94 9.70
CA LEU C 196 50.82 2.66 10.62
C LEU C 196 50.33 1.77 11.76
N VAL C 197 51.16 0.83 12.19
CA VAL C 197 50.86 -0.06 13.32
C VAL C 197 51.96 0.06 14.36
N VAL C 198 51.57 0.27 15.62
CA VAL C 198 52.53 0.54 16.69
C VAL C 198 53.30 -0.72 17.04
N GLN C 199 54.63 -0.62 17.06
CA GLN C 199 55.54 -1.66 17.53
C GLN C 199 55.45 -1.79 19.05
N LYS C 200 55.95 -2.92 19.58
CA LYS C 200 55.77 -3.20 21.00
C LYS C 200 56.41 -2.12 21.87
N ILE C 201 57.40 -1.41 21.32
CA ILE C 201 57.92 -0.19 21.93
C ILE C 201 56.85 0.90 21.88
N GLY C 202 56.50 1.45 23.04
CA GLY C 202 55.62 2.60 23.12
C GLY C 202 55.91 3.60 24.22
N PRO C 203 57.18 4.07 24.33
CA PRO C 203 57.52 4.97 25.43
C PRO C 203 57.56 6.44 25.01
N GLU C 204 58.76 6.95 24.68
CA GLU C 204 58.93 8.35 24.27
C GLU C 204 58.70 8.48 22.76
N GLY C 205 57.42 8.50 22.40
CA GLY C 205 57.01 8.42 21.02
C GLY C 205 56.65 6.99 20.67
N LEU C 206 55.66 6.81 19.80
CA LEU C 206 55.22 5.48 19.41
C LEU C 206 56.07 4.99 18.24
N VAL C 207 56.83 3.92 18.46
CA VAL C 207 57.55 3.27 17.37
C VAL C 207 56.57 2.42 16.59
N THR C 208 56.53 2.64 15.28
CA THR C 208 55.50 2.08 14.42
C THR C 208 56.14 1.39 13.21
N GLN C 209 55.27 0.83 12.37
CA GLN C 209 55.64 0.17 11.13
C GLN C 209 54.63 0.58 10.08
N VAL C 210 55.09 1.17 8.98
CA VAL C 210 54.17 1.65 7.95
C VAL C 210 53.46 0.44 7.34
N GLU C 211 52.15 0.33 7.60
CA GLU C 211 51.32 -0.75 7.08
C GLU C 211 50.87 -0.49 5.64
N ASN C 212 50.78 0.79 5.23
CA ASN C 212 50.48 1.17 3.85
C ASN C 212 51.24 2.45 3.55
N GLY C 213 52.22 2.36 2.64
CA GLY C 213 53.10 3.48 2.37
C GLY C 213 52.49 4.50 1.43
N GLY C 214 53.12 5.66 1.40
CA GLY C 214 52.66 6.73 0.53
C GLY C 214 53.43 8.02 0.80
N VAL C 215 52.88 9.12 0.31
CA VAL C 215 53.55 10.41 0.28
C VAL C 215 52.89 11.34 1.28
N LEU C 216 53.70 12.01 2.10
CA LEU C 216 53.20 12.80 3.22
C LEU C 216 53.60 14.26 3.06
N GLY C 217 52.61 15.14 3.05
CA GLY C 217 52.82 16.57 3.10
C GLY C 217 52.94 17.06 4.54
N SER C 218 52.66 18.35 4.71
CA SER C 218 52.77 18.98 6.01
C SER C 218 51.39 19.24 6.59
N ARG C 219 51.23 18.98 7.89
CA ARG C 219 50.01 19.27 8.64
C ARG C 219 48.80 18.55 8.05
N LYS C 220 48.90 17.22 7.95
CA LYS C 220 47.82 16.42 7.39
C LYS C 220 47.19 15.54 8.48
N GLY C 221 45.89 15.30 8.33
CA GLY C 221 45.10 14.72 9.39
C GLY C 221 45.52 13.32 9.78
N VAL C 222 45.18 12.97 11.02
CA VAL C 222 45.53 11.71 11.65
C VAL C 222 44.27 11.14 12.30
N ASN C 223 44.03 9.84 12.10
CA ASN C 223 42.82 9.20 12.59
C ASN C 223 43.16 7.97 13.41
N LEU C 224 42.50 7.85 14.56
CA LEU C 224 42.77 6.80 15.55
C LEU C 224 41.48 6.04 15.83
N PRO C 225 41.09 5.13 14.94
CA PRO C 225 39.85 4.37 15.15
C PRO C 225 40.10 3.11 15.97
N GLY C 226 39.01 2.54 16.46
CA GLY C 226 39.05 1.30 17.21
C GLY C 226 39.79 1.38 18.54
N ALA C 227 40.47 2.47 18.83
CA ALA C 227 41.14 2.68 20.11
C ALA C 227 40.41 3.78 20.87
N GLN C 228 40.13 3.54 22.15
CA GLN C 228 39.37 4.52 22.93
C GLN C 228 40.27 5.67 23.35
N VAL C 229 39.75 6.88 23.16
CA VAL C 229 40.52 8.11 23.18
C VAL C 229 40.18 8.90 24.44
N ASP C 230 41.03 9.90 24.75
CA ASP C 230 40.86 10.73 25.94
C ASP C 230 40.79 12.23 25.66
N LEU C 231 41.08 12.69 24.45
CA LEU C 231 41.26 14.12 24.23
C LEU C 231 39.96 14.86 24.56
N PRO C 232 40.04 16.04 25.20
CA PRO C 232 38.82 16.74 25.64
C PRO C 232 37.79 16.95 24.53
N GLY C 233 36.54 17.10 24.94
CA GLY C 233 35.50 17.46 23.99
C GLY C 233 35.77 18.77 23.30
N LEU C 234 36.26 19.75 24.04
CA LEU C 234 36.59 21.05 23.48
C LEU C 234 38.08 21.31 23.66
N SER C 235 38.46 22.55 23.39
CA SER C 235 39.84 23.04 23.43
C SER C 235 39.73 24.51 23.76
N GLU C 236 40.87 25.15 24.06
CA GLU C 236 40.80 26.59 24.25
C GLU C 236 40.66 27.31 22.92
N GLN C 237 41.23 26.76 21.85
CA GLN C 237 41.02 27.35 20.52
C GLN C 237 39.55 27.30 20.13
N ASP C 238 38.91 26.13 20.26
CA ASP C 238 37.51 26.01 19.86
C ASP C 238 36.64 26.98 20.65
N VAL C 239 36.85 27.08 21.97
CA VAL C 239 36.11 28.07 22.77
C VAL C 239 36.27 29.47 22.20
N ARG C 240 37.52 29.89 21.98
CA ARG C 240 37.76 31.24 21.48
C ARG C 240 37.32 31.39 20.02
N ASP C 241 37.48 30.34 19.22
CA ASP C 241 36.89 30.33 17.88
C ASP C 241 35.38 30.53 17.96
N LEU C 242 34.71 29.73 18.80
CA LEU C 242 33.27 29.91 18.99
C LEU C 242 32.95 31.33 19.44
N ARG C 243 33.75 31.89 20.35
CA ARG C 243 33.49 33.25 20.83
C ARG C 243 33.69 34.28 19.72
N PHE C 244 34.75 34.10 18.93
CA PHE C 244 34.96 34.92 17.74
C PHE C 244 33.75 34.84 16.80
N GLY C 245 33.17 33.64 16.66
CA GLY C 245 31.96 33.51 15.87
C GLY C 245 30.81 34.35 16.43
N VAL C 246 30.65 34.33 17.75
CA VAL C 246 29.63 35.17 18.36
C VAL C 246 29.92 36.65 18.12
N GLU C 247 31.20 37.04 18.14
CA GLU C 247 31.52 38.45 17.96
C GLU C 247 31.28 38.93 16.54
N HIS C 248 31.54 38.07 15.55
CA HIS C 248 31.37 38.46 14.16
C HIS C 248 30.02 38.05 13.58
N GLY C 249 29.13 37.50 14.39
CA GLY C 249 27.77 37.29 13.93
C GLY C 249 27.58 36.11 13.02
N VAL C 250 28.35 35.04 13.20
CA VAL C 250 28.13 33.86 12.39
C VAL C 250 26.77 33.27 12.73
N ASP C 251 26.14 32.65 11.72
CA ASP C 251 24.78 32.14 11.88
C ASP C 251 24.74 30.68 12.34
N ILE C 252 25.73 29.87 11.98
CA ILE C 252 25.65 28.43 12.18
C ILE C 252 27.01 27.97 12.66
N VAL C 253 27.03 26.88 13.44
CA VAL C 253 28.26 26.24 13.83
C VAL C 253 28.21 24.77 13.41
N PHE C 254 29.11 24.37 12.52
CA PHE C 254 29.34 22.95 12.25
C PHE C 254 30.30 22.43 13.33
N ALA C 255 29.77 21.64 14.28
CA ALA C 255 30.56 21.21 15.43
C ALA C 255 31.27 19.89 15.11
N SER C 256 32.58 19.94 15.01
CA SER C 256 33.36 18.79 14.57
C SER C 256 33.35 17.69 15.61
N PHE C 257 33.35 16.45 15.13
CA PHE C 257 33.59 15.25 15.93
C PHE C 257 32.68 15.18 17.17
N VAL C 258 31.38 15.23 16.93
CA VAL C 258 30.38 15.18 17.99
C VAL C 258 29.98 13.73 18.24
N ARG C 259 30.20 13.24 19.46
CA ARG C 259 29.85 11.86 19.78
C ARG C 259 28.88 11.71 20.96
N LYS C 260 28.34 12.81 21.50
CA LYS C 260 27.50 12.76 22.69
C LYS C 260 26.72 14.06 22.78
N ALA C 261 25.57 13.98 23.47
CA ALA C 261 24.83 15.19 23.80
C ALA C 261 25.70 16.21 24.53
N SER C 262 26.57 15.74 25.43
CA SER C 262 27.43 16.64 26.20
C SER C 262 28.26 17.52 25.30
N ASP C 263 28.74 16.98 24.18
CA ASP C 263 29.51 17.77 23.23
C ASP C 263 28.71 18.97 22.74
N VAL C 264 27.43 18.74 22.43
CA VAL C 264 26.60 19.81 21.88
C VAL C 264 26.28 20.83 22.97
N ALA C 265 26.05 20.36 24.19
CA ALA C 265 25.91 21.27 25.33
C ALA C 265 27.19 22.04 25.58
N ALA C 266 28.34 21.36 25.57
CA ALA C 266 29.63 22.03 25.67
C ALA C 266 29.78 23.11 24.60
N VAL C 267 29.33 22.82 23.38
CA VAL C 267 29.39 23.81 22.31
C VAL C 267 28.44 24.97 22.61
N ARG C 268 27.22 24.65 23.03
CA ARG C 268 26.27 25.71 23.35
C ARG C 268 26.67 26.47 24.61
N ALA C 269 27.33 25.79 25.54
CA ALA C 269 27.92 26.49 26.68
C ALA C 269 28.98 27.47 26.20
N ALA C 270 29.99 26.96 25.49
CA ALA C 270 31.09 27.79 25.03
C ALA C 270 30.64 28.91 24.10
N LEU C 271 29.45 28.80 23.50
CA LEU C 271 28.95 29.89 22.68
C LEU C 271 28.47 31.06 23.53
N GLY C 272 28.10 30.83 24.78
CA GLY C 272 27.80 31.90 25.71
C GLY C 272 26.37 32.41 25.65
N PRO C 273 26.06 33.37 26.53
CA PRO C 273 24.68 33.90 26.58
C PRO C 273 24.27 34.63 25.32
N GLU C 274 25.22 35.26 24.63
CA GLU C 274 24.93 35.86 23.33
C GLU C 274 24.93 34.84 22.21
N GLY C 275 25.36 33.60 22.49
CA GLY C 275 25.46 32.53 21.53
C GLY C 275 24.16 31.82 21.21
N HIS C 276 23.12 32.05 22.01
CA HIS C 276 21.80 31.57 21.65
C HIS C 276 21.37 32.22 20.35
N GLY C 277 20.55 31.51 19.58
CA GLY C 277 20.21 31.95 18.26
C GLY C 277 21.11 31.42 17.17
N ILE C 278 22.24 30.81 17.51
CA ILE C 278 23.18 30.25 16.54
C ILE C 278 22.89 28.76 16.40
N LYS C 279 22.55 28.33 15.18
CA LYS C 279 22.22 26.92 14.96
C LYS C 279 23.46 26.05 15.06
N ILE C 280 23.33 24.90 15.69
CA ILE C 280 24.44 24.01 16.00
C ILE C 280 24.26 22.71 15.23
N ILE C 281 25.06 22.53 14.19
CA ILE C 281 25.05 21.30 13.41
C ILE C 281 26.14 20.39 13.92
N SER C 282 25.74 19.22 14.42
CA SER C 282 26.73 18.25 14.88
C SER C 282 27.23 17.43 13.70
N LYS C 283 28.55 17.39 13.54
CA LYS C 283 29.18 16.59 12.51
C LYS C 283 29.44 15.19 13.06
N ILE C 284 28.82 14.20 12.42
CA ILE C 284 29.02 12.80 12.77
C ILE C 284 30.21 12.28 11.96
N GLU C 285 31.28 11.87 12.67
CA GLU C 285 32.55 11.61 12.03
C GLU C 285 33.20 10.30 12.42
N ASN C 286 32.62 9.55 13.35
CA ASN C 286 33.27 8.32 13.79
C ASN C 286 32.22 7.32 14.22
N HIS C 287 32.69 6.12 14.59
CA HIS C 287 31.78 5.04 14.92
C HIS C 287 30.92 5.39 16.13
N GLU C 288 31.49 6.08 17.12
CA GLU C 288 30.73 6.40 18.32
C GLU C 288 29.58 7.35 18.02
N GLY C 289 29.81 8.35 17.17
CA GLY C 289 28.78 9.33 16.89
C GLY C 289 27.62 8.76 16.10
N VAL C 290 27.88 7.70 15.34
CA VAL C 290 26.80 7.08 14.56
C VAL C 290 25.88 6.31 15.48
N LYS C 291 26.46 5.48 16.36
CA LYS C 291 25.60 4.62 17.16
C LYS C 291 24.96 5.34 18.34
N ARG C 292 25.45 6.54 18.70
CA ARG C 292 24.75 7.39 19.64
C ARG C 292 24.02 8.54 18.93
N PHE C 293 23.54 8.27 17.72
CA PHE C 293 23.00 9.33 16.86
C PHE C 293 21.74 9.93 17.45
N ASP C 294 20.83 9.08 17.94
CA ASP C 294 19.54 9.56 18.42
C ASP C 294 19.69 10.57 19.56
N GLU C 295 20.61 10.33 20.50
CA GLU C 295 20.79 11.29 21.57
C GLU C 295 21.47 12.58 21.09
N ILE C 296 22.26 12.50 20.02
CA ILE C 296 22.88 13.70 19.45
C ILE C 296 21.85 14.52 18.69
N LEU C 297 21.06 13.87 17.84
CA LEU C 297 20.07 14.59 17.04
C LEU C 297 19.06 15.30 17.93
N GLU C 298 18.67 14.65 19.03
CA GLU C 298 17.73 15.28 19.94
C GLU C 298 18.27 16.60 20.47
N VAL C 299 19.55 16.63 20.79
CA VAL C 299 20.12 17.87 21.33
C VAL C 299 20.46 18.88 20.24
N SER C 300 20.64 18.45 18.99
CA SER C 300 21.19 19.34 17.99
C SER C 300 20.09 20.03 17.17
N ASP C 301 20.48 21.12 16.50
CA ASP C 301 19.59 21.69 15.49
C ASP C 301 19.63 20.88 14.20
N GLY C 302 20.75 20.26 13.89
CA GLY C 302 20.83 19.47 12.69
C GLY C 302 22.07 18.60 12.69
N ILE C 303 22.31 17.98 11.54
CA ILE C 303 23.35 16.98 11.38
C ILE C 303 24.09 17.23 10.07
N MET C 304 25.38 16.96 10.08
CA MET C 304 26.20 16.88 8.87
C MET C 304 26.82 15.50 8.84
N VAL C 305 26.56 14.74 7.77
CA VAL C 305 27.23 13.46 7.56
C VAL C 305 28.61 13.78 6.99
N ALA C 306 29.62 13.73 7.85
CA ALA C 306 31.00 14.12 7.49
C ALA C 306 31.72 12.88 6.98
N ARG C 307 31.56 12.61 5.70
CA ARG C 307 32.02 11.33 5.17
C ARG C 307 33.53 11.23 5.10
N GLY C 308 34.24 12.37 5.00
CA GLY C 308 35.69 12.36 5.02
C GLY C 308 36.23 11.55 6.19
N ASP C 309 36.09 12.10 7.41
CA ASP C 309 36.54 11.36 8.58
C ASP C 309 35.77 10.05 8.76
N LEU C 310 34.46 10.06 8.56
CA LEU C 310 33.68 8.84 8.80
C LEU C 310 34.16 7.69 7.94
N GLY C 311 34.51 7.97 6.68
CA GLY C 311 35.12 6.98 5.79
C GLY C 311 36.50 6.51 6.20
N ILE C 312 37.17 7.23 7.10
CA ILE C 312 38.38 6.70 7.71
C ILE C 312 38.04 5.90 8.97
N GLU C 313 37.08 6.39 9.77
CA GLU C 313 36.84 5.78 11.08
C GLU C 313 36.13 4.42 10.98
N ILE C 314 35.24 4.25 10.01
CA ILE C 314 34.56 2.98 9.78
C ILE C 314 34.95 2.50 8.39
N PRO C 315 34.71 1.22 8.06
CA PRO C 315 35.05 0.76 6.70
C PRO C 315 34.35 1.61 5.65
N ALA C 316 35.08 1.88 4.55
CA ALA C 316 34.56 2.79 3.52
C ALA C 316 33.28 2.24 2.90
N GLU C 317 33.14 0.91 2.84
CA GLU C 317 31.95 0.25 2.31
C GLU C 317 30.67 0.61 3.05
N LYS C 318 30.76 1.02 4.30
CA LYS C 318 29.59 1.21 5.12
C LYS C 318 29.17 2.67 5.25
N VAL C 319 29.90 3.61 4.63
CA VAL C 319 29.51 5.02 4.76
C VAL C 319 28.11 5.26 4.19
N PHE C 320 27.79 4.65 3.04
CA PHE C 320 26.48 4.89 2.44
C PHE C 320 25.36 4.43 3.37
N LEU C 321 25.57 3.34 4.11
CA LEU C 321 24.61 2.94 5.13
C LEU C 321 24.44 4.06 6.18
N ALA C 322 25.55 4.54 6.73
CA ALA C 322 25.42 5.61 7.73
C ALA C 322 24.74 6.83 7.14
N GLN C 323 25.08 7.19 5.89
CA GLN C 323 24.45 8.33 5.23
C GLN C 323 22.94 8.14 5.10
N LYS C 324 22.52 7.01 4.55
CA LYS C 324 21.08 6.86 4.35
C LYS C 324 20.36 6.75 5.69
N MET C 325 20.96 6.03 6.64
CA MET C 325 20.32 5.94 7.97
C MET C 325 20.15 7.31 8.59
N MET C 326 21.18 8.16 8.49
CA MET C 326 21.12 9.45 9.18
C MET C 326 20.18 10.42 8.47
N ILE C 327 20.17 10.44 7.14
CA ILE C 327 19.25 11.32 6.43
C ILE C 327 17.80 10.90 6.69
N GLY C 328 17.50 9.60 6.63
CA GLY C 328 16.16 9.13 7.00
C GLY C 328 15.72 9.59 8.39
N ARG C 329 16.58 9.39 9.41
CA ARG C 329 16.23 9.75 10.78
C ARG C 329 16.09 11.26 10.95
N CYS C 330 16.90 12.05 10.25
CA CYS C 330 16.73 13.51 10.30
C CYS C 330 15.46 13.91 9.59
N ASN C 331 15.15 13.25 8.47
CA ASN C 331 13.88 13.51 7.76
C ASN C 331 12.71 13.18 8.66
N LEU C 332 12.76 12.04 9.34
CA LEU C 332 11.68 11.67 10.24
C LEU C 332 11.53 12.69 11.35
N ALA C 333 12.65 13.28 11.81
CA ALA C 333 12.62 14.25 12.90
C ALA C 333 12.27 15.67 12.46
N GLY C 334 12.29 15.97 11.16
CA GLY C 334 12.06 17.34 10.73
C GLY C 334 13.24 18.27 10.90
N LYS C 335 14.47 17.73 11.03
CA LYS C 335 15.68 18.47 11.30
C LYS C 335 16.65 18.39 10.12
N PRO C 336 17.22 19.52 9.72
CA PRO C 336 18.07 19.54 8.53
C PRO C 336 19.25 18.59 8.65
N VAL C 337 19.61 17.97 7.52
CA VAL C 337 20.77 17.11 7.41
C VAL C 337 21.61 17.58 6.22
N VAL C 338 22.93 17.56 6.39
CA VAL C 338 23.89 18.04 5.39
C VAL C 338 24.73 16.86 4.95
N CYS C 339 24.87 16.67 3.63
CA CYS C 339 25.75 15.64 3.10
C CYS C 339 27.01 16.29 2.54
N ALA C 340 28.17 15.76 2.92
CA ALA C 340 29.43 16.48 2.70
C ALA C 340 30.57 15.55 2.33
N THR C 341 31.53 16.14 1.62
CA THR C 341 32.90 15.72 1.40
C THR C 341 33.07 14.87 0.15
N GLN C 342 33.91 15.35 -0.76
CA GLN C 342 34.33 14.63 -1.96
C GLN C 342 33.17 14.40 -2.93
N MET C 343 32.17 15.29 -2.92
CA MET C 343 31.02 15.12 -3.79
C MET C 343 31.38 15.35 -5.26
N LEU C 344 32.22 16.35 -5.53
CA LEU C 344 32.73 16.64 -6.87
C LEU C 344 34.25 16.76 -6.83
N GLU C 345 34.88 15.80 -6.15
CA GLU C 345 36.29 15.90 -5.81
C GLU C 345 37.17 16.16 -7.03
N SER C 346 36.92 15.45 -8.14
CA SER C 346 37.79 15.59 -9.30
C SER C 346 37.75 17.00 -9.87
N MET C 347 36.71 17.77 -9.56
CA MET C 347 36.61 19.12 -10.10
C MET C 347 37.58 20.10 -9.46
N ILE C 348 38.46 19.62 -8.57
CA ILE C 348 39.52 20.48 -8.05
C ILE C 348 40.51 20.84 -9.15
N THR C 349 40.76 19.90 -10.07
CA THR C 349 41.66 20.09 -11.18
C THR C 349 41.01 19.90 -12.56
N LYS C 350 39.79 19.37 -12.63
CA LYS C 350 39.17 19.12 -13.91
C LYS C 350 37.90 19.94 -14.07
N PRO C 351 37.62 20.46 -15.27
CA PRO C 351 36.40 21.26 -15.46
C PRO C 351 35.10 20.47 -15.44
N ARG C 352 35.19 19.15 -15.52
CA ARG C 352 34.03 18.28 -15.67
C ARG C 352 34.13 17.22 -14.59
N PRO C 353 33.04 16.93 -13.88
CA PRO C 353 33.06 15.86 -12.88
C PRO C 353 33.05 14.49 -13.53
N THR C 354 33.40 13.48 -12.73
CA THR C 354 33.25 12.10 -13.16
C THR C 354 31.80 11.65 -13.04
N ARG C 355 31.51 10.47 -13.61
CA ARG C 355 30.15 9.93 -13.58
C ARG C 355 29.71 9.54 -12.18
N ALA C 356 30.65 9.07 -11.35
CA ALA C 356 30.31 8.74 -9.97
C ALA C 356 30.01 10.01 -9.16
N GLU C 357 30.69 11.10 -9.45
CA GLU C 357 30.43 12.32 -8.69
C GLU C 357 29.05 12.90 -9.00
N THR C 358 28.69 12.98 -10.28
CA THR C 358 27.35 13.46 -10.61
C THR C 358 26.28 12.59 -9.98
N SER C 359 26.50 11.26 -10.03
CA SER C 359 25.61 10.29 -9.44
C SER C 359 25.47 10.52 -7.93
N ASP C 360 26.57 10.85 -7.27
CA ASP C 360 26.56 10.92 -5.82
C ASP C 360 25.80 12.14 -5.34
N VAL C 361 26.00 13.28 -6.01
CA VAL C 361 25.20 14.44 -5.69
C VAL C 361 23.73 14.11 -5.84
N ALA C 362 23.36 13.51 -6.98
CA ALA C 362 21.94 13.27 -7.23
C ALA C 362 21.38 12.31 -6.19
N ASN C 363 22.16 11.31 -5.82
CA ASN C 363 21.67 10.34 -4.85
C ASN C 363 21.59 10.92 -3.44
N ALA C 364 22.46 11.86 -3.07
CA ALA C 364 22.27 12.57 -1.81
C ALA C 364 20.97 13.35 -1.80
N VAL C 365 20.65 14.01 -2.90
CA VAL C 365 19.39 14.74 -2.97
C VAL C 365 18.22 13.77 -2.93
N LEU C 366 18.33 12.64 -3.63
CA LEU C 366 17.22 11.69 -3.66
C LEU C 366 17.00 11.07 -2.29
N ASP C 367 18.09 10.81 -1.56
CA ASP C 367 18.02 10.31 -0.19
C ASP C 367 17.20 11.24 0.72
N GLY C 368 17.20 12.54 0.43
CA GLY C 368 16.52 13.49 1.30
C GLY C 368 17.39 14.53 2.00
N ALA C 369 18.65 14.69 1.59
CA ALA C 369 19.54 15.65 2.23
C ALA C 369 19.03 17.07 2.11
N ASP C 370 19.12 17.84 3.18
CA ASP C 370 18.70 19.24 3.07
C ASP C 370 19.76 20.10 2.39
N CYS C 371 21.03 19.77 2.58
CA CYS C 371 22.18 20.53 2.11
C CYS C 371 23.25 19.60 1.59
N ILE C 372 24.02 20.10 0.64
CA ILE C 372 25.20 19.43 0.11
C ILE C 372 26.35 20.43 0.11
N MET C 373 27.57 19.92 0.21
CA MET C 373 28.72 20.73 0.49
C MET C 373 29.80 20.56 -0.57
N LEU C 374 30.48 21.67 -0.88
CA LEU C 374 31.77 21.63 -1.55
C LEU C 374 32.84 22.06 -0.55
N SER C 375 33.94 21.30 -0.52
CA SER C 375 35.07 21.57 0.36
C SER C 375 36.25 22.03 -0.50
N GLY C 376 37.17 21.15 -0.85
CA GLY C 376 38.29 21.55 -1.69
C GLY C 376 37.91 22.09 -3.06
N GLU C 377 36.73 21.72 -3.56
CA GLU C 377 36.27 22.16 -4.88
C GLU C 377 36.07 23.66 -4.94
N THR C 378 35.67 24.27 -3.84
CA THR C 378 35.53 25.73 -3.80
C THR C 378 36.66 26.41 -3.06
N ALA C 379 37.31 25.72 -2.13
CA ALA C 379 38.27 26.38 -1.25
C ALA C 379 39.63 26.53 -1.91
N LYS C 380 40.05 25.53 -2.69
CA LYS C 380 41.39 25.53 -3.24
C LYS C 380 41.49 25.10 -4.71
N GLY C 381 40.38 24.79 -5.40
CA GLY C 381 40.49 24.26 -6.74
C GLY C 381 40.40 25.31 -7.85
N ASN C 382 40.63 24.85 -9.07
CA ASN C 382 40.63 25.76 -10.22
C ASN C 382 39.25 26.05 -10.78
N PHE C 383 38.17 25.42 -10.26
CA PHE C 383 36.87 25.64 -10.88
C PHE C 383 35.78 25.86 -9.83
N PRO C 384 35.96 26.82 -8.92
CA PRO C 384 34.99 26.95 -7.83
C PRO C 384 33.59 27.35 -8.28
N VAL C 385 33.45 28.26 -9.24
CA VAL C 385 32.11 28.63 -9.68
C VAL C 385 31.46 27.45 -10.40
N GLU C 386 32.22 26.79 -11.30
CA GLU C 386 31.72 25.64 -12.04
C GLU C 386 31.25 24.52 -11.13
N ALA C 387 31.94 24.30 -10.00
CA ALA C 387 31.50 23.24 -9.11
C ALA C 387 30.16 23.60 -8.42
N VAL C 388 29.95 24.90 -8.13
CA VAL C 388 28.68 25.32 -7.58
C VAL C 388 27.59 25.23 -8.62
N LYS C 389 27.90 25.58 -9.88
CA LYS C 389 26.91 25.45 -10.95
C LYS C 389 26.54 23.99 -11.16
N MET C 390 27.52 23.09 -11.09
CA MET C 390 27.25 21.66 -11.25
C MET C 390 26.29 21.19 -10.16
N GLN C 391 26.58 21.51 -8.91
CA GLN C 391 25.73 21.07 -7.82
C GLN C 391 24.34 21.63 -7.98
N HIS C 392 24.25 22.90 -8.40
CA HIS C 392 22.95 23.50 -8.64
C HIS C 392 22.18 22.75 -9.73
N ALA C 393 22.85 22.41 -10.84
CA ALA C 393 22.14 21.75 -11.95
C ALA C 393 21.73 20.31 -11.59
N ILE C 394 22.62 19.54 -10.98
CA ILE C 394 22.27 18.17 -10.56
C ILE C 394 21.10 18.21 -9.57
N ALA C 395 21.15 19.14 -8.60
CA ALA C 395 20.11 19.18 -7.56
C ALA C 395 18.73 19.44 -8.14
N ARG C 396 18.62 20.32 -9.14
CA ARG C 396 17.31 20.56 -9.75
C ARG C 396 16.77 19.32 -10.43
N GLU C 397 17.59 18.64 -11.22
CA GLU C 397 17.16 17.37 -11.81
C GLU C 397 16.71 16.40 -10.72
N ALA C 398 17.50 16.29 -9.65
CA ALA C 398 17.26 15.23 -8.66
C ALA C 398 16.00 15.48 -7.87
N GLU C 399 15.71 16.76 -7.59
CA GLU C 399 14.54 17.10 -6.81
C GLU C 399 13.26 16.74 -7.55
N ALA C 400 13.24 16.93 -8.87
CA ALA C 400 12.06 16.54 -9.63
C ALA C 400 11.85 15.03 -9.61
N ALA C 401 12.93 14.24 -9.55
CA ALA C 401 12.90 12.79 -9.62
C ALA C 401 12.58 12.14 -8.28
N VAL C 402 12.23 12.93 -7.28
CA VAL C 402 11.78 12.40 -6.00
C VAL C 402 10.39 11.80 -6.16
N TYR C 403 10.19 10.58 -5.66
CA TYR C 403 8.88 9.92 -5.69
C TYR C 403 8.00 10.49 -4.56
N HIS C 404 7.58 11.75 -4.76
CA HIS C 404 6.87 12.51 -3.74
C HIS C 404 5.66 11.78 -3.16
N ARG C 405 4.88 11.13 -4.02
CA ARG C 405 3.63 10.50 -3.59
C ARG C 405 3.86 9.61 -2.38
N GLN C 406 4.84 8.70 -2.47
CA GLN C 406 5.07 7.81 -1.35
C GLN C 406 5.82 8.52 -0.22
N LEU C 407 6.72 9.45 -0.55
CA LEU C 407 7.42 10.20 0.49
C LEU C 407 6.45 10.96 1.38
N PHE C 408 5.48 11.64 0.77
CA PHE C 408 4.52 12.39 1.58
C PHE C 408 3.69 11.47 2.45
N GLU C 409 3.23 10.35 1.90
CA GLU C 409 2.41 9.43 2.67
C GLU C 409 3.13 8.95 3.90
N GLU C 410 4.39 8.52 3.74
CA GLU C 410 5.12 7.97 4.87
C GLU C 410 5.51 9.05 5.87
N LEU C 411 5.73 10.28 5.41
CA LEU C 411 6.04 11.36 6.34
C LEU C 411 4.81 11.71 7.18
N ARG C 412 3.64 11.68 6.56
CA ARG C 412 2.39 11.85 7.30
C ARG C 412 2.22 10.76 8.36
N ARG C 413 2.27 9.49 7.94
CA ARG C 413 2.02 8.39 8.87
C ARG C 413 2.99 8.39 10.04
N ALA C 414 4.23 8.84 9.81
CA ALA C 414 5.26 8.76 10.84
C ALA C 414 5.25 9.96 11.77
N ALA C 415 4.85 11.12 11.27
CA ALA C 415 4.78 12.31 12.10
C ALA C 415 3.64 12.13 13.11
N PRO C 416 3.89 12.35 14.40
CA PRO C 416 2.86 12.06 15.41
C PRO C 416 1.76 13.11 15.39
N LEU C 417 0.71 12.81 16.15
CA LEU C 417 -0.36 13.76 16.37
C LEU C 417 0.17 14.98 17.12
N SER C 418 -0.46 16.13 16.90
CA SER C 418 0.04 17.38 17.44
C SER C 418 -1.14 18.30 17.70
N ARG C 419 -1.10 19.02 18.81
CA ARG C 419 -2.07 20.06 19.10
C ARG C 419 -1.49 21.44 18.91
N ASP C 420 -0.25 21.53 18.43
CA ASP C 420 0.36 22.80 18.04
C ASP C 420 -0.27 23.30 16.76
N PRO C 421 -0.91 24.47 16.77
CA PRO C 421 -1.59 24.95 15.55
C PRO C 421 -0.63 25.23 14.40
N THR C 422 0.62 25.60 14.68
CA THR C 422 1.60 25.73 13.62
C THR C 422 1.82 24.41 12.88
N GLU C 423 2.02 23.31 13.63
CA GLU C 423 2.21 22.00 13.00
C GLU C 423 0.95 21.53 12.26
N VAL C 424 -0.24 21.88 12.77
CA VAL C 424 -1.48 21.46 12.13
C VAL C 424 -1.71 22.26 10.85
N THR C 425 -1.54 23.59 10.93
CA THR C 425 -1.63 24.44 9.74
C THR C 425 -0.63 24.02 8.67
N ALA C 426 0.57 23.62 9.09
CA ALA C 426 1.60 23.24 8.13
C ALA C 426 1.19 22.02 7.31
N ILE C 427 0.72 20.96 7.97
CA ILE C 427 0.45 19.78 7.16
C ILE C 427 -0.84 19.98 6.35
N GLY C 428 -1.76 20.82 6.83
CA GLY C 428 -2.89 21.21 6.01
C GLY C 428 -2.44 21.89 4.74
N ALA C 429 -1.46 22.79 4.86
CA ALA C 429 -1.04 23.61 3.74
C ALA C 429 -0.23 22.81 2.72
N VAL C 430 0.58 21.87 3.17
CA VAL C 430 1.30 21.03 2.24
C VAL C 430 0.33 20.15 1.46
N GLU C 431 -0.67 19.60 2.17
CA GLU C 431 -1.70 18.80 1.52
C GLU C 431 -2.49 19.63 0.51
N ALA C 432 -2.91 20.83 0.92
CA ALA C 432 -3.52 21.74 -0.04
C ALA C 432 -2.57 22.05 -1.21
N ALA C 433 -1.27 22.20 -0.93
CA ALA C 433 -0.35 22.53 -2.02
C ALA C 433 -0.29 21.40 -3.06
N PHE C 434 -0.20 20.15 -2.60
CA PHE C 434 -0.16 19.03 -3.54
C PHE C 434 -1.42 18.90 -4.40
N LYS C 435 -2.60 19.30 -3.89
CA LYS C 435 -3.85 19.12 -4.63
C LYS C 435 -3.96 20.09 -5.81
N CYS C 436 -3.55 21.35 -5.64
CA CYS C 436 -3.67 22.31 -6.73
C CYS C 436 -2.35 22.51 -7.48
N CYS C 437 -1.36 21.67 -7.20
CA CYS C 437 0.02 21.85 -7.68
C CYS C 437 0.49 23.31 -7.55
N ALA C 438 0.30 23.85 -6.35
CA ALA C 438 0.58 25.27 -6.13
C ALA C 438 2.05 25.57 -6.41
N ALA C 439 2.32 26.74 -7.00
CA ALA C 439 3.72 27.07 -7.24
C ALA C 439 4.48 27.26 -5.92
N ALA C 440 3.81 27.72 -4.87
CA ALA C 440 4.54 28.00 -3.65
C ALA C 440 3.60 28.10 -2.46
N ILE C 441 4.19 27.94 -1.29
CA ILE C 441 3.60 28.27 0.01
C ILE C 441 4.35 29.49 0.55
N ILE C 442 3.64 30.61 0.68
CA ILE C 442 4.20 31.84 1.26
C ILE C 442 3.90 31.85 2.74
N VAL C 443 4.92 31.98 3.59
CA VAL C 443 4.74 31.91 5.04
C VAL C 443 5.45 33.08 5.72
N LEU C 444 4.74 33.73 6.67
CA LEU C 444 5.35 34.75 7.53
C LEU C 444 5.96 34.06 8.75
N THR C 445 7.23 34.34 9.02
CA THR C 445 7.91 33.70 10.13
C THR C 445 8.89 34.68 10.76
N THR C 446 9.06 34.53 12.07
CA THR C 446 9.97 35.33 12.87
C THR C 446 11.28 34.59 13.14
N THR C 447 11.18 33.36 13.64
CA THR C 447 12.32 32.51 13.95
C THR C 447 12.66 31.55 12.81
N GLY C 448 11.82 31.45 11.78
CA GLY C 448 11.94 30.39 10.81
C GLY C 448 11.14 29.15 11.12
N ARG C 449 10.64 28.97 12.35
CA ARG C 449 10.02 27.69 12.73
C ARG C 449 8.77 27.38 11.91
N SER C 450 7.97 28.39 11.58
CA SER C 450 6.85 28.15 10.67
C SER C 450 7.33 27.53 9.36
N ALA C 451 8.37 28.12 8.75
CA ALA C 451 8.88 27.60 7.48
C ALA C 451 9.45 26.19 7.63
N GLN C 452 10.11 25.91 8.73
CA GLN C 452 10.73 24.60 8.90
C GLN C 452 9.68 23.52 8.99
N LEU C 453 8.52 23.82 9.58
CA LEU C 453 7.48 22.83 9.78
C LEU C 453 6.78 22.49 8.48
N LEU C 454 6.62 23.48 7.59
CA LEU C 454 6.20 23.18 6.23
C LEU C 454 7.26 22.34 5.52
N SER C 455 8.53 22.75 5.64
CA SER C 455 9.62 22.06 4.95
C SER C 455 9.74 20.59 5.32
N ARG C 456 9.34 20.22 6.55
CA ARG C 456 9.55 18.84 6.94
C ARG C 456 8.62 17.87 6.21
N TYR C 457 7.53 18.35 5.62
CA TYR C 457 6.65 17.49 4.84
C TYR C 457 7.07 17.41 3.38
N ARG C 458 8.27 17.91 3.06
CA ARG C 458 8.86 17.86 1.73
C ARG C 458 7.82 18.21 0.66
N PRO C 459 7.18 19.38 0.76
CA PRO C 459 6.27 19.79 -0.32
C PRO C 459 7.03 19.94 -1.62
N ARG C 460 6.31 19.80 -2.73
CA ARG C 460 6.92 20.11 -4.02
C ARG C 460 6.98 21.61 -4.23
N ALA C 461 5.92 22.32 -3.86
CA ALA C 461 5.90 23.77 -3.99
C ALA C 461 7.01 24.41 -3.15
N ALA C 462 7.60 25.48 -3.67
CA ALA C 462 8.58 26.25 -2.90
C ALA C 462 7.92 26.89 -1.67
N VAL C 463 8.57 26.77 -0.51
CA VAL C 463 8.19 27.53 0.67
C VAL C 463 8.94 28.85 0.65
N ILE C 464 8.23 29.92 0.39
CA ILE C 464 8.77 31.28 0.39
C ILE C 464 8.52 31.90 1.78
N ALA C 465 9.59 32.06 2.56
CA ALA C 465 9.51 32.54 3.94
C ALA C 465 9.83 34.03 3.99
N VAL C 466 8.88 34.83 4.46
CA VAL C 466 9.04 36.29 4.55
C VAL C 466 9.26 36.66 6.01
N THR C 467 10.43 37.23 6.31
CA THR C 467 10.86 37.50 7.68
C THR C 467 11.51 38.87 7.73
N ARG C 468 11.53 39.44 8.94
CA ARG C 468 12.32 40.64 9.24
C ARG C 468 13.63 40.31 9.91
N SER C 469 13.77 39.09 10.44
CA SER C 469 14.98 38.71 11.14
C SER C 469 16.03 38.34 10.11
N ALA C 470 17.02 39.22 9.95
CA ALA C 470 18.11 38.97 9.01
C ALA C 470 18.77 37.62 9.24
N GLN C 471 19.04 37.29 10.50
CA GLN C 471 19.71 36.02 10.80
C GLN C 471 18.82 34.84 10.50
N ALA C 472 17.51 34.95 10.79
CA ALA C 472 16.61 33.83 10.51
C ALA C 472 16.53 33.57 9.00
N ALA C 473 16.43 34.64 8.21
CA ALA C 473 16.49 34.49 6.76
C ALA C 473 17.70 33.69 6.32
N ARG C 474 18.85 33.90 6.97
CA ARG C 474 20.04 33.12 6.62
C ARG C 474 20.01 31.71 7.20
N GLN C 475 19.37 31.50 8.35
CA GLN C 475 19.44 30.18 8.95
C GLN C 475 18.50 29.18 8.29
N VAL C 476 17.45 29.65 7.59
CA VAL C 476 16.47 28.71 7.04
C VAL C 476 16.98 28.03 5.79
N HIS C 477 18.15 28.46 5.25
CA HIS C 477 18.80 27.74 4.16
C HIS C 477 19.14 26.30 4.55
N LEU C 478 19.20 25.99 5.84
CA LEU C 478 19.43 24.62 6.25
C LEU C 478 18.24 23.71 5.96
N CYS C 479 17.04 24.27 5.83
CA CYS C 479 15.80 23.51 5.61
C CYS C 479 15.50 23.43 4.13
N ARG C 480 15.45 22.22 3.58
CA ARG C 480 15.19 22.08 2.15
C ARG C 480 13.86 22.72 1.76
N GLY C 481 13.88 23.46 0.65
CA GLY C 481 12.67 24.01 0.07
C GLY C 481 12.32 25.41 0.51
N VAL C 482 13.00 25.96 1.50
CA VAL C 482 12.66 27.29 2.00
C VAL C 482 13.47 28.31 1.23
N PHE C 483 12.81 29.36 0.79
CA PHE C 483 13.46 30.44 0.04
C PHE C 483 13.25 31.72 0.83
N PRO C 484 14.22 32.14 1.63
CA PRO C 484 14.00 33.28 2.54
C PRO C 484 14.02 34.62 1.83
N LEU C 485 13.09 35.47 2.23
CA LEU C 485 13.04 36.86 1.80
C LEU C 485 13.18 37.77 3.02
N LEU C 486 14.12 38.71 2.96
CA LEU C 486 14.36 39.68 4.03
C LEU C 486 13.49 40.90 3.77
N TYR C 487 12.49 41.10 4.61
CA TYR C 487 11.62 42.25 4.49
C TYR C 487 12.22 43.40 5.30
N ARG C 488 12.23 44.60 4.71
CA ARG C 488 12.99 45.72 5.24
C ARG C 488 12.11 46.89 5.65
N GLU C 489 10.84 46.82 5.43
CA GLU C 489 10.04 48.00 5.69
C GLU C 489 9.71 48.09 7.19
N PRO C 490 9.67 49.30 7.74
CA PRO C 490 9.17 49.48 9.11
C PRO C 490 7.69 49.13 9.21
N PRO C 491 7.19 48.84 10.43
CA PRO C 491 5.83 48.29 10.54
C PRO C 491 4.77 49.32 10.20
N GLU C 492 3.70 48.86 9.59
CA GLU C 492 2.54 49.69 9.35
C GLU C 492 1.77 49.92 10.65
N ALA C 493 0.87 50.90 10.62
CA ALA C 493 0.10 51.25 11.81
C ALA C 493 -0.80 50.11 12.27
N ILE C 494 -1.65 49.62 11.38
CA ILE C 494 -2.55 48.52 11.71
C ILE C 494 -1.93 47.21 11.28
N TRP C 495 -1.77 46.28 12.23
CA TRP C 495 -1.06 45.02 12.01
C TRP C 495 -1.61 44.25 10.82
N ALA C 496 -2.92 44.29 10.57
CA ALA C 496 -3.50 43.55 9.44
C ALA C 496 -3.04 44.10 8.09
N ASP C 497 -2.63 45.37 8.02
CA ASP C 497 -2.04 45.86 6.77
C ASP C 497 -0.56 45.50 6.69
N ASP C 498 0.13 45.45 7.83
CA ASP C 498 1.51 44.96 7.84
C ASP C 498 1.61 43.48 7.47
N VAL C 499 0.54 42.71 7.65
CA VAL C 499 0.55 41.31 7.24
C VAL C 499 0.34 41.20 5.72
N ASP C 500 -0.67 41.88 5.20
CA ASP C 500 -0.91 41.89 3.77
C ASP C 500 0.33 42.34 3.01
N ARG C 501 1.04 43.35 3.51
CA ARG C 501 2.18 43.90 2.79
C ARG C 501 3.30 42.88 2.66
N ARG C 502 3.63 42.18 3.75
CA ARG C 502 4.66 41.16 3.69
C ARG C 502 4.25 40.02 2.75
N VAL C 503 2.96 39.66 2.75
CA VAL C 503 2.46 38.63 1.85
C VAL C 503 2.66 39.04 0.39
N GLN C 504 2.34 40.29 0.05
CA GLN C 504 2.54 40.77 -1.31
C GLN C 504 4.02 40.84 -1.64
N PHE C 505 4.84 41.23 -0.66
CA PHE C 505 6.28 41.20 -0.84
C PHE C 505 6.77 39.80 -1.20
N GLY C 506 6.11 38.77 -0.65
CA GLY C 506 6.44 37.41 -1.04
C GLY C 506 6.02 37.08 -2.47
N ILE C 507 4.88 37.62 -2.90
CA ILE C 507 4.44 37.39 -4.27
C ILE C 507 5.38 38.07 -5.25
N GLU C 508 5.52 39.41 -5.11
CA GLU C 508 6.33 40.17 -6.06
C GLU C 508 7.71 39.57 -6.19
N SER C 509 8.35 39.21 -5.06
CA SER C 509 9.66 38.57 -5.11
C SER C 509 9.59 37.27 -5.90
N GLY C 510 8.58 36.44 -5.61
CA GLY C 510 8.44 35.17 -6.31
C GLY C 510 8.28 35.31 -7.82
N LYS C 511 7.47 36.29 -8.26
CA LYS C 511 7.34 36.56 -9.69
C LYS C 511 8.66 37.03 -10.29
N LEU C 512 9.35 37.95 -9.62
CA LEU C 512 10.62 38.43 -10.16
C LEU C 512 11.62 37.30 -10.35
N ARG C 513 11.68 36.37 -9.41
CA ARG C 513 12.69 35.32 -9.45
C ARG C 513 12.27 34.10 -10.27
N GLY C 514 11.04 34.08 -10.77
CA GLY C 514 10.60 32.93 -11.54
C GLY C 514 10.11 31.76 -10.73
N PHE C 515 9.74 31.97 -9.46
CA PHE C 515 9.04 30.93 -8.70
C PHE C 515 7.55 30.92 -9.04
N LEU C 516 6.97 32.09 -9.22
CA LEU C 516 5.54 32.24 -9.45
C LEU C 516 5.32 32.93 -10.78
N ARG C 517 4.09 32.81 -11.28
CA ARG C 517 3.68 33.60 -12.44
C ARG C 517 2.16 33.65 -12.45
N VAL C 518 1.63 34.36 -13.46
CA VAL C 518 0.30 34.96 -13.37
C VAL C 518 -0.80 33.93 -13.19
N GLY C 519 -0.57 32.69 -13.60
CA GLY C 519 -1.64 31.72 -13.41
C GLY C 519 -1.49 30.83 -12.19
N ASP C 520 -0.33 30.90 -11.55
CA ASP C 520 -0.05 30.02 -10.42
C ASP C 520 -1.03 30.23 -9.27
N LEU C 521 -1.36 29.14 -8.57
CA LEU C 521 -2.06 29.20 -7.29
C LEU C 521 -1.02 29.18 -6.16
N VAL C 522 -1.30 29.92 -5.08
CA VAL C 522 -0.41 29.97 -3.94
C VAL C 522 -1.19 29.75 -2.65
N ILE C 523 -0.53 29.11 -1.68
CA ILE C 523 -1.01 28.96 -0.32
C ILE C 523 -0.30 29.98 0.56
N VAL C 524 -1.05 30.76 1.32
CA VAL C 524 -0.47 31.74 2.25
C VAL C 524 -0.70 31.27 3.67
N VAL C 525 0.39 31.11 4.44
CA VAL C 525 0.31 30.73 5.84
C VAL C 525 0.68 31.94 6.71
N THR C 526 -0.25 32.39 7.57
CA THR C 526 -0.04 33.48 8.52
C THR C 526 -0.49 33.10 9.93
N GLY C 527 -0.62 34.11 10.82
CA GLY C 527 -0.95 33.88 12.21
C GLY C 527 -2.01 34.85 12.67
N TRP C 528 -2.57 34.59 13.86
CA TRP C 528 -3.71 35.40 14.30
C TRP C 528 -3.32 36.59 15.17
N ARG C 529 -2.05 36.70 15.55
CA ARG C 529 -1.58 37.80 16.39
C ARG C 529 -0.07 37.93 16.21
N PRO C 530 0.48 39.12 16.45
CA PRO C 530 1.92 39.32 16.26
C PRO C 530 2.74 38.46 17.20
N GLY C 531 4.05 38.45 16.93
CA GLY C 531 5.00 37.64 17.67
C GLY C 531 5.04 36.21 17.20
N SER C 532 6.17 35.53 17.38
CA SER C 532 6.25 34.18 16.85
C SER C 532 5.40 33.23 17.67
N GLY C 533 5.14 32.05 17.08
CA GLY C 533 4.46 30.97 17.78
C GLY C 533 2.95 30.86 17.57
N TYR C 534 2.34 31.75 16.79
CA TYR C 534 0.88 31.79 16.67
C TYR C 534 0.38 31.52 15.25
N THR C 535 1.18 30.85 14.42
CA THR C 535 0.75 30.49 13.07
C THR C 535 -0.47 29.56 13.14
N ASN C 536 -1.52 29.88 12.39
CA ASN C 536 -2.74 29.10 12.51
C ASN C 536 -3.70 29.32 11.33
N ILE C 537 -3.29 30.00 10.28
CA ILE C 537 -4.19 30.31 9.16
C ILE C 537 -3.58 29.82 7.87
N MET C 538 -4.43 29.31 6.98
CA MET C 538 -4.02 28.91 5.66
C MET C 538 -5.05 29.47 4.69
N ARG C 539 -4.60 30.22 3.67
CA ARG C 539 -5.49 30.71 2.63
C ARG C 539 -4.97 30.29 1.26
N VAL C 540 -5.92 30.10 0.33
CA VAL C 540 -5.63 29.74 -1.05
C VAL C 540 -5.87 30.97 -1.90
N LEU C 541 -4.88 31.40 -2.67
CA LEU C 541 -4.99 32.66 -3.41
C LEU C 541 -4.54 32.48 -4.86
N SER C 542 -5.12 33.31 -5.73
CA SER C 542 -4.73 33.36 -7.14
C SER C 542 -3.70 34.47 -7.30
N ILE C 543 -2.54 34.13 -7.87
CA ILE C 543 -1.48 35.13 -8.05
C ILE C 543 -1.84 35.92 -9.30
N SER C 544 -2.36 37.12 -9.09
CA SER C 544 -2.72 38.06 -10.13
C SER C 544 -1.51 38.45 -10.99
N GLN D 28 22.15 -8.94 11.75
CA GLN D 28 22.75 -9.59 10.60
C GLN D 28 21.90 -9.43 9.32
N GLN D 29 22.56 -8.98 8.26
CA GLN D 29 21.97 -8.87 6.92
C GLN D 29 20.92 -7.76 6.81
N GLN D 30 20.92 -6.82 7.76
CA GLN D 30 20.04 -5.65 7.74
C GLN D 30 18.56 -6.04 7.70
N LEU D 31 18.19 -7.11 8.39
CA LEU D 31 16.81 -7.56 8.24
C LEU D 31 15.79 -6.74 9.04
N PRO D 32 16.15 -6.10 10.16
CA PRO D 32 15.23 -5.08 10.71
C PRO D 32 14.83 -4.03 9.69
N ALA D 33 15.75 -3.65 8.79
CA ALA D 33 15.42 -2.72 7.72
C ALA D 33 14.57 -3.40 6.65
N ALA D 34 14.86 -4.67 6.37
CA ALA D 34 14.02 -5.43 5.46
C ALA D 34 12.62 -5.67 6.04
N MET D 35 12.48 -5.65 7.37
CA MET D 35 11.21 -5.90 8.04
C MET D 35 10.27 -4.70 8.01
N ALA D 36 10.76 -3.52 7.68
CA ALA D 36 10.06 -2.28 7.97
C ALA D 36 8.76 -2.17 7.17
N ASP D 37 7.82 -1.42 7.74
CA ASP D 37 6.53 -1.24 7.09
C ASP D 37 6.59 -0.17 6.01
N THR D 38 7.52 0.79 6.13
CA THR D 38 7.65 1.87 5.17
C THR D 38 9.11 2.01 4.76
N PHE D 39 9.32 2.64 3.61
CA PHE D 39 10.69 2.87 3.16
C PHE D 39 11.44 3.80 4.11
N LEU D 40 10.76 4.78 4.67
CA LEU D 40 11.42 5.70 5.60
C LEU D 40 11.91 4.95 6.84
N GLU D 41 11.02 4.16 7.45
CA GLU D 41 11.43 3.31 8.57
C GLU D 41 12.57 2.38 8.15
N HIS D 42 12.53 1.89 6.91
CA HIS D 42 13.58 1.02 6.41
C HIS D 42 14.93 1.72 6.41
N LEU D 43 14.98 2.97 5.91
CA LEU D 43 16.23 3.73 5.99
C LEU D 43 16.68 3.90 7.44
N CYS D 44 15.77 4.35 8.31
CA CYS D 44 16.10 4.63 9.70
C CYS D 44 16.68 3.43 10.43
N LEU D 45 16.41 2.21 9.99
CA LEU D 45 16.86 1.02 10.71
C LEU D 45 18.13 0.39 10.12
N LEU D 46 18.72 0.99 9.09
CA LEU D 46 19.96 0.49 8.53
C LEU D 46 21.08 0.60 9.58
N ASP D 47 21.90 -0.44 9.68
CA ASP D 47 22.89 -0.55 10.75
C ASP D 47 24.26 -0.84 10.15
N ILE D 48 25.24 0.03 10.45
CA ILE D 48 26.60 -0.19 9.98
C ILE D 48 27.25 -1.40 10.65
N ASP D 49 26.73 -1.87 11.78
CA ASP D 49 27.31 -3.01 12.46
C ASP D 49 26.58 -4.31 12.16
N SER D 50 25.81 -4.36 11.08
CA SER D 50 25.15 -5.59 10.66
C SER D 50 25.91 -6.16 9.45
N GLU D 51 26.58 -7.30 9.67
CA GLU D 51 27.42 -7.87 8.63
C GLU D 51 26.57 -8.62 7.61
N PRO D 52 26.93 -8.56 6.32
CA PRO D 52 26.16 -9.26 5.29
C PRO D 52 26.48 -10.74 5.31
N VAL D 53 25.48 -11.55 5.67
CA VAL D 53 25.68 -13.00 5.66
C VAL D 53 25.72 -13.51 4.23
N ALA D 54 24.84 -12.98 3.39
CA ALA D 54 24.67 -13.51 2.04
C ALA D 54 25.95 -13.35 1.23
N ALA D 55 26.11 -14.26 0.26
CA ALA D 55 27.15 -14.12 -0.75
C ALA D 55 26.83 -12.94 -1.66
N ARG D 56 27.88 -12.42 -2.31
CA ARG D 56 27.71 -11.26 -3.17
C ARG D 56 26.98 -11.63 -4.45
N SER D 57 25.92 -10.88 -4.77
CA SER D 57 25.05 -11.27 -5.88
C SER D 57 25.20 -10.45 -7.16
N THR D 58 25.63 -9.18 -7.06
CA THR D 58 25.90 -8.39 -8.26
C THR D 58 27.23 -8.79 -8.88
N SER D 59 27.22 -9.18 -10.16
CA SER D 59 28.47 -9.59 -10.79
C SER D 59 29.41 -8.39 -11.01
N ILE D 60 30.70 -8.68 -11.03
CA ILE D 60 31.72 -7.68 -11.30
C ILE D 60 32.32 -7.99 -12.66
N ILE D 61 32.37 -6.98 -13.52
CA ILE D 61 33.09 -7.07 -14.79
C ILE D 61 34.37 -6.25 -14.66
N ALA D 62 35.49 -6.85 -15.09
CA ALA D 62 36.78 -6.16 -15.14
C ALA D 62 37.30 -6.15 -16.58
N THR D 63 37.78 -4.98 -17.00
CA THR D 63 38.39 -4.83 -18.31
C THR D 63 39.85 -5.28 -18.27
N ILE D 64 40.22 -6.12 -19.23
CA ILE D 64 41.56 -6.64 -19.36
C ILE D 64 42.43 -5.59 -20.03
N GLY D 65 43.61 -5.33 -19.46
CA GLY D 65 44.62 -4.50 -20.05
C GLY D 65 45.97 -4.77 -19.43
N PRO D 66 46.96 -3.89 -19.69
CA PRO D 66 48.33 -4.16 -19.21
C PRO D 66 48.43 -4.43 -17.72
N ALA D 67 47.58 -3.80 -16.90
CA ALA D 67 47.56 -4.05 -15.47
C ALA D 67 46.92 -5.38 -15.10
N SER D 68 46.36 -6.13 -16.04
CA SER D 68 45.53 -7.27 -15.66
C SER D 68 45.55 -8.37 -16.72
N ARG D 69 46.74 -8.66 -17.27
CA ARG D 69 46.90 -9.68 -18.31
C ARG D 69 47.72 -10.89 -17.86
N SER D 70 48.63 -10.74 -16.89
CA SER D 70 49.42 -11.90 -16.50
C SER D 70 48.51 -12.94 -15.88
N VAL D 71 48.79 -14.20 -16.18
CA VAL D 71 48.06 -15.29 -15.56
C VAL D 71 47.98 -15.09 -14.05
N GLU D 72 49.08 -14.70 -13.43
CA GLU D 72 49.11 -14.65 -11.98
C GLU D 72 48.29 -13.49 -11.43
N ARG D 73 48.21 -12.38 -12.16
CA ARG D 73 47.33 -11.29 -11.72
C ARG D 73 45.85 -11.68 -11.87
N LEU D 74 45.50 -12.30 -12.99
CA LEU D 74 44.13 -12.75 -13.20
C LEU D 74 43.68 -13.69 -12.08
N LYS D 75 44.55 -14.61 -11.65
CA LYS D 75 44.21 -15.51 -10.55
C LYS D 75 43.80 -14.72 -9.31
N GLU D 76 44.60 -13.71 -8.95
CA GLU D 76 44.24 -12.83 -7.85
C GLU D 76 42.87 -12.21 -8.08
N MET D 77 42.60 -11.77 -9.32
CA MET D 77 41.36 -11.06 -9.57
C MET D 77 40.17 -12.00 -9.51
N ILE D 78 40.34 -13.24 -9.97
CA ILE D 78 39.28 -14.23 -9.80
C ILE D 78 38.98 -14.43 -8.31
N LYS D 79 40.02 -14.61 -7.48
CA LYS D 79 39.78 -14.81 -6.05
C LYS D 79 39.19 -13.56 -5.42
N ALA D 80 39.57 -12.39 -5.93
CA ALA D 80 38.96 -11.14 -5.46
C ALA D 80 37.48 -11.06 -5.85
N GLY D 81 37.07 -11.73 -6.92
CA GLY D 81 35.66 -11.74 -7.23
C GLY D 81 35.25 -11.35 -8.65
N MET D 82 36.21 -11.21 -9.57
CA MET D 82 35.87 -10.89 -10.96
C MET D 82 35.07 -12.03 -11.60
N ASN D 83 33.90 -11.71 -12.15
CA ASN D 83 33.06 -12.74 -12.75
C ASN D 83 33.05 -12.72 -14.26
N ILE D 84 33.30 -11.56 -14.86
CA ILE D 84 33.34 -11.44 -16.32
C ILE D 84 34.57 -10.62 -16.69
N ALA D 85 35.31 -11.09 -17.69
CA ALA D 85 36.46 -10.38 -18.22
C ALA D 85 36.08 -9.73 -19.55
N ARG D 86 36.24 -8.40 -19.62
CA ARG D 86 35.84 -7.60 -20.78
C ARG D 86 37.07 -7.32 -21.66
N LEU D 87 37.00 -7.77 -22.91
CA LEU D 87 38.01 -7.46 -23.92
C LEU D 87 37.57 -6.21 -24.66
N ASN D 88 38.37 -5.14 -24.58
CA ASN D 88 37.97 -3.87 -25.16
C ASN D 88 38.56 -3.82 -26.57
N PHE D 89 37.72 -4.00 -27.57
CA PHE D 89 38.21 -4.06 -28.93
C PHE D 89 38.36 -2.68 -29.57
N SER D 90 38.25 -1.60 -28.78
CA SER D 90 38.66 -0.30 -29.29
C SER D 90 40.16 -0.21 -29.47
N HIS D 91 40.93 -1.03 -28.74
CA HIS D 91 42.38 -1.05 -28.85
C HIS D 91 42.85 -2.48 -28.99
N GLY D 92 44.01 -2.64 -29.64
CA GLY D 92 44.72 -3.90 -29.67
C GLY D 92 44.44 -4.72 -30.91
N SER D 93 45.46 -5.48 -31.34
CA SER D 93 45.36 -6.37 -32.48
C SER D 93 44.58 -7.62 -32.09
N HIS D 94 44.15 -8.38 -33.12
CA HIS D 94 43.48 -9.64 -32.83
C HIS D 94 44.39 -10.58 -32.04
N GLU D 95 45.70 -10.56 -32.33
CA GLU D 95 46.60 -11.46 -31.62
C GLU D 95 46.70 -11.07 -30.15
N TYR D 96 46.62 -9.77 -29.87
CA TYR D 96 46.60 -9.28 -28.49
C TYR D 96 45.41 -9.84 -27.70
N HIS D 97 44.22 -9.77 -28.28
CA HIS D 97 43.03 -10.26 -27.60
C HIS D 97 43.04 -11.80 -27.50
N ALA D 98 43.62 -12.48 -28.48
CA ALA D 98 43.78 -13.93 -28.34
C ALA D 98 44.69 -14.26 -27.15
N GLU D 99 45.72 -13.43 -26.93
CA GLU D 99 46.59 -13.62 -25.77
C GLU D 99 45.82 -13.39 -24.48
N SER D 100 45.05 -12.30 -24.42
CA SER D 100 44.14 -12.06 -23.30
C SER D 100 43.23 -13.27 -23.05
N ILE D 101 42.57 -13.76 -24.10
CA ILE D 101 41.67 -14.90 -23.94
C ILE D 101 42.43 -16.10 -23.37
N ALA D 102 43.58 -16.42 -23.96
CA ALA D 102 44.35 -17.59 -23.51
C ALA D 102 44.80 -17.43 -22.07
N ASN D 103 45.22 -16.23 -21.68
CA ASN D 103 45.64 -16.01 -20.30
C ASN D 103 44.46 -16.12 -19.34
N VAL D 104 43.31 -15.53 -19.70
CA VAL D 104 42.13 -15.63 -18.84
C VAL D 104 41.76 -17.10 -18.66
N ARG D 105 41.74 -17.86 -19.76
CA ARG D 105 41.34 -19.27 -19.65
C ARG D 105 42.34 -20.07 -18.83
N GLU D 106 43.63 -19.79 -18.96
CA GLU D 106 44.61 -20.49 -18.13
C GLU D 106 44.37 -20.20 -16.66
N ALA D 107 44.17 -18.93 -16.32
CA ALA D 107 43.94 -18.60 -14.91
C ALA D 107 42.62 -19.20 -14.43
N VAL D 108 41.61 -19.28 -15.31
CA VAL D 108 40.31 -19.80 -14.88
C VAL D 108 40.39 -21.31 -14.66
N GLU D 109 41.05 -22.03 -15.56
CA GLU D 109 41.14 -23.47 -15.42
C GLU D 109 42.12 -23.86 -14.34
N SER D 110 42.96 -22.92 -13.88
CA SER D 110 43.84 -23.14 -12.74
C SER D 110 43.11 -23.68 -11.51
N PHE D 111 41.79 -23.56 -11.46
CA PHE D 111 41.01 -24.02 -10.31
C PHE D 111 40.11 -25.21 -10.62
N ALA D 112 40.13 -25.73 -11.85
CA ALA D 112 39.22 -26.81 -12.22
C ALA D 112 39.50 -28.10 -11.46
N GLY D 113 40.72 -28.26 -10.92
CA GLY D 113 41.07 -29.47 -10.19
C GLY D 113 40.20 -29.71 -8.96
N SER D 114 39.61 -28.65 -8.41
CA SER D 114 38.66 -28.75 -7.30
C SER D 114 37.28 -28.31 -7.79
N PRO D 115 36.48 -29.20 -8.36
CA PRO D 115 35.24 -28.78 -9.02
C PRO D 115 34.20 -28.20 -8.09
N LEU D 116 34.24 -28.52 -6.79
CA LEU D 116 33.24 -27.98 -5.88
C LEU D 116 33.42 -26.48 -5.62
N SER D 117 34.60 -25.93 -5.90
CA SER D 117 34.85 -24.51 -5.66
C SER D 117 35.17 -23.75 -6.93
N TYR D 118 35.21 -24.42 -8.08
CA TYR D 118 35.60 -23.80 -9.33
C TYR D 118 34.60 -22.73 -9.76
N ARG D 119 35.11 -21.53 -10.03
CA ARG D 119 34.29 -20.40 -10.42
C ARG D 119 34.39 -20.23 -11.93
N PRO D 120 33.32 -20.45 -12.69
CA PRO D 120 33.33 -20.05 -14.10
C PRO D 120 33.57 -18.55 -14.24
N VAL D 121 34.20 -18.14 -15.33
CA VAL D 121 34.37 -16.73 -15.62
C VAL D 121 34.02 -16.50 -17.09
N ALA D 122 33.06 -15.60 -17.34
CA ALA D 122 32.66 -15.31 -18.71
C ALA D 122 33.67 -14.37 -19.38
N ILE D 123 33.71 -14.43 -20.70
CA ILE D 123 34.55 -13.55 -21.49
C ILE D 123 33.61 -12.76 -22.40
N ALA D 124 33.68 -11.43 -22.29
CA ALA D 124 32.85 -10.53 -23.07
C ALA D 124 33.72 -9.75 -24.04
N LEU D 125 33.21 -9.57 -25.27
CA LEU D 125 33.86 -8.80 -26.32
C LEU D 125 33.11 -7.47 -26.47
N ASP D 126 33.81 -6.38 -26.21
CA ASP D 126 33.25 -5.03 -26.30
C ASP D 126 33.67 -4.41 -27.63
N THR D 127 32.70 -4.12 -28.50
CA THR D 127 33.04 -3.70 -29.86
C THR D 127 33.58 -2.26 -29.90
N LYS D 128 34.38 -1.98 -30.94
CA LYS D 128 34.92 -0.65 -31.13
C LYS D 128 33.81 0.36 -31.37
N GLY D 129 32.96 0.09 -32.35
CA GLY D 129 31.82 0.92 -32.63
C GLY D 129 32.13 1.97 -33.68
N PRO D 130 31.18 2.88 -33.87
CA PRO D 130 31.37 4.01 -34.79
C PRO D 130 32.20 5.12 -34.15
N GLU D 131 33.46 4.81 -33.84
CA GLU D 131 34.34 5.74 -33.17
C GLU D 131 34.84 6.83 -34.10
N ILE D 132 34.96 8.04 -33.57
CA ILE D 132 35.58 9.17 -34.27
C ILE D 132 36.78 9.61 -33.45
N ARG D 133 37.94 9.71 -34.09
CA ARG D 133 39.15 10.14 -33.42
C ARG D 133 39.84 11.25 -34.21
N THR D 134 40.67 12.02 -33.49
CA THR D 134 41.48 13.08 -34.09
C THR D 134 42.73 12.48 -34.73
N GLY D 135 43.56 13.37 -35.29
CA GLY D 135 44.79 12.96 -35.95
C GLY D 135 45.98 12.94 -35.01
N ILE D 136 47.17 12.76 -35.60
CA ILE D 136 48.43 12.91 -34.86
C ILE D 136 49.19 14.12 -35.39
N GLU D 142 52.72 11.20 -24.24
CA GLU D 142 53.94 11.75 -24.84
C GLU D 142 53.74 13.18 -25.36
N SER D 143 53.44 13.30 -26.65
CA SER D 143 53.33 14.60 -27.30
C SER D 143 51.98 15.27 -26.99
N GLU D 144 51.96 16.60 -27.09
CA GLU D 144 50.82 17.40 -26.64
C GLU D 144 50.59 18.57 -27.63
N VAL D 145 49.66 19.46 -27.26
CA VAL D 145 49.44 20.77 -27.88
C VAL D 145 48.20 21.41 -27.25
N GLU D 146 48.26 22.71 -26.97
CA GLU D 146 47.17 23.42 -26.30
C GLU D 146 46.32 24.21 -27.29
N LEU D 147 45.01 24.14 -27.11
CA LEU D 147 44.05 24.89 -27.92
C LEU D 147 43.39 25.93 -27.03
N VAL D 148 43.63 27.18 -27.33
CA VAL D 148 43.32 28.27 -26.41
C VAL D 148 41.82 28.57 -26.48
N LYS D 149 41.22 28.78 -25.31
CA LYS D 149 39.81 29.16 -25.28
C LYS D 149 39.57 30.42 -26.10
N GLY D 150 38.55 30.40 -26.96
CA GLY D 150 38.28 31.50 -27.86
C GLY D 150 39.04 31.49 -29.16
N SER D 151 40.03 30.61 -29.31
CA SER D 151 40.76 30.46 -30.57
C SER D 151 39.80 30.19 -31.73
N GLN D 152 40.28 30.46 -32.94
CA GLN D 152 39.59 30.04 -34.15
C GLN D 152 40.22 28.74 -34.62
N VAL D 153 39.39 27.70 -34.79
CA VAL D 153 39.84 26.33 -35.03
C VAL D 153 39.18 25.78 -36.29
N LEU D 154 39.97 25.06 -37.08
CA LEU D 154 39.54 24.45 -38.33
C LEU D 154 39.45 22.94 -38.18
N VAL D 155 38.34 22.38 -38.65
CA VAL D 155 38.12 20.93 -38.67
C VAL D 155 38.09 20.49 -40.13
N THR D 156 39.07 19.68 -40.55
CA THR D 156 39.11 19.15 -41.91
C THR D 156 39.48 17.67 -41.91
N VAL D 157 39.19 17.02 -43.05
CA VAL D 157 39.22 15.58 -43.25
C VAL D 157 40.25 15.15 -44.29
N ASP D 158 41.10 16.07 -44.75
CA ASP D 158 41.96 15.82 -45.89
C ASP D 158 43.08 14.83 -45.54
N PRO D 159 43.40 13.89 -46.45
CA PRO D 159 44.25 12.75 -46.06
C PRO D 159 45.69 13.11 -45.71
N ALA D 160 46.29 14.09 -46.39
CA ALA D 160 47.64 14.50 -46.04
C ALA D 160 47.65 15.42 -44.83
N PHE D 161 46.57 16.16 -44.58
CA PHE D 161 46.43 16.88 -43.33
C PHE D 161 46.54 15.96 -42.12
N ARG D 162 46.24 14.67 -42.30
CA ARG D 162 46.18 13.70 -41.20
C ARG D 162 47.43 13.68 -40.34
N THR D 163 48.57 14.09 -40.88
CA THR D 163 49.86 13.85 -40.25
C THR D 163 50.24 14.92 -39.23
N ARG D 164 49.91 16.19 -39.51
CA ARG D 164 50.36 17.33 -38.72
C ARG D 164 49.13 18.18 -38.40
N GLY D 165 48.59 18.01 -37.19
CA GLY D 165 47.57 18.88 -36.67
C GLY D 165 48.20 19.83 -35.66
N ASN D 166 47.77 21.08 -35.69
CA ASN D 166 48.38 22.12 -34.86
C ASN D 166 47.32 22.70 -33.92
N ALA D 167 47.74 23.67 -33.11
CA ALA D 167 46.85 24.34 -32.18
C ALA D 167 45.72 25.11 -32.87
N ASN D 168 45.65 25.12 -34.20
CA ASN D 168 44.56 25.79 -34.91
C ASN D 168 43.84 24.89 -35.89
N THR D 169 44.36 23.70 -36.16
CA THR D 169 43.76 22.76 -37.10
C THR D 169 43.71 21.39 -36.45
N VAL D 170 42.51 20.80 -36.43
CA VAL D 170 42.32 19.44 -35.98
C VAL D 170 41.76 18.63 -37.14
N TRP D 171 42.38 17.49 -37.41
CA TRP D 171 41.91 16.55 -38.42
C TRP D 171 41.21 15.38 -37.73
N VAL D 172 40.07 14.97 -38.29
CA VAL D 172 39.32 13.83 -37.77
C VAL D 172 39.19 12.78 -38.87
N ASP D 173 39.15 11.51 -38.47
CA ASP D 173 39.05 10.39 -39.42
C ASP D 173 37.61 10.15 -39.88
N TYR D 174 36.77 11.18 -39.88
CA TYR D 174 35.36 11.06 -40.26
C TYR D 174 35.05 12.16 -41.26
N PRO D 175 35.02 11.83 -42.56
CA PRO D 175 34.81 12.88 -43.59
C PRO D 175 33.46 13.57 -43.51
N ASN D 176 32.39 12.83 -43.26
CA ASN D 176 31.07 13.45 -43.26
C ASN D 176 30.85 14.37 -42.06
N ILE D 177 31.83 14.55 -41.16
CA ILE D 177 31.67 15.51 -40.08
C ILE D 177 31.32 16.88 -40.64
N VAL D 178 31.94 17.24 -41.77
CA VAL D 178 31.70 18.52 -42.43
C VAL D 178 30.26 18.69 -42.89
N ARG D 179 29.47 17.63 -42.89
CA ARG D 179 28.08 17.71 -43.32
C ARG D 179 27.11 17.61 -42.16
N VAL D 180 27.55 17.11 -41.02
CA VAL D 180 26.64 16.69 -39.96
C VAL D 180 26.53 17.72 -38.84
N VAL D 181 27.50 18.61 -38.68
CA VAL D 181 27.43 19.59 -37.59
C VAL D 181 27.22 21.00 -38.16
N PRO D 182 25.98 21.50 -38.13
CA PRO D 182 25.68 22.82 -38.73
C PRO D 182 26.05 23.93 -37.77
N VAL D 183 25.87 25.18 -38.25
CA VAL D 183 26.27 26.35 -37.49
C VAL D 183 25.61 26.35 -36.12
N GLY D 184 26.39 26.71 -35.09
CA GLY D 184 25.94 26.70 -33.73
C GLY D 184 26.14 25.38 -32.99
N GLY D 185 26.46 24.29 -33.72
CA GLY D 185 26.68 23.00 -33.09
C GLY D 185 28.04 22.89 -32.42
N ARG D 186 28.19 21.81 -31.64
CA ARG D 186 29.34 21.62 -30.77
C ARG D 186 30.08 20.35 -31.14
N ILE D 187 31.40 20.42 -31.09
CA ILE D 187 32.27 19.28 -31.33
C ILE D 187 33.09 19.03 -30.08
N TYR D 188 33.01 17.81 -29.55
CA TYR D 188 33.72 17.46 -28.33
C TYR D 188 34.92 16.57 -28.66
N ILE D 189 36.03 16.84 -28.00
CA ILE D 189 37.28 16.11 -28.19
C ILE D 189 37.76 15.69 -26.82
N ASP D 190 38.35 14.49 -26.73
CA ASP D 190 39.00 13.95 -25.54
C ASP D 190 38.07 13.88 -24.34
N ASP D 191 37.18 12.87 -24.32
CA ASP D 191 36.28 12.60 -23.21
C ASP D 191 35.47 13.84 -22.81
N GLY D 192 35.15 14.69 -23.80
CA GLY D 192 34.32 15.84 -23.58
C GLY D 192 34.94 16.95 -22.78
N LEU D 193 36.27 16.95 -22.59
CA LEU D 193 36.93 18.07 -21.90
C LEU D 193 37.16 19.26 -22.81
N ILE D 194 37.22 19.06 -24.12
CA ILE D 194 37.42 20.13 -25.08
C ILE D 194 36.20 20.22 -25.98
N SER D 195 35.72 21.44 -26.20
CA SER D 195 34.57 21.68 -27.07
C SER D 195 34.88 22.77 -28.09
N LEU D 196 34.09 22.78 -29.16
CA LEU D 196 34.24 23.70 -30.27
C LEU D 196 32.86 24.11 -30.74
N VAL D 197 32.71 25.37 -31.14
CA VAL D 197 31.46 25.86 -31.70
C VAL D 197 31.69 26.19 -33.18
N VAL D 198 30.94 25.53 -34.05
CA VAL D 198 31.08 25.76 -35.49
C VAL D 198 30.34 27.03 -35.87
N GLN D 199 31.03 27.90 -36.61
CA GLN D 199 30.45 29.17 -37.03
C GLN D 199 30.06 29.21 -38.50
N LYS D 200 30.75 28.47 -39.36
CA LYS D 200 30.41 28.44 -40.78
C LYS D 200 30.89 27.13 -41.38
N ILE D 201 30.16 26.64 -42.38
CA ILE D 201 30.59 25.46 -43.13
C ILE D 201 31.48 25.95 -44.27
N GLY D 202 32.80 25.93 -44.04
CA GLY D 202 33.73 26.43 -45.00
C GLY D 202 33.89 25.51 -46.19
N PRO D 203 34.79 25.87 -47.11
CA PRO D 203 35.03 25.02 -48.28
C PRO D 203 36.05 23.92 -47.99
N GLU D 204 37.06 24.22 -47.19
CA GLU D 204 38.08 23.23 -46.86
C GLU D 204 38.11 22.95 -45.37
N GLY D 205 36.95 22.95 -44.73
CA GLY D 205 36.86 22.57 -43.34
C GLY D 205 35.71 23.28 -42.66
N LEU D 206 35.72 23.19 -41.32
CA LEU D 206 34.70 23.82 -40.49
C LEU D 206 35.41 24.83 -39.60
N VAL D 207 34.96 26.09 -39.66
CA VAL D 207 35.54 27.17 -38.87
C VAL D 207 34.84 27.18 -37.52
N THR D 208 35.62 26.96 -36.45
CA THR D 208 35.06 26.85 -35.12
C THR D 208 35.80 27.74 -34.14
N GLN D 209 35.03 28.26 -33.17
CA GLN D 209 35.57 28.88 -31.98
C GLN D 209 35.65 27.85 -30.85
N VAL D 210 36.77 27.86 -30.12
CA VAL D 210 36.92 26.99 -28.95
C VAL D 210 36.04 27.50 -27.81
N GLU D 211 35.14 26.66 -27.34
CA GLU D 211 34.33 26.98 -26.17
C GLU D 211 35.02 26.60 -24.87
N ASN D 212 35.70 25.45 -24.85
CA ASN D 212 36.42 24.94 -23.70
C ASN D 212 37.79 24.54 -24.19
N GLY D 213 38.80 25.35 -23.87
CA GLY D 213 40.16 24.98 -24.19
C GLY D 213 40.64 23.86 -23.31
N GLY D 214 41.75 23.25 -23.75
CA GLY D 214 42.40 22.16 -23.05
C GLY D 214 43.61 21.77 -23.86
N VAL D 215 44.40 20.87 -23.31
CA VAL D 215 45.57 20.42 -24.04
C VAL D 215 45.30 19.03 -24.59
N LEU D 216 45.52 18.88 -25.89
CA LEU D 216 45.05 17.75 -26.69
C LEU D 216 46.23 16.88 -27.08
N GLY D 217 46.17 15.60 -26.70
CA GLY D 217 47.12 14.63 -27.19
C GLY D 217 46.88 14.22 -28.64
N SER D 218 47.17 12.96 -28.97
CA SER D 218 47.03 12.48 -30.34
C SER D 218 45.93 11.43 -30.40
N ARG D 219 45.21 11.44 -31.53
CA ARG D 219 44.06 10.57 -31.79
C ARG D 219 43.20 10.32 -30.55
N LYS D 220 42.49 11.34 -30.10
CA LYS D 220 41.57 11.17 -28.99
C LYS D 220 40.13 11.21 -29.51
N GLY D 221 39.22 10.71 -28.70
CA GLY D 221 37.86 10.50 -29.16
C GLY D 221 37.06 11.78 -29.31
N VAL D 222 36.20 11.78 -30.33
CA VAL D 222 35.36 12.91 -30.69
C VAL D 222 33.90 12.54 -30.47
N ASN D 223 33.14 13.45 -29.86
CA ASN D 223 31.70 13.24 -29.79
C ASN D 223 31.00 14.39 -30.48
N LEU D 224 29.90 14.05 -31.16
CA LEU D 224 29.05 15.00 -31.89
C LEU D 224 27.62 14.91 -31.37
N PRO D 225 27.32 15.51 -30.22
CA PRO D 225 25.94 15.50 -29.71
C PRO D 225 25.03 16.37 -30.57
N GLY D 226 23.77 15.98 -30.63
CA GLY D 226 22.82 16.69 -31.48
C GLY D 226 23.24 16.72 -32.94
N ALA D 227 23.62 15.56 -33.46
CA ALA D 227 24.12 15.40 -34.82
C ALA D 227 23.63 14.07 -35.35
N GLN D 228 23.28 14.05 -36.64
CA GLN D 228 22.73 12.86 -37.30
C GLN D 228 23.89 12.16 -38.01
N VAL D 229 24.52 11.23 -37.30
CA VAL D 229 25.69 10.52 -37.82
C VAL D 229 25.24 9.38 -38.72
N ASP D 230 25.77 9.38 -39.94
CA ASP D 230 25.46 8.34 -40.93
C ASP D 230 26.52 7.25 -40.97
N LEU D 231 27.45 7.26 -40.03
CA LEU D 231 28.40 6.16 -39.91
C LEU D 231 27.64 4.85 -39.72
N PRO D 232 28.11 3.74 -40.28
CA PRO D 232 27.31 2.51 -40.26
C PRO D 232 27.20 1.95 -38.84
N GLY D 233 26.03 1.35 -38.57
CA GLY D 233 25.79 0.74 -37.26
C GLY D 233 26.73 -0.40 -36.93
N LEU D 234 27.32 -1.03 -37.96
CA LEU D 234 28.32 -2.06 -37.78
C LEU D 234 29.34 -1.90 -38.89
N SER D 235 30.55 -1.47 -38.53
CA SER D 235 31.60 -1.27 -39.53
C SER D 235 32.19 -2.62 -39.94
N GLU D 236 33.03 -2.58 -40.98
CA GLU D 236 33.64 -3.81 -41.45
C GLU D 236 34.70 -4.32 -40.47
N GLN D 237 35.33 -3.42 -39.71
CA GLN D 237 36.22 -3.84 -38.62
C GLN D 237 35.45 -4.56 -37.51
N ASP D 238 34.30 -4.00 -37.11
CA ASP D 238 33.48 -4.68 -36.11
C ASP D 238 33.07 -6.06 -36.57
N VAL D 239 32.78 -6.22 -37.88
CA VAL D 239 32.36 -7.53 -38.37
C VAL D 239 33.51 -8.51 -38.23
N ARG D 240 34.73 -8.08 -38.56
CA ARG D 240 35.89 -8.95 -38.34
C ARG D 240 36.05 -9.29 -36.87
N ASP D 241 35.74 -8.33 -35.97
CA ASP D 241 35.90 -8.59 -34.54
C ASP D 241 34.83 -9.56 -34.03
N LEU D 242 33.61 -9.47 -34.54
CA LEU D 242 32.58 -10.40 -34.07
C LEU D 242 32.86 -11.80 -34.57
N ARG D 243 33.33 -11.94 -35.81
CA ARG D 243 33.75 -13.25 -36.30
C ARG D 243 34.89 -13.78 -35.45
N PHE D 244 35.79 -12.90 -35.01
CA PHE D 244 36.86 -13.33 -34.13
C PHE D 244 36.30 -13.88 -32.82
N GLY D 245 35.32 -13.18 -32.24
CA GLY D 245 34.73 -13.63 -30.99
C GLY D 245 34.06 -14.98 -31.13
N VAL D 246 33.36 -15.21 -32.24
CA VAL D 246 32.78 -16.51 -32.52
C VAL D 246 33.88 -17.57 -32.59
N GLU D 247 34.89 -17.34 -33.42
CA GLU D 247 35.98 -18.31 -33.57
C GLU D 247 36.65 -18.62 -32.23
N HIS D 248 36.75 -17.65 -31.35
CA HIS D 248 37.43 -17.89 -30.07
C HIS D 248 36.46 -18.16 -28.94
N GLY D 249 35.16 -18.24 -29.23
CA GLY D 249 34.17 -18.66 -28.25
C GLY D 249 33.89 -17.69 -27.11
N VAL D 250 33.83 -16.39 -27.40
CA VAL D 250 33.39 -15.46 -26.37
C VAL D 250 31.93 -15.74 -26.02
N ASP D 251 31.57 -15.46 -24.77
CA ASP D 251 30.23 -15.75 -24.29
C ASP D 251 29.26 -14.58 -24.51
N ILE D 252 29.78 -13.37 -24.57
CA ILE D 252 29.00 -12.13 -24.46
C ILE D 252 29.57 -11.09 -25.42
N VAL D 253 28.69 -10.33 -26.05
CA VAL D 253 29.08 -9.17 -26.82
C VAL D 253 28.44 -7.95 -26.17
N PHE D 254 29.27 -6.97 -25.79
CA PHE D 254 28.81 -5.63 -25.45
C PHE D 254 28.83 -4.82 -26.74
N ALA D 255 27.65 -4.52 -27.29
CA ALA D 255 27.56 -3.86 -28.59
C ALA D 255 27.53 -2.35 -28.42
N SER D 256 28.60 -1.68 -28.87
CA SER D 256 28.76 -0.22 -28.69
C SER D 256 27.78 0.59 -29.52
N PHE D 257 27.35 1.72 -28.96
CA PHE D 257 26.60 2.77 -29.65
C PHE D 257 25.33 2.26 -30.35
N VAL D 258 24.54 1.47 -29.64
CA VAL D 258 23.33 0.90 -30.22
C VAL D 258 22.22 1.94 -30.22
N ARG D 259 21.74 2.30 -31.41
CA ARG D 259 20.79 3.39 -31.61
C ARG D 259 19.36 2.94 -31.85
N LYS D 260 19.16 1.72 -32.36
CA LYS D 260 17.84 1.22 -32.76
C LYS D 260 17.93 -0.29 -32.87
N ALA D 261 16.75 -0.92 -33.03
CA ALA D 261 16.67 -2.38 -33.09
C ALA D 261 17.52 -2.94 -34.22
N SER D 262 17.54 -2.24 -35.36
CA SER D 262 18.29 -2.79 -36.48
C SER D 262 19.80 -2.90 -36.19
N ASP D 263 20.34 -2.11 -35.25
CA ASP D 263 21.76 -2.26 -34.90
C ASP D 263 22.01 -3.62 -34.25
N VAL D 264 21.03 -4.12 -33.50
CA VAL D 264 21.17 -5.42 -32.86
C VAL D 264 21.15 -6.54 -33.91
N ALA D 265 20.34 -6.35 -34.96
CA ALA D 265 20.24 -7.30 -36.08
C ALA D 265 21.54 -7.37 -36.85
N ALA D 266 22.15 -6.24 -37.18
CA ALA D 266 23.51 -6.28 -37.75
C ALA D 266 24.48 -7.07 -36.85
N VAL D 267 24.41 -6.90 -35.54
CA VAL D 267 25.31 -7.69 -34.68
C VAL D 267 24.96 -9.16 -34.79
N ARG D 268 23.69 -9.47 -34.64
CA ARG D 268 23.24 -10.85 -34.75
C ARG D 268 23.58 -11.44 -36.12
N ALA D 269 23.61 -10.61 -37.16
CA ALA D 269 24.02 -11.12 -38.47
C ALA D 269 25.51 -11.41 -38.50
N ALA D 270 26.33 -10.49 -37.98
CA ALA D 270 27.77 -10.75 -37.96
C ALA D 270 28.14 -11.97 -37.13
N LEU D 271 27.43 -12.22 -36.02
CA LEU D 271 27.72 -13.43 -35.28
C LEU D 271 27.36 -14.68 -36.06
N GLY D 272 26.37 -14.59 -36.94
CA GLY D 272 25.95 -15.70 -37.74
C GLY D 272 25.22 -16.78 -36.95
N PRO D 273 24.73 -17.79 -37.67
CA PRO D 273 24.02 -18.88 -36.98
C PRO D 273 24.91 -19.64 -36.02
N GLU D 274 26.22 -19.71 -36.28
CA GLU D 274 27.15 -20.32 -35.34
C GLU D 274 27.23 -19.56 -34.03
N GLY D 275 26.93 -18.25 -34.03
CA GLY D 275 27.02 -17.45 -32.81
C GLY D 275 25.69 -17.19 -32.12
N HIS D 276 24.66 -17.97 -32.48
CA HIS D 276 23.33 -17.80 -31.91
C HIS D 276 23.32 -17.89 -30.39
N GLY D 277 24.21 -18.70 -29.79
CA GLY D 277 24.27 -18.80 -28.32
C GLY D 277 24.90 -17.61 -27.61
N ILE D 278 25.53 -16.70 -28.32
CA ILE D 278 26.24 -15.60 -27.68
C ILE D 278 25.21 -14.55 -27.25
N LYS D 279 25.31 -14.09 -25.99
CA LYS D 279 24.41 -13.04 -25.50
C LYS D 279 24.88 -11.67 -25.97
N ILE D 280 23.93 -10.85 -26.41
CA ILE D 280 24.19 -9.50 -26.88
C ILE D 280 23.69 -8.54 -25.82
N ILE D 281 24.59 -7.77 -25.25
CA ILE D 281 24.26 -6.70 -24.32
C ILE D 281 24.42 -5.42 -25.11
N SER D 282 23.34 -4.66 -25.26
CA SER D 282 23.39 -3.43 -26.06
C SER D 282 23.86 -2.26 -25.18
N LYS D 283 24.85 -1.52 -25.66
CA LYS D 283 25.34 -0.34 -24.96
C LYS D 283 24.52 0.88 -25.37
N ILE D 284 23.83 1.47 -24.40
CA ILE D 284 23.13 2.73 -24.62
C ILE D 284 24.11 3.85 -24.30
N GLU D 285 24.46 4.64 -25.33
CA GLU D 285 25.53 5.62 -25.20
C GLU D 285 25.15 7.02 -25.68
N ASN D 286 23.93 7.23 -26.18
CA ASN D 286 23.59 8.54 -26.73
C ASN D 286 22.09 8.78 -26.61
N HIS D 287 21.67 9.97 -27.00
CA HIS D 287 20.27 10.35 -26.80
C HIS D 287 19.32 9.43 -27.56
N GLU D 288 19.60 9.15 -28.83
CA GLU D 288 18.71 8.27 -29.59
C GLU D 288 18.52 6.92 -28.89
N GLY D 289 19.62 6.30 -28.44
CA GLY D 289 19.51 5.02 -27.74
C GLY D 289 18.61 5.06 -26.53
N VAL D 290 18.61 6.19 -25.80
CA VAL D 290 17.68 6.41 -24.69
C VAL D 290 16.24 6.52 -25.19
N LYS D 291 16.03 7.25 -26.28
CA LYS D 291 14.68 7.47 -26.80
C LYS D 291 14.09 6.19 -27.38
N ARG D 292 14.91 5.41 -28.09
CA ARG D 292 14.48 4.14 -28.63
C ARG D 292 14.77 2.97 -27.72
N PHE D 293 14.82 3.20 -26.41
CA PHE D 293 15.26 2.16 -25.49
C PHE D 293 14.34 0.94 -25.56
N ASP D 294 13.01 1.15 -25.52
CA ASP D 294 12.13 -0.01 -25.44
C ASP D 294 12.33 -0.93 -26.64
N GLU D 295 12.55 -0.35 -27.82
CA GLU D 295 12.68 -1.19 -29.00
C GLU D 295 14.02 -1.90 -29.00
N ILE D 296 15.05 -1.28 -28.40
CA ILE D 296 16.36 -1.92 -28.29
C ILE D 296 16.32 -3.07 -27.29
N LEU D 297 15.75 -2.82 -26.10
CA LEU D 297 15.75 -3.82 -25.06
C LEU D 297 15.03 -5.09 -25.50
N GLU D 298 14.00 -4.92 -26.32
CA GLU D 298 13.16 -6.05 -26.74
C GLU D 298 13.88 -7.01 -27.68
N VAL D 299 14.82 -6.54 -28.51
CA VAL D 299 15.58 -7.44 -29.38
C VAL D 299 16.94 -7.85 -28.77
N SER D 300 17.25 -7.41 -27.56
CA SER D 300 18.56 -7.68 -26.93
C SER D 300 18.44 -8.68 -25.80
N ASP D 301 19.58 -9.22 -25.41
CA ASP D 301 19.60 -10.00 -24.18
C ASP D 301 19.75 -9.14 -22.93
N GLY D 302 20.16 -7.89 -23.09
CA GLY D 302 20.25 -6.97 -21.97
C GLY D 302 20.94 -5.69 -22.41
N ILE D 303 21.21 -4.84 -21.43
CA ILE D 303 21.57 -3.45 -21.66
C ILE D 303 22.79 -3.09 -20.81
N MET D 304 23.67 -2.25 -21.36
CA MET D 304 24.71 -1.58 -20.57
C MET D 304 24.45 -0.07 -20.61
N VAL D 305 24.25 0.50 -19.43
CA VAL D 305 24.29 1.96 -19.31
C VAL D 305 25.74 2.39 -19.41
N ALA D 306 26.14 2.94 -20.58
CA ALA D 306 27.50 3.39 -20.86
C ALA D 306 27.62 4.87 -20.51
N ARG D 307 27.85 5.15 -19.22
CA ARG D 307 27.78 6.52 -18.70
C ARG D 307 28.88 7.42 -19.24
N GLY D 308 30.01 6.85 -19.68
CA GLY D 308 31.09 7.64 -20.22
C GLY D 308 30.63 8.44 -21.43
N ASP D 309 30.47 7.75 -22.56
CA ASP D 309 29.91 8.39 -23.74
C ASP D 309 28.57 9.05 -23.42
N LEU D 310 27.72 8.39 -22.61
CA LEU D 310 26.37 8.93 -22.44
C LEU D 310 26.41 10.29 -21.73
N GLY D 311 27.36 10.49 -20.82
CA GLY D 311 27.51 11.76 -20.13
C GLY D 311 28.19 12.84 -20.94
N ILE D 312 28.73 12.49 -22.11
CA ILE D 312 29.12 13.50 -23.08
C ILE D 312 27.96 13.82 -24.03
N GLU D 313 27.20 12.78 -24.43
CA GLU D 313 26.16 12.94 -25.44
C GLU D 313 24.96 13.72 -24.92
N ILE D 314 24.68 13.64 -23.62
CA ILE D 314 23.59 14.37 -22.96
C ILE D 314 24.19 15.10 -21.75
N PRO D 315 23.50 16.12 -21.20
CA PRO D 315 24.09 16.87 -20.09
C PRO D 315 24.44 15.93 -18.94
N ALA D 316 25.56 16.23 -18.27
CA ALA D 316 26.10 15.31 -17.28
C ALA D 316 25.13 15.12 -16.11
N GLU D 317 24.39 16.18 -15.74
CA GLU D 317 23.40 16.09 -14.66
C GLU D 317 22.15 15.29 -15.03
N LYS D 318 22.06 14.71 -16.22
CA LYS D 318 20.90 13.88 -16.59
C LYS D 318 21.20 12.40 -16.62
N VAL D 319 22.48 12.02 -16.51
CA VAL D 319 22.84 10.61 -16.66
C VAL D 319 22.14 9.76 -15.62
N PHE D 320 22.09 10.21 -14.35
CA PHE D 320 21.47 9.39 -13.31
C PHE D 320 20.01 9.11 -13.65
N LEU D 321 19.33 10.08 -14.24
CA LEU D 321 17.95 9.86 -14.68
C LEU D 321 17.88 8.71 -15.66
N ALA D 322 18.76 8.73 -16.66
CA ALA D 322 18.78 7.67 -17.67
C ALA D 322 19.16 6.34 -17.07
N GLN D 323 20.12 6.35 -16.12
CA GLN D 323 20.55 5.11 -15.48
C GLN D 323 19.42 4.47 -14.70
N LYS D 324 18.72 5.25 -13.87
CA LYS D 324 17.66 4.66 -13.05
C LYS D 324 16.47 4.21 -13.91
N MET D 325 16.14 5.00 -14.95
CA MET D 325 15.08 4.60 -15.89
C MET D 325 15.40 3.27 -16.53
N MET D 326 16.64 3.12 -17.03
CA MET D 326 16.98 1.92 -17.78
C MET D 326 17.10 0.71 -16.86
N ILE D 327 17.61 0.91 -15.65
CA ILE D 327 17.69 -0.20 -14.70
C ILE D 327 16.29 -0.65 -14.32
N GLY D 328 15.42 0.29 -13.95
CA GLY D 328 13.99 0.03 -13.83
C GLY D 328 13.36 -0.80 -14.95
N ARG D 329 13.53 -0.40 -16.21
CA ARG D 329 12.81 -1.13 -17.25
C ARG D 329 13.39 -2.51 -17.48
N CYS D 330 14.73 -2.65 -17.34
CA CYS D 330 15.35 -3.98 -17.45
C CYS D 330 14.86 -4.88 -16.32
N ASN D 331 14.75 -4.31 -15.11
CA ASN D 331 14.22 -5.06 -13.98
C ASN D 331 12.81 -5.57 -14.30
N LEU D 332 11.94 -4.69 -14.81
CA LEU D 332 10.59 -5.10 -15.17
C LEU D 332 10.60 -6.23 -16.21
N ALA D 333 11.51 -6.15 -17.19
CA ALA D 333 11.61 -7.13 -18.26
C ALA D 333 12.33 -8.40 -17.84
N GLY D 334 12.92 -8.43 -16.65
CA GLY D 334 13.75 -9.57 -16.29
C GLY D 334 14.94 -9.72 -17.21
N LYS D 335 15.55 -8.60 -17.64
CA LYS D 335 16.74 -8.68 -18.46
C LYS D 335 17.95 -8.05 -17.79
N PRO D 336 19.15 -8.61 -17.98
CA PRO D 336 20.34 -8.08 -17.29
C PRO D 336 20.62 -6.64 -17.68
N VAL D 337 21.06 -5.85 -16.71
CA VAL D 337 21.52 -4.48 -16.93
C VAL D 337 22.84 -4.29 -16.19
N VAL D 338 23.79 -3.66 -16.88
CA VAL D 338 25.15 -3.38 -16.41
C VAL D 338 25.30 -1.87 -16.19
N CYS D 339 25.86 -1.46 -15.06
CA CYS D 339 26.23 -0.07 -14.85
C CYS D 339 27.75 0.04 -15.02
N ALA D 340 28.19 0.96 -15.87
CA ALA D 340 29.58 1.01 -16.28
C ALA D 340 30.10 2.44 -16.20
N THR D 341 31.40 2.53 -15.93
CA THR D 341 32.32 3.62 -16.28
C THR D 341 32.52 4.62 -15.15
N GLN D 342 33.80 4.75 -14.73
CA GLN D 342 34.23 5.70 -13.70
C GLN D 342 33.62 5.42 -12.34
N MET D 343 33.25 4.16 -12.06
CA MET D 343 32.64 3.88 -10.76
C MET D 343 33.66 4.04 -9.62
N LEU D 344 34.92 3.71 -9.86
CA LEU D 344 36.00 3.79 -8.88
C LEU D 344 37.20 4.49 -9.48
N GLU D 345 36.92 5.50 -10.32
CA GLU D 345 37.95 6.08 -11.19
C GLU D 345 39.24 6.45 -10.44
N SER D 346 39.12 7.05 -9.25
CA SER D 346 40.31 7.52 -8.54
C SER D 346 41.24 6.37 -8.16
N MET D 347 40.72 5.15 -8.02
CA MET D 347 41.60 4.02 -7.74
C MET D 347 42.51 3.64 -8.90
N ILE D 348 42.47 4.36 -10.02
CA ILE D 348 43.54 4.15 -11.00
C ILE D 348 44.89 4.58 -10.43
N THR D 349 44.92 5.66 -9.63
CA THR D 349 46.14 6.13 -8.98
C THR D 349 46.13 6.01 -7.46
N LYS D 350 44.98 5.92 -6.82
CA LYS D 350 45.07 5.92 -5.36
C LYS D 350 44.57 4.60 -4.78
N PRO D 351 45.10 4.16 -3.63
CA PRO D 351 44.70 2.82 -3.12
C PRO D 351 43.32 2.78 -2.50
N ARG D 352 42.68 3.94 -2.29
CA ARG D 352 41.37 4.04 -1.70
C ARG D 352 40.49 4.96 -2.53
N PRO D 353 39.22 4.61 -2.71
CA PRO D 353 38.34 5.42 -3.56
C PRO D 353 37.83 6.65 -2.80
N THR D 354 37.16 7.54 -3.54
CA THR D 354 36.53 8.66 -2.90
C THR D 354 35.16 8.27 -2.36
N ARG D 355 34.60 9.16 -1.53
CA ARG D 355 33.29 8.93 -0.98
C ARG D 355 32.23 8.92 -2.09
N ALA D 356 32.41 9.75 -3.13
CA ALA D 356 31.44 9.70 -4.21
C ALA D 356 31.52 8.37 -4.95
N GLU D 357 32.70 7.77 -5.04
CA GLU D 357 32.80 6.54 -5.80
C GLU D 357 32.20 5.36 -5.04
N THR D 358 32.36 5.32 -3.72
CA THR D 358 31.75 4.24 -2.95
C THR D 358 30.22 4.31 -3.00
N SER D 359 29.64 5.51 -2.82
CA SER D 359 28.18 5.60 -2.88
C SER D 359 27.66 5.33 -4.28
N ASP D 360 28.44 5.68 -5.33
CA ASP D 360 28.02 5.38 -6.71
C ASP D 360 27.86 3.88 -6.92
N VAL D 361 28.83 3.10 -6.45
CA VAL D 361 28.73 1.66 -6.55
C VAL D 361 27.51 1.16 -5.78
N ALA D 362 27.41 1.56 -4.50
CA ALA D 362 26.30 1.09 -3.68
C ALA D 362 24.96 1.43 -4.31
N ASN D 363 24.85 2.65 -4.85
CA ASN D 363 23.59 3.15 -5.36
C ASN D 363 23.22 2.51 -6.69
N ALA D 364 24.22 2.06 -7.45
CA ALA D 364 23.92 1.30 -8.67
C ALA D 364 23.38 -0.07 -8.33
N VAL D 365 23.88 -0.66 -7.24
CA VAL D 365 23.35 -1.90 -6.70
C VAL D 365 21.94 -1.68 -6.16
N LEU D 366 21.73 -0.59 -5.41
CA LEU D 366 20.40 -0.27 -4.90
C LEU D 366 19.41 -0.04 -6.04
N ASP D 367 19.85 0.64 -7.10
CA ASP D 367 19.00 0.82 -8.28
C ASP D 367 18.54 -0.52 -8.86
N GLY D 368 19.29 -1.58 -8.66
CA GLY D 368 18.96 -2.87 -9.23
C GLY D 368 19.85 -3.35 -10.36
N ALA D 369 21.04 -2.79 -10.55
CA ALA D 369 21.93 -3.27 -11.59
C ALA D 369 22.27 -4.73 -11.33
N ASP D 370 22.28 -5.54 -12.40
CA ASP D 370 22.74 -6.92 -12.30
C ASP D 370 24.26 -6.99 -12.25
N CYS D 371 24.94 -6.06 -12.91
CA CYS D 371 26.40 -6.06 -13.00
C CYS D 371 26.93 -4.65 -12.80
N ILE D 372 28.14 -4.56 -12.26
CA ILE D 372 28.89 -3.32 -12.17
C ILE D 372 30.25 -3.59 -12.78
N MET D 373 30.89 -2.53 -13.29
CA MET D 373 32.01 -2.68 -14.19
C MET D 373 33.18 -1.81 -13.76
N LEU D 374 34.37 -2.30 -14.08
CA LEU D 374 35.62 -1.57 -13.96
C LEU D 374 36.24 -1.50 -15.35
N SER D 375 36.73 -0.32 -15.74
CA SER D 375 37.47 -0.21 -17.00
C SER D 375 38.91 0.11 -16.66
N GLY D 376 39.31 1.37 -16.66
CA GLY D 376 40.70 1.68 -16.41
C GLY D 376 41.18 1.24 -15.04
N GLU D 377 40.28 1.18 -14.05
CA GLU D 377 40.66 0.69 -12.73
C GLU D 377 41.32 -0.69 -12.79
N THR D 378 40.92 -1.53 -13.75
CA THR D 378 41.58 -2.83 -13.90
C THR D 378 42.45 -2.93 -15.15
N ALA D 379 42.14 -2.18 -16.20
CA ALA D 379 42.92 -2.33 -17.42
C ALA D 379 44.33 -1.74 -17.25
N LYS D 380 44.44 -0.56 -16.64
CA LYS D 380 45.71 0.14 -16.66
C LYS D 380 46.11 0.77 -15.32
N GLY D 381 45.31 0.63 -14.27
CA GLY D 381 45.58 1.33 -13.03
C GLY D 381 46.58 0.61 -12.14
N ASN D 382 46.94 1.28 -11.05
CA ASN D 382 47.93 0.68 -10.17
C ASN D 382 47.34 -0.27 -9.13
N PHE D 383 46.00 -0.34 -9.00
CA PHE D 383 45.37 -1.13 -7.94
C PHE D 383 44.23 -2.03 -8.45
N PRO D 384 44.50 -2.88 -9.44
CA PRO D 384 43.40 -3.63 -10.08
C PRO D 384 42.72 -4.63 -9.16
N VAL D 385 43.47 -5.33 -8.31
CA VAL D 385 42.84 -6.30 -7.43
C VAL D 385 42.13 -5.57 -6.29
N GLU D 386 42.69 -4.45 -5.84
CA GLU D 386 42.06 -3.67 -4.79
C GLU D 386 40.70 -3.13 -5.23
N ALA D 387 40.62 -2.62 -6.47
CA ALA D 387 39.35 -2.11 -6.99
C ALA D 387 38.30 -3.21 -7.09
N VAL D 388 38.69 -4.38 -7.60
CA VAL D 388 37.78 -5.52 -7.59
C VAL D 388 37.34 -5.80 -6.17
N LYS D 389 38.29 -5.81 -5.22
CA LYS D 389 37.93 -6.06 -3.82
C LYS D 389 37.01 -4.97 -3.30
N MET D 390 37.22 -3.71 -3.72
CA MET D 390 36.33 -2.66 -3.21
C MET D 390 34.90 -2.86 -3.71
N GLN D 391 34.73 -3.15 -5.02
CA GLN D 391 33.39 -3.38 -5.54
C GLN D 391 32.71 -4.54 -4.83
N HIS D 392 33.43 -5.65 -4.62
CA HIS D 392 32.85 -6.82 -3.97
C HIS D 392 32.32 -6.47 -2.58
N ALA D 393 33.13 -5.75 -1.79
CA ALA D 393 32.73 -5.35 -0.45
C ALA D 393 31.55 -4.37 -0.48
N ILE D 394 31.53 -3.42 -1.44
CA ILE D 394 30.40 -2.49 -1.50
C ILE D 394 29.13 -3.21 -1.93
N ALA D 395 29.24 -4.10 -2.91
CA ALA D 395 28.07 -4.84 -3.39
C ALA D 395 27.42 -5.64 -2.26
N ARG D 396 28.23 -6.29 -1.41
CA ARG D 396 27.69 -7.10 -0.32
C ARG D 396 26.85 -6.25 0.63
N GLU D 397 27.38 -5.09 1.03
CA GLU D 397 26.63 -4.23 1.94
C GLU D 397 25.36 -3.69 1.30
N ALA D 398 25.45 -3.30 0.02
CA ALA D 398 24.29 -2.66 -0.61
C ALA D 398 23.19 -3.66 -0.91
N GLU D 399 23.54 -4.89 -1.29
CA GLU D 399 22.50 -5.89 -1.55
C GLU D 399 21.66 -6.17 -0.30
N ALA D 400 22.30 -6.18 0.87
CA ALA D 400 21.56 -6.35 2.12
C ALA D 400 20.61 -5.18 2.39
N ALA D 401 20.95 -3.97 1.91
CA ALA D 401 20.17 -2.77 2.19
C ALA D 401 19.01 -2.58 1.21
N VAL D 402 18.81 -3.51 0.28
CA VAL D 402 17.68 -3.43 -0.63
C VAL D 402 16.38 -3.71 0.14
N TYR D 403 15.36 -2.89 -0.13
CA TYR D 403 14.06 -3.00 0.54
C TYR D 403 13.24 -4.09 -0.16
N HIS D 404 13.60 -5.35 0.14
CA HIS D 404 13.02 -6.51 -0.54
C HIS D 404 11.50 -6.51 -0.46
N ARG D 405 10.94 -6.00 0.64
CA ARG D 405 9.50 -5.99 0.83
C ARG D 405 8.78 -5.34 -0.34
N GLN D 406 9.05 -4.05 -0.59
CA GLN D 406 8.36 -3.36 -1.67
C GLN D 406 8.77 -3.89 -3.03
N LEU D 407 10.01 -4.39 -3.17
CA LEU D 407 10.50 -4.84 -4.47
C LEU D 407 9.80 -6.12 -4.92
N PHE D 408 9.77 -7.15 -4.05
CA PHE D 408 9.17 -8.40 -4.50
C PHE D 408 7.69 -8.19 -4.80
N GLU D 409 7.02 -7.39 -3.97
CA GLU D 409 5.60 -7.09 -4.19
C GLU D 409 5.37 -6.40 -5.52
N GLU D 410 6.12 -5.32 -5.79
CA GLU D 410 5.95 -4.61 -7.04
C GLU D 410 6.34 -5.47 -8.24
N LEU D 411 7.37 -6.32 -8.10
CA LEU D 411 7.80 -7.14 -9.24
C LEU D 411 6.77 -8.20 -9.58
N ARG D 412 6.18 -8.84 -8.56
CA ARG D 412 5.15 -9.84 -8.87
C ARG D 412 3.86 -9.19 -9.34
N ARG D 413 3.55 -8.00 -8.83
CA ARG D 413 2.35 -7.32 -9.29
C ARG D 413 2.53 -6.74 -10.69
N ALA D 414 3.75 -6.28 -11.01
CA ALA D 414 4.00 -5.79 -12.36
C ALA D 414 4.11 -6.93 -13.36
N ALA D 415 4.62 -8.08 -12.95
CA ALA D 415 4.81 -9.19 -13.87
C ALA D 415 3.45 -9.75 -14.30
N PRO D 416 3.21 -9.94 -15.60
CA PRO D 416 1.87 -10.36 -16.06
C PRO D 416 1.63 -11.85 -15.81
N LEU D 417 0.36 -12.23 -15.96
CA LEU D 417 -0.03 -13.63 -15.87
C LEU D 417 0.77 -14.46 -16.86
N SER D 418 1.17 -15.66 -16.43
CA SER D 418 1.99 -16.55 -17.24
C SER D 418 1.41 -17.96 -17.24
N ARG D 419 1.38 -18.60 -18.41
CA ARG D 419 1.07 -20.01 -18.46
C ARG D 419 2.30 -20.87 -18.68
N ASP D 420 3.48 -20.26 -18.72
CA ASP D 420 4.73 -21.01 -18.89
C ASP D 420 5.12 -21.67 -17.56
N PRO D 421 5.15 -23.00 -17.47
CA PRO D 421 5.39 -23.65 -16.17
C PRO D 421 6.72 -23.28 -15.52
N THR D 422 7.75 -22.95 -16.31
CA THR D 422 9.01 -22.53 -15.74
C THR D 422 8.84 -21.23 -14.96
N GLU D 423 8.08 -20.27 -15.51
CA GLU D 423 7.95 -19.01 -14.79
C GLU D 423 7.04 -19.18 -13.57
N VAL D 424 5.99 -20.00 -13.69
CA VAL D 424 5.12 -20.25 -12.54
C VAL D 424 5.89 -20.91 -11.39
N THR D 425 6.73 -21.91 -11.71
CA THR D 425 7.55 -22.54 -10.67
C THR D 425 8.51 -21.52 -10.04
N ALA D 426 9.06 -20.63 -10.87
CA ALA D 426 10.05 -19.67 -10.40
C ALA D 426 9.50 -18.79 -9.28
N ILE D 427 8.32 -18.20 -9.49
CA ILE D 427 7.79 -17.28 -8.50
C ILE D 427 7.34 -18.04 -7.26
N GLY D 428 6.78 -19.24 -7.45
CA GLY D 428 6.48 -20.11 -6.33
C GLY D 428 7.73 -20.45 -5.53
N ALA D 429 8.83 -20.72 -6.22
CA ALA D 429 10.07 -21.01 -5.49
C ALA D 429 10.59 -19.79 -4.74
N VAL D 430 10.45 -18.59 -5.34
CA VAL D 430 10.94 -17.38 -4.69
C VAL D 430 10.10 -17.04 -3.47
N GLU D 431 8.79 -17.21 -3.57
CA GLU D 431 7.91 -16.99 -2.43
C GLU D 431 8.19 -17.98 -1.31
N ALA D 432 8.40 -19.25 -1.66
CA ALA D 432 8.80 -20.23 -0.65
C ALA D 432 10.12 -19.86 0.02
N ALA D 433 11.10 -19.38 -0.75
CA ALA D 433 12.40 -19.03 -0.16
C ALA D 433 12.28 -17.88 0.83
N PHE D 434 11.46 -16.87 0.53
CA PHE D 434 11.28 -15.79 1.49
C PHE D 434 10.57 -16.26 2.75
N LYS D 435 9.73 -17.30 2.65
CA LYS D 435 8.94 -17.75 3.80
C LYS D 435 9.82 -18.43 4.85
N CYS D 436 10.85 -19.18 4.42
CA CYS D 436 11.73 -19.90 5.32
C CYS D 436 13.15 -19.36 5.33
N CYS D 437 13.35 -18.13 4.87
CA CYS D 437 14.68 -17.54 4.63
C CYS D 437 15.70 -18.61 4.26
N ALA D 438 15.35 -19.37 3.23
CA ALA D 438 16.25 -20.36 2.67
C ALA D 438 17.60 -19.72 2.36
N ALA D 439 18.66 -20.49 2.57
CA ALA D 439 19.98 -19.99 2.19
C ALA D 439 20.12 -19.95 0.68
N ALA D 440 19.54 -20.95 0.00
CA ALA D 440 19.74 -21.07 -1.44
C ALA D 440 18.52 -21.69 -2.12
N ILE D 441 18.39 -21.33 -3.39
CA ILE D 441 17.51 -22.00 -4.33
C ILE D 441 18.41 -22.71 -5.32
N ILE D 442 18.43 -24.03 -5.27
CA ILE D 442 19.23 -24.83 -6.18
C ILE D 442 18.36 -25.19 -7.37
N VAL D 443 18.80 -24.78 -8.57
CA VAL D 443 18.05 -25.01 -9.79
C VAL D 443 18.91 -25.81 -10.76
N LEU D 444 18.29 -26.70 -11.54
CA LEU D 444 18.95 -27.36 -12.65
C LEU D 444 18.59 -26.65 -13.95
N THR D 445 19.59 -26.34 -14.76
CA THR D 445 19.30 -25.59 -15.97
C THR D 445 20.27 -26.01 -17.07
N THR D 446 19.77 -25.99 -18.30
CA THR D 446 20.60 -26.31 -19.45
C THR D 446 21.03 -25.05 -20.19
N THR D 447 20.09 -24.14 -20.45
CA THR D 447 20.42 -22.88 -21.10
C THR D 447 20.64 -21.74 -20.12
N GLY D 448 20.46 -21.96 -18.82
CA GLY D 448 20.43 -20.88 -17.86
C GLY D 448 19.04 -20.30 -17.63
N ARG D 449 18.07 -20.58 -18.50
CA ARG D 449 16.82 -19.83 -18.49
C ARG D 449 16.05 -19.98 -17.17
N SER D 450 16.07 -21.18 -16.58
CA SER D 450 15.39 -21.36 -15.31
C SER D 450 16.04 -20.56 -14.20
N ALA D 451 17.38 -20.47 -14.22
CA ALA D 451 18.03 -19.60 -13.25
C ALA D 451 17.62 -18.14 -13.47
N GLN D 452 17.53 -17.73 -14.74
CA GLN D 452 17.23 -16.34 -15.02
C GLN D 452 15.81 -15.98 -14.57
N LEU D 453 14.88 -16.91 -14.74
CA LEU D 453 13.52 -16.63 -14.29
C LEU D 453 13.43 -16.52 -12.78
N LEU D 454 14.26 -17.25 -12.03
CA LEU D 454 14.31 -17.01 -10.60
C LEU D 454 14.94 -15.65 -10.30
N SER D 455 15.94 -15.27 -11.09
CA SER D 455 16.71 -14.06 -10.82
C SER D 455 15.82 -12.82 -10.89
N ARG D 456 14.89 -12.78 -11.84
CA ARG D 456 14.07 -11.60 -12.10
C ARG D 456 13.14 -11.23 -10.93
N TYR D 457 12.86 -12.14 -10.00
CA TYR D 457 12.08 -11.79 -8.82
C TYR D 457 12.96 -11.43 -7.64
N ARG D 458 14.27 -11.36 -7.85
CA ARG D 458 15.22 -10.89 -6.86
C ARG D 458 15.05 -11.60 -5.50
N PRO D 459 15.28 -12.91 -5.46
CA PRO D 459 15.30 -13.58 -4.17
C PRO D 459 16.43 -13.04 -3.35
N ARG D 460 16.21 -13.01 -2.03
CA ARG D 460 17.32 -12.80 -1.12
C ARG D 460 18.20 -14.05 -1.08
N ALA D 461 17.59 -15.23 -1.08
CA ALA D 461 18.36 -16.45 -1.14
C ALA D 461 19.14 -16.52 -2.45
N ALA D 462 20.37 -17.04 -2.34
CA ALA D 462 21.19 -17.30 -3.51
C ALA D 462 20.51 -18.28 -4.46
N VAL D 463 20.65 -18.04 -5.75
CA VAL D 463 20.24 -19.00 -6.76
C VAL D 463 21.49 -19.75 -7.21
N ILE D 464 21.59 -21.01 -6.80
CA ILE D 464 22.71 -21.87 -7.18
C ILE D 464 22.29 -22.67 -8.41
N ALA D 465 22.96 -22.41 -9.52
CA ALA D 465 22.57 -23.01 -10.80
C ALA D 465 23.56 -24.10 -11.16
N VAL D 466 23.07 -25.31 -11.36
CA VAL D 466 23.90 -26.46 -11.70
C VAL D 466 23.62 -26.81 -13.15
N THR D 467 24.68 -26.84 -13.96
CA THR D 467 24.54 -27.05 -15.38
C THR D 467 25.74 -27.82 -15.89
N ARG D 468 25.53 -28.57 -16.96
CA ARG D 468 26.63 -29.20 -17.68
C ARG D 468 27.21 -28.29 -18.75
N SER D 469 26.46 -27.28 -19.19
CA SER D 469 26.88 -26.34 -20.21
C SER D 469 27.92 -25.39 -19.61
N ALA D 470 29.18 -25.53 -20.04
CA ALA D 470 30.23 -24.61 -19.60
C ALA D 470 29.88 -23.17 -19.99
N GLN D 471 29.33 -22.97 -21.20
CA GLN D 471 29.00 -21.61 -21.66
C GLN D 471 27.87 -20.99 -20.87
N ALA D 472 26.80 -21.76 -20.63
CA ALA D 472 25.70 -21.23 -19.83
C ALA D 472 26.17 -20.90 -18.43
N ALA D 473 27.11 -21.68 -17.90
CA ALA D 473 27.62 -21.36 -16.57
C ALA D 473 28.27 -19.98 -16.56
N ARG D 474 28.96 -19.62 -17.65
CA ARG D 474 29.57 -18.31 -17.73
C ARG D 474 28.54 -17.22 -17.95
N GLN D 475 27.52 -17.48 -18.77
CA GLN D 475 26.60 -16.42 -19.18
C GLN D 475 25.62 -16.01 -18.07
N VAL D 476 25.27 -16.91 -17.15
CA VAL D 476 24.32 -16.50 -16.11
C VAL D 476 24.95 -15.61 -15.05
N HIS D 477 26.25 -15.35 -15.12
CA HIS D 477 26.82 -14.25 -14.37
C HIS D 477 26.15 -12.93 -14.74
N LEU D 478 25.47 -12.88 -15.88
CA LEU D 478 24.76 -11.65 -16.22
C LEU D 478 23.56 -11.41 -15.29
N CYS D 479 23.03 -12.46 -14.67
CA CYS D 479 21.80 -12.35 -13.86
C CYS D 479 22.16 -12.19 -12.39
N ARG D 480 21.58 -11.17 -11.75
CA ARG D 480 21.92 -10.92 -10.35
C ARG D 480 21.54 -12.12 -9.48
N GLY D 481 22.45 -12.50 -8.59
CA GLY D 481 22.16 -13.49 -7.58
C GLY D 481 22.20 -14.92 -8.07
N VAL D 482 22.67 -15.16 -9.29
CA VAL D 482 22.85 -16.51 -9.79
C VAL D 482 24.31 -16.87 -9.57
N PHE D 483 24.53 -18.06 -9.01
CA PHE D 483 25.87 -18.57 -8.74
C PHE D 483 26.01 -19.88 -9.51
N PRO D 484 26.75 -19.88 -10.62
CA PRO D 484 26.80 -21.05 -11.49
C PRO D 484 27.74 -22.14 -10.99
N LEU D 485 27.35 -23.39 -11.23
CA LEU D 485 28.16 -24.56 -10.90
C LEU D 485 28.25 -25.47 -12.10
N LEU D 486 29.47 -25.73 -12.57
CA LEU D 486 29.68 -26.57 -13.74
C LEU D 486 29.83 -28.03 -13.32
N TYR D 487 28.84 -28.86 -13.63
CA TYR D 487 28.87 -30.28 -13.31
C TYR D 487 29.55 -31.05 -14.44
N ARG D 488 30.54 -31.87 -14.08
CA ARG D 488 31.44 -32.47 -15.05
C ARG D 488 31.23 -33.97 -15.27
N GLU D 489 30.48 -34.66 -14.39
CA GLU D 489 30.40 -36.11 -14.49
C GLU D 489 29.37 -36.56 -15.53
N PRO D 490 29.59 -37.71 -16.17
CA PRO D 490 28.69 -38.16 -17.25
C PRO D 490 27.33 -38.55 -16.71
N PRO D 491 26.32 -38.62 -17.56
CA PRO D 491 24.96 -38.92 -17.09
C PRO D 491 24.85 -40.33 -16.50
N GLU D 492 24.32 -40.40 -15.29
CA GLU D 492 24.03 -41.68 -14.65
C GLU D 492 23.06 -42.50 -15.51
N ALA D 493 23.03 -43.81 -15.26
CA ALA D 493 22.20 -44.70 -16.09
C ALA D 493 20.72 -44.43 -15.90
N ILE D 494 20.32 -44.03 -14.69
CA ILE D 494 18.93 -43.70 -14.39
C ILE D 494 18.83 -42.18 -14.24
N TRP D 495 17.99 -41.54 -15.07
CA TRP D 495 17.90 -40.09 -15.11
C TRP D 495 17.60 -39.51 -13.73
N ALA D 496 16.59 -40.05 -13.03
CA ALA D 496 16.28 -39.55 -11.70
C ALA D 496 17.51 -39.54 -10.79
N ASP D 497 18.39 -40.53 -10.94
CA ASP D 497 19.65 -40.51 -10.20
C ASP D 497 20.54 -39.38 -10.70
N ASP D 498 20.49 -39.12 -12.01
CA ASP D 498 21.34 -38.06 -12.55
C ASP D 498 20.91 -36.71 -12.00
N VAL D 499 19.60 -36.52 -11.84
CA VAL D 499 19.11 -35.28 -11.26
C VAL D 499 19.56 -35.15 -9.82
N ASP D 500 19.49 -36.25 -9.07
CA ASP D 500 19.73 -36.18 -7.64
C ASP D 500 21.21 -35.99 -7.31
N ARG D 501 22.10 -36.58 -8.12
CA ARG D 501 23.51 -36.30 -7.92
C ARG D 501 23.88 -34.88 -8.38
N ARG D 502 23.10 -34.28 -9.28
CA ARG D 502 23.33 -32.88 -9.58
C ARG D 502 22.86 -32.00 -8.41
N VAL D 503 21.70 -32.32 -7.83
CA VAL D 503 21.23 -31.58 -6.66
C VAL D 503 22.22 -31.68 -5.52
N GLN D 504 22.68 -32.90 -5.21
CA GLN D 504 23.67 -33.10 -4.16
C GLN D 504 24.97 -32.36 -4.49
N PHE D 505 25.35 -32.35 -5.77
CA PHE D 505 26.50 -31.55 -6.18
C PHE D 505 26.29 -30.09 -5.82
N GLY D 506 25.07 -29.56 -6.03
CA GLY D 506 24.79 -28.20 -5.62
C GLY D 506 24.91 -28.00 -4.12
N ILE D 507 24.45 -28.97 -3.34
CA ILE D 507 24.51 -28.86 -1.88
C ILE D 507 25.96 -28.91 -1.39
N GLU D 508 26.77 -29.82 -1.94
CA GLU D 508 28.15 -29.97 -1.47
C GLU D 508 28.99 -28.75 -1.83
N SER D 509 28.84 -28.22 -3.05
CA SER D 509 29.54 -26.98 -3.37
C SER D 509 29.09 -25.86 -2.45
N GLY D 510 27.79 -25.78 -2.16
CA GLY D 510 27.29 -24.75 -1.28
C GLY D 510 27.94 -24.79 0.09
N LYS D 511 28.03 -25.99 0.68
CA LYS D 511 28.60 -26.11 2.01
C LYS D 511 30.08 -25.76 2.02
N LEU D 512 30.81 -26.16 0.97
CA LEU D 512 32.22 -25.80 0.88
C LEU D 512 32.41 -24.28 0.72
N ARG D 513 31.55 -23.62 -0.06
CA ARG D 513 31.69 -22.20 -0.35
C ARG D 513 31.05 -21.31 0.71
N GLY D 514 30.44 -21.89 1.74
CA GLY D 514 29.86 -21.11 2.81
C GLY D 514 28.47 -20.60 2.55
N PHE D 515 27.81 -21.05 1.49
CA PHE D 515 26.41 -20.68 1.26
C PHE D 515 25.47 -21.50 2.14
N LEU D 516 25.79 -22.76 2.36
CA LEU D 516 24.92 -23.68 3.09
C LEU D 516 25.62 -24.17 4.34
N ARG D 517 24.82 -24.38 5.38
CA ARG D 517 25.26 -24.99 6.62
C ARG D 517 24.30 -26.14 6.91
N VAL D 518 24.78 -27.09 7.72
CA VAL D 518 23.92 -28.20 8.13
C VAL D 518 22.71 -27.64 8.88
N GLY D 519 21.52 -28.15 8.55
CA GLY D 519 20.29 -27.67 9.14
C GLY D 519 19.56 -26.59 8.37
N ASP D 520 20.19 -25.99 7.35
CA ASP D 520 19.52 -24.97 6.56
C ASP D 520 18.41 -25.60 5.71
N LEU D 521 17.47 -24.75 5.29
CA LEU D 521 16.51 -25.10 4.26
C LEU D 521 16.99 -24.60 2.90
N VAL D 522 16.83 -25.44 1.88
CA VAL D 522 17.02 -25.00 0.51
C VAL D 522 15.79 -25.37 -0.29
N ILE D 523 15.53 -24.59 -1.34
CA ILE D 523 14.50 -24.85 -2.32
C ILE D 523 15.18 -25.42 -3.56
N VAL D 524 14.65 -26.52 -4.09
CA VAL D 524 15.26 -27.21 -5.22
C VAL D 524 14.26 -27.17 -6.37
N VAL D 525 14.72 -26.76 -7.54
CA VAL D 525 13.87 -26.53 -8.69
C VAL D 525 14.35 -27.41 -9.83
N THR D 526 13.46 -28.24 -10.36
CA THR D 526 13.82 -29.18 -11.42
C THR D 526 12.66 -29.29 -12.39
N GLY D 527 12.80 -30.22 -13.35
CA GLY D 527 11.77 -30.49 -14.33
C GLY D 527 11.41 -31.96 -14.36
N TRP D 528 10.35 -32.26 -15.09
CA TRP D 528 9.77 -33.59 -15.04
C TRP D 528 10.33 -34.52 -16.10
N ARG D 529 11.20 -34.03 -16.97
CA ARG D 529 11.80 -34.83 -18.04
C ARG D 529 13.05 -34.11 -18.53
N PRO D 530 13.98 -34.83 -19.18
CA PRO D 530 15.24 -34.21 -19.61
C PRO D 530 15.03 -33.21 -20.74
N GLY D 531 16.07 -32.41 -20.96
CA GLY D 531 16.04 -31.37 -21.97
C GLY D 531 15.48 -30.07 -21.41
N SER D 532 15.83 -28.96 -22.08
CA SER D 532 15.45 -27.65 -21.58
C SER D 532 13.98 -27.38 -21.88
N GLY D 533 13.37 -26.52 -21.05
CA GLY D 533 11.98 -26.11 -21.19
C GLY D 533 10.97 -26.81 -20.29
N TYR D 534 11.38 -27.76 -19.45
CA TYR D 534 10.40 -28.57 -18.72
C TYR D 534 10.49 -28.38 -17.22
N THR D 535 11.14 -27.32 -16.77
CA THR D 535 11.15 -27.00 -15.35
C THR D 535 9.73 -26.81 -14.85
N ASN D 536 9.37 -27.53 -13.79
CA ASN D 536 8.03 -27.41 -13.24
C ASN D 536 7.91 -27.94 -11.82
N ILE D 537 9.01 -28.27 -11.15
CA ILE D 537 8.94 -28.88 -9.83
C ILE D 537 9.72 -28.04 -8.82
N MET D 538 9.16 -27.93 -7.61
CA MET D 538 9.76 -27.20 -6.52
C MET D 538 9.61 -28.03 -5.24
N ARG D 539 10.72 -28.39 -4.62
CA ARG D 539 10.73 -29.10 -3.34
C ARG D 539 11.43 -28.28 -2.26
N VAL D 540 10.99 -28.47 -1.02
CA VAL D 540 11.67 -27.94 0.16
C VAL D 540 12.46 -29.08 0.81
N LEU D 541 13.75 -28.86 1.09
CA LEU D 541 14.61 -29.86 1.72
C LEU D 541 15.45 -29.20 2.80
N SER D 542 15.81 -30.00 3.80
CA SER D 542 16.75 -29.58 4.84
C SER D 542 18.10 -30.19 4.58
N ILE D 543 19.16 -29.39 4.73
CA ILE D 543 20.51 -29.84 4.43
C ILE D 543 20.94 -30.91 5.43
N SER D 544 21.55 -31.98 4.90
CA SER D 544 22.05 -33.17 5.64
C SER D 544 20.92 -34.10 6.06
#